data_9N6H
#
_entry.id   9N6H
#
loop_
_entity.id
_entity.type
_entity.pdbx_description
1 polymer 'DNA Tracking Strand'
2 polymer 'DNA Lagging Strand'
3 polymer 'Histone H4'
4 polymer 'Histone H2A'
5 polymer 'Histone H2B 1.1'
6 polymer 'Chromo domain-containing protein 1'
7 polymer 'Histone H3'
#
loop_
_entity_poly.entity_id
_entity_poly.type
_entity_poly.pdbx_seq_one_letter_code
_entity_poly.pdbx_strand_id
1 'polydeoxyribonucleotide'
;(DC)(DC)(DG)(DC)(DC)(DC)(DT)(DG)(DG)(DA)(DG)(DA)(DA)(DT)(DC)(DC)(DC)(DG)(DG)(DT)
(DG)(DC)(DC)(DG)(DA)(DG)(DG)(DC)(DC)(DG)(DC)(DT)(DC)(DA)(DA)(DT)(DT)(DG)(DG)(DT)
(DC)(DG)(DT)(DA)(DG)(DA)(DC)(DA)(DG)(DC)(DT)(DC)(DT)(DA)(DG)(DC)(DA)(DA)(DC)(DC)
(DG)(DC)(DT)(DT)(DA)(DA)(DA)(DC)(DG)(DC)(DA)(DC)(DG)(DT)(DA)(DC)(DG)(DC)(DG)(DC)
(DT)(DG)(DT)(DC)(DC)(DC)(DC)(DC)(DG)(DC)(DG)(DT)(DT)(DT)(DT)(DA)(DA)(DC)(DC)(DG)
(DC)(DC)(DA)(DA)(DG)(DG)(DG)(DG)(DA)(DT)(DT)(DA)(DC)(DT)(DC)(DC)(DC)(DT)(DA)(DG)
(DT)(DC)(DT)(DC)(DC)(DA)(DG)(DG)(DC)(DA)(DC)(DG)(DT)(DG)(DT)(DC)(DA)(DG)(DA)(DT)
(DA)(DT)(DA)(DT)(DA)(DC)(DA)(DT)(DC)(DC)(DT)(DG)(DT)(DG)(DC)(DA)(DT)(DG)(DT)(DA)
;
I
2 'polydeoxyribonucleotide'
;(DT)(DA)(DC)(DA)(DT)(DG)(DC)(DA)(DC)(DA)(DG)(DG)(DA)(DT)(DG)(DT)(DA)(DT)(DA)(DT)
(DA)(DT)(DC)(DT)(DG)(DA)(DC)(DA)(DC)(DG)(DT)(DG)(DC)(DC)(DT)(DG)(DG)(DA)(DG)(DA)
(DC)(DT)(DA)(DG)(DG)(DG)(DA)(DG)(DT)(DA)(DA)(DT)(DC)(DC)(DC)(DC)(DT)(DT)(DG)(DG)
(DC)(DG)(DG)(DT)(DT)(DA)(DA)(DA)(DA)(DC)(DG)(DC)(DG)(DG)(DG)(DG)(DG)(DA)(DC)(DA)
(DG)(DC)(DG)(DC)(DG)(DT)(DA)(DC)(DG)(DT)(DG)(DC)(DG)(DT)(DT)(DT)(DA)(DA)(DG)(DC)
(DG)(DG)(DT)(DT)(DG)(DC)(DT)(DA)(DG)(DA)(DG)(DC)(DT)(DG)(DT)(DC)(DT)(DA)(DC)(DG)
(DA)(DC)(DC)(DA)(DA)(DT)(DT)(DG)(DA)(DG)(DC)(DG)(DG)(DC)(DC)(DT)(DC)(DG)(DG)(DC)
(DA)(DC)(DC)(DG)(DG)(DG)(DA)(DT)(DT)(DC)(DT)(DC)(DC)(DA)(DG)(DG)(DG)(DC)(DG)(DG)
;
J
3 'polypeptide(L)'
;AKRHRKVLRDNIQGITKPAIRRLARRGGVKRISGLIYEETRGVLKVFLENVIRDAVTYTEHAKRKTVTAMDVVYALKRQG
RTLYGFGG
;
B,F
4 'polypeptide(L)'
;TRAKAKTRSSRAGLQFPVGRVHRLLRKGNYAERVGAGAPVYLAAVLEYLTAEILELAGNAARDNKKTRIIPRHLQLAVRN
DEELNKLLGRVTIAQGGVLPNIQSVLLPKK
;
C,G
5 'polypeptide(L)'
;TRKESYAIYVYKVLKQVHPDTGISCKAMSIMNSFVNDVFERIAGEASRLAHYNKRSTITSREIQTAVRLLLPGELAKHAV
SEGTKAVTKYTSAK
;
D,H
6 'polypeptide(L)'
;KIPTRFSNRQNKTVNYNIDYSDDDLLESEDDYGSEEALSEENVHEASANPQPEDFHGIDIVINHRLKTSLEEGKVLEKTV
PDLNNCKENYEFLIKWTDESHLHNTWETYESIGQVRGLKRLDNYCKQFIIEDQQVRLDPYVTAEDIEIMDMERERRLDEF
EEFHVPERIIDSQRASLEDGTSQLQYLVKWRRLNYDEATWENATDIVKLAPEQVKHFQNRENSKILPQYSSNYTSQRPRF
EKLSVQPPFIKGGELRDFQLTGINWMAFLWSKGDNGILADEMGLGKTVQTVAFISWLIFARRQNGPHIIVVPLSTMPAWL
DTFEKWAPDLNCICYMGNQKSRDTIREYEFYTNPRAKGKKTMKFNVLLTTYEYILKDRAELGSIKWQFMAVDEAHRLKNA
ESSLYESLNSFKVANRMLITGTPLQNNIKELAALVNFLMPGRFTIDQEIDFENQDEEQEEYIHDLHRRIQPFILRRLKKD
VEKSLPSKTERILRVELSDVQTEYYKNILTKNYSALTAGAKGGHFSLLNIMNELKKASNHPYLFDNAEERVLQKFGDGKM
TRENVLRGLIMSSGKMVLLDQLLTRLKKDGHRVLIFSQMVRMLDILGDYLSIKGINFQRLDGTVPSAQRRISIDHFNSPD
SNDFVFLLSTRAGGLGINLMTADTVVIFDSDWNPQADLQAMARAHRIGQKNHVMVYRLVSKDTVEEEVLERARKKMILEY
AIISLGVTDGNKYTKKNEPNAGELSAILKFGAGNMFTATDNQKKGEDGNGDDVLNHAEDHVTTPDLGESHLGGEEFLKQF
EVTDYKADIDWDDIIPEEELKKLQDEEQKRKDEEY
;
K
7 'polypeptide(L)'
;PHRYRPGTVALREIRRYQKSTELLIRKLPFQRLVREIAQDFKTDLRFQSSAVMALQEASEAYLVALFEDTNLCAIHAKRV
TIMPKDIQLARRIRGERA
;
E,A
#
# COMPACT_ATOMS: atom_id res chain seq x y z
N ALA C 1 -31.42 -6.67 2.81
CA ALA C 1 -30.18 -7.03 3.50
C ALA C 1 -29.01 -6.18 2.99
N LYS C 2 -29.14 -4.86 3.13
CA LYS C 2 -28.07 -3.97 2.68
C LYS C 2 -26.90 -3.98 3.64
N ARG C 3 -27.13 -4.21 4.92
CA ARG C 3 -26.06 -4.35 5.88
C ARG C 3 -25.30 -5.65 5.66
N HIS C 4 -24.00 -5.61 5.94
CA HIS C 4 -23.14 -6.78 5.75
C HIS C 4 -21.92 -6.63 6.67
N ARG C 5 -20.94 -7.51 6.50
CA ARG C 5 -19.76 -7.50 7.33
C ARG C 5 -18.85 -6.32 6.96
N LYS C 6 -18.21 -5.73 7.98
CA LYS C 6 -17.30 -4.62 7.73
C LYS C 6 -16.00 -5.10 7.13
N VAL C 7 -15.48 -6.24 7.60
CA VAL C 7 -14.18 -6.73 7.15
C VAL C 7 -14.30 -7.33 5.75
N LEU C 8 -13.15 -7.45 5.09
CA LEU C 8 -13.06 -8.00 3.75
C LEU C 8 -12.14 -9.21 3.79
N ARG C 9 -12.55 -10.29 3.13
CA ARG C 9 -11.87 -11.57 3.27
C ARG C 9 -10.99 -11.95 2.09
N ASP C 10 -11.40 -11.62 0.87
CA ASP C 10 -10.61 -12.00 -0.31
C ASP C 10 -9.61 -10.90 -0.70
N ASN C 11 -8.80 -10.48 0.25
CA ASN C 11 -7.72 -9.53 -0.01
C ASN C 11 -6.57 -10.17 -0.77
N ILE C 12 -6.48 -11.50 -0.78
CA ILE C 12 -5.48 -12.18 -1.60
C ILE C 12 -5.85 -12.07 -3.08
N GLN C 13 -7.13 -11.87 -3.39
CA GLN C 13 -7.57 -11.66 -4.76
C GLN C 13 -7.27 -10.24 -5.25
N GLY C 14 -6.83 -9.34 -4.36
CA GLY C 14 -6.33 -8.05 -4.80
C GLY C 14 -5.01 -8.13 -5.53
N ILE C 15 -4.28 -9.23 -5.37
CA ILE C 15 -3.14 -9.53 -6.23
C ILE C 15 -3.74 -10.09 -7.52
N THR C 16 -3.98 -9.22 -8.48
CA THR C 16 -4.81 -9.56 -9.63
C THR C 16 -4.02 -10.39 -10.65
N LYS C 17 -4.77 -10.94 -11.60
CA LYS C 17 -4.16 -11.66 -12.73
C LYS C 17 -3.18 -10.83 -13.55
N PRO C 18 -3.45 -9.58 -13.97
CA PRO C 18 -2.42 -8.83 -14.70
C PRO C 18 -1.21 -8.46 -13.87
N ALA C 19 -1.33 -8.35 -12.54
CA ALA C 19 -0.15 -8.09 -11.72
C ALA C 19 0.79 -9.29 -11.70
N ILE C 20 0.23 -10.50 -11.57
CA ILE C 20 1.02 -11.73 -11.65
C ILE C 20 1.61 -11.89 -13.04
N ARG C 21 0.85 -11.50 -14.07
CA ARG C 21 1.37 -11.54 -15.44
C ARG C 21 2.54 -10.57 -15.62
N ARG C 22 2.44 -9.36 -15.05
CA ARG C 22 3.54 -8.40 -15.12
C ARG C 22 4.77 -8.89 -14.38
N LEU C 23 4.57 -9.50 -13.21
CA LEU C 23 5.69 -10.08 -12.45
C LEU C 23 6.34 -11.22 -13.20
N ALA C 24 5.56 -12.03 -13.92
CA ALA C 24 6.15 -13.07 -14.75
C ALA C 24 6.85 -12.48 -15.97
N ARG C 25 6.35 -11.35 -16.49
CA ARG C 25 7.02 -10.68 -17.60
C ARG C 25 8.38 -10.13 -17.19
N ARG C 26 8.49 -9.63 -15.96
CA ARG C 26 9.79 -9.21 -15.45
C ARG C 26 10.72 -10.40 -15.25
N GLY C 27 10.17 -11.57 -14.93
CA GLY C 27 10.95 -12.79 -14.83
C GLY C 27 11.25 -13.47 -16.14
N GLY C 28 10.81 -12.90 -17.26
CA GLY C 28 11.12 -13.46 -18.56
C GLY C 28 10.23 -14.59 -19.00
N VAL C 29 9.00 -14.66 -18.49
CA VAL C 29 8.06 -15.72 -18.83
C VAL C 29 7.27 -15.29 -20.06
N LYS C 30 7.22 -16.17 -21.07
CA LYS C 30 6.51 -15.87 -22.31
C LYS C 30 5.05 -16.33 -22.26
N ARG C 31 4.81 -17.56 -21.80
CA ARG C 31 3.47 -18.13 -21.76
C ARG C 31 3.15 -18.58 -20.34
N ILE C 32 1.95 -18.27 -19.88
CA ILE C 32 1.52 -18.53 -18.51
C ILE C 32 0.24 -19.36 -18.57
N SER C 33 0.21 -20.46 -17.82
CA SER C 33 -1.01 -21.25 -17.72
C SER C 33 -1.97 -20.62 -16.72
N GLY C 34 -3.23 -21.04 -16.78
CA GLY C 34 -4.27 -20.43 -15.97
C GLY C 34 -4.26 -20.85 -14.51
N LEU C 35 -3.59 -21.94 -14.18
CA LEU C 35 -3.49 -22.40 -12.81
C LEU C 35 -2.31 -21.78 -12.07
N ILE C 36 -1.57 -20.89 -12.72
CA ILE C 36 -0.40 -20.28 -12.11
C ILE C 36 -0.81 -19.32 -11.00
N TYR C 37 -1.91 -18.60 -11.18
CA TYR C 37 -2.25 -17.46 -10.34
C TYR C 37 -2.61 -17.85 -8.92
N GLU C 38 -3.33 -18.96 -8.74
CA GLU C 38 -3.67 -19.41 -7.39
C GLU C 38 -2.44 -19.91 -6.65
N GLU C 39 -1.55 -20.62 -7.36
CA GLU C 39 -0.30 -21.06 -6.76
C GLU C 39 0.59 -19.88 -6.38
N THR C 40 0.61 -18.85 -7.23
CA THR C 40 1.39 -17.65 -6.96
C THR C 40 0.83 -16.89 -5.77
N ARG C 41 -0.50 -16.83 -5.64
CA ARG C 41 -1.13 -16.21 -4.48
C ARG C 41 -0.81 -16.97 -3.20
N GLY C 42 -0.82 -18.30 -3.26
CA GLY C 42 -0.44 -19.09 -2.09
C GLY C 42 1.01 -18.91 -1.70
N VAL C 43 1.91 -18.84 -2.69
CA VAL C 43 3.33 -18.64 -2.43
C VAL C 43 3.59 -17.26 -1.84
N LEU C 44 2.94 -16.23 -2.39
CA LEU C 44 3.04 -14.88 -1.87
C LEU C 44 2.52 -14.81 -0.43
N LYS C 45 1.41 -15.50 -0.17
CA LYS C 45 0.85 -15.51 1.18
C LYS C 45 1.79 -16.19 2.18
N VAL C 46 2.42 -17.29 1.79
CA VAL C 46 3.35 -18.01 2.67
C VAL C 46 4.57 -17.14 2.97
N PHE C 47 5.12 -16.50 1.93
CA PHE C 47 6.26 -15.60 2.10
C PHE C 47 5.91 -14.41 2.98
N LEU C 48 4.72 -13.85 2.79
CA LEU C 48 4.31 -12.68 3.56
C LEU C 48 4.05 -13.03 5.03
N GLU C 49 3.46 -14.19 5.31
CA GLU C 49 3.31 -14.62 6.71
C GLU C 49 4.67 -14.86 7.36
N ASN C 50 5.62 -15.45 6.62
CA ASN C 50 6.94 -15.70 7.17
C ASN C 50 7.68 -14.41 7.50
N VAL C 51 7.58 -13.39 6.65
CA VAL C 51 8.26 -12.12 6.94
C VAL C 51 7.52 -11.35 8.03
N ILE C 52 6.20 -11.29 7.94
CA ILE C 52 5.39 -10.47 8.83
C ILE C 52 5.39 -11.01 10.26
N ARG C 53 5.45 -12.33 10.45
CA ARG C 53 5.53 -12.91 11.78
C ARG C 53 6.81 -12.50 12.50
N ASP C 54 7.94 -12.53 11.80
CA ASP C 54 9.21 -12.11 12.39
C ASP C 54 9.23 -10.60 12.63
N ALA C 55 8.64 -9.82 11.72
CA ALA C 55 8.56 -8.37 11.93
C ALA C 55 7.70 -8.01 13.12
N VAL C 56 6.60 -8.73 13.33
CA VAL C 56 5.72 -8.50 14.48
C VAL C 56 6.43 -8.92 15.77
N THR C 57 7.24 -9.99 15.70
CA THR C 57 8.06 -10.38 16.85
C THR C 57 9.07 -9.28 17.22
N TYR C 58 9.72 -8.70 16.21
CA TYR C 58 10.62 -7.58 16.44
C TYR C 58 9.89 -6.35 16.97
N THR C 59 8.64 -6.15 16.57
CA THR C 59 7.84 -5.03 17.06
C THR C 59 7.45 -5.24 18.52
N GLU C 60 7.00 -6.46 18.87
CA GLU C 60 6.60 -6.76 20.23
C GLU C 60 7.78 -6.79 21.19
N HIS C 61 8.99 -7.06 20.71
CA HIS C 61 10.15 -6.97 21.60
C HIS C 61 10.42 -5.54 22.04
N ALA C 62 10.16 -4.56 21.18
CA ALA C 62 10.35 -3.16 21.50
C ALA C 62 9.19 -2.57 22.28
N LYS C 63 8.20 -3.39 22.67
CA LYS C 63 6.97 -2.99 23.36
C LYS C 63 6.22 -1.92 22.56
N ARG C 64 6.09 -2.18 21.27
CA ARG C 64 5.43 -1.28 20.34
C ARG C 64 4.27 -1.99 19.68
N LYS C 65 3.34 -1.20 19.15
CA LYS C 65 2.26 -1.71 18.32
C LYS C 65 2.33 -1.19 16.90
N THR C 66 3.39 -0.49 16.53
CA THR C 66 3.59 0.04 15.19
C THR C 66 4.74 -0.70 14.53
N VAL C 67 4.48 -1.31 13.39
CA VAL C 67 5.49 -2.03 12.63
C VAL C 67 6.27 -1.02 11.81
N THR C 68 7.54 -0.80 12.18
CA THR C 68 8.39 0.12 11.45
C THR C 68 9.04 -0.59 10.27
N ALA C 69 9.69 0.21 9.41
CA ALA C 69 10.41 -0.36 8.28
C ALA C 69 11.67 -1.09 8.71
N MET C 70 12.24 -0.69 9.84
CA MET C 70 13.48 -1.29 10.30
C MET C 70 13.23 -2.70 10.80
N ASP C 71 12.05 -2.93 11.39
CA ASP C 71 11.63 -4.28 11.79
C ASP C 71 11.47 -5.19 10.58
N VAL C 72 10.93 -4.64 9.48
CA VAL C 72 10.81 -5.40 8.24
C VAL C 72 12.19 -5.73 7.68
N VAL C 73 13.14 -4.79 7.78
CA VAL C 73 14.51 -5.03 7.33
C VAL C 73 15.17 -6.12 8.16
N TYR C 74 15.02 -6.04 9.47
CA TYR C 74 15.66 -7.01 10.37
C TYR C 74 15.10 -8.39 10.08
N ALA C 75 13.80 -8.46 9.85
CA ALA C 75 13.13 -9.75 9.62
C ALA C 75 13.64 -10.39 8.34
N LEU C 76 13.74 -9.60 7.28
CA LEU C 76 14.15 -10.15 5.98
C LEU C 76 15.60 -10.62 6.08
N LYS C 77 16.47 -9.83 6.71
CA LYS C 77 17.88 -10.24 6.92
C LYS C 77 17.91 -11.62 7.58
N ARG C 78 17.10 -11.82 8.61
CA ARG C 78 17.15 -13.09 9.36
C ARG C 78 16.61 -14.23 8.51
N GLN C 79 15.85 -13.95 7.45
CA GLN C 79 15.39 -15.01 6.53
C GLN C 79 16.38 -15.17 5.39
N GLY C 80 17.47 -14.40 5.38
CA GLY C 80 18.51 -14.54 4.36
C GLY C 80 18.18 -13.74 3.12
N ARG C 81 17.42 -12.66 3.29
CA ARG C 81 17.01 -11.81 2.18
C ARG C 81 17.33 -10.38 2.57
N THR C 82 18.56 -9.95 2.36
CA THR C 82 18.96 -8.60 2.73
C THR C 82 18.38 -7.59 1.76
N LEU C 83 17.79 -6.53 2.30
CA LEU C 83 17.15 -5.49 1.51
C LEU C 83 17.82 -4.16 1.78
N TYR C 84 18.25 -3.49 0.73
CA TYR C 84 18.87 -2.17 0.83
C TYR C 84 17.84 -1.10 0.51
N GLY C 85 18.19 0.15 0.86
CA GLY C 85 17.36 1.28 0.54
C GLY C 85 16.34 1.67 1.59
N PHE C 86 16.20 0.88 2.66
CA PHE C 86 15.34 1.24 3.77
C PHE C 86 16.05 1.28 5.11
N GLY C 87 17.32 0.89 5.16
CA GLY C 87 18.07 0.81 6.40
C GLY C 87 18.57 2.13 6.94
N GLY C 88 18.38 3.22 6.22
CA GLY C 88 18.83 4.52 6.68
C GLY C 88 17.81 5.62 6.43
N THR D 1 28.52 -19.42 58.12
CA THR D 1 27.50 -20.22 57.43
C THR D 1 27.29 -19.71 56.02
N ARG D 2 27.64 -20.52 55.03
CA ARG D 2 27.51 -20.17 53.62
C ARG D 2 26.32 -20.85 52.95
N ALA D 3 25.40 -21.44 53.74
CA ALA D 3 24.14 -22.01 53.30
C ALA D 3 24.33 -23.14 52.27
N LYS D 4 25.40 -23.91 52.43
CA LYS D 4 25.71 -25.17 51.75
C LYS D 4 25.91 -25.06 50.24
N ALA D 5 25.90 -23.85 49.66
CA ALA D 5 26.26 -23.56 48.26
C ALA D 5 25.38 -24.33 47.27
N LYS D 6 24.08 -24.00 47.28
CA LYS D 6 23.15 -24.60 46.34
C LYS D 6 23.36 -24.03 44.94
N THR D 7 23.45 -24.91 43.95
CA THR D 7 23.70 -24.49 42.58
C THR D 7 22.44 -23.87 41.98
N ARG D 8 22.65 -23.11 40.90
CA ARG D 8 21.54 -22.43 40.23
C ARG D 8 20.70 -23.38 39.40
N SER D 9 21.30 -24.46 38.90
CA SER D 9 20.55 -25.46 38.13
C SER D 9 19.53 -26.17 39.00
N SER D 10 19.91 -26.51 40.24
CA SER D 10 18.96 -27.14 41.15
C SER D 10 17.92 -26.15 41.64
N ARG D 11 18.28 -24.86 41.69
CA ARG D 11 17.30 -23.84 42.05
C ARG D 11 16.29 -23.64 40.93
N ALA D 12 16.73 -23.77 39.68
CA ALA D 12 15.84 -23.64 38.54
C ALA D 12 15.17 -24.94 38.14
N GLY D 13 15.49 -26.04 38.81
CA GLY D 13 14.96 -27.34 38.44
C GLY D 13 15.45 -27.84 37.10
N LEU D 14 16.72 -27.62 36.78
CA LEU D 14 17.28 -27.95 35.49
C LEU D 14 18.43 -28.94 35.65
N GLN D 15 18.74 -29.62 34.55
CA GLN D 15 19.91 -30.48 34.49
C GLN D 15 21.04 -29.88 33.69
N PHE D 16 20.81 -28.79 32.98
CA PHE D 16 21.85 -28.08 32.26
C PHE D 16 22.48 -27.02 33.16
N PRO D 17 23.79 -26.76 33.01
CA PRO D 17 24.48 -25.87 33.95
C PRO D 17 24.14 -24.40 33.70
N VAL D 18 23.49 -23.78 34.68
CA VAL D 18 23.18 -22.35 34.57
C VAL D 18 24.46 -21.52 34.70
N GLY D 19 25.38 -21.94 35.57
CA GLY D 19 26.62 -21.19 35.76
C GLY D 19 27.54 -21.23 34.56
N ARG D 20 27.64 -22.38 33.90
CA ARG D 20 28.46 -22.48 32.70
C ARG D 20 27.86 -21.68 31.56
N VAL D 21 26.53 -21.69 31.44
CA VAL D 21 25.86 -20.89 30.41
C VAL D 21 26.04 -19.40 30.69
N HIS D 22 26.02 -19.01 31.97
CA HIS D 22 26.27 -17.62 32.34
C HIS D 22 27.69 -17.20 32.01
N ARG D 23 28.67 -18.07 32.28
CA ARG D 23 30.06 -17.76 31.97
C ARG D 23 30.29 -17.69 30.46
N LEU D 24 29.64 -18.58 29.70
CA LEU D 24 29.78 -18.55 28.26
C LEU D 24 29.07 -17.36 27.64
N LEU D 25 28.01 -16.87 28.29
CA LEU D 25 27.36 -15.65 27.80
C LEU D 25 28.18 -14.42 28.11
N ARG D 26 28.82 -14.38 29.29
CA ARG D 26 29.64 -13.24 29.65
C ARG D 26 30.93 -13.20 28.84
N LYS D 27 31.54 -14.34 28.57
CA LYS D 27 32.80 -14.40 27.84
C LYS D 27 32.62 -14.55 26.34
N GLY D 28 31.39 -14.62 25.86
CA GLY D 28 31.15 -14.84 24.45
C GLY D 28 31.02 -13.59 23.60
N ASN D 29 31.21 -12.41 24.19
CA ASN D 29 31.13 -11.10 23.51
C ASN D 29 29.76 -10.90 22.85
N TYR D 30 28.71 -11.00 23.67
CA TYR D 30 27.35 -10.80 23.21
C TYR D 30 26.75 -9.48 23.67
N ALA D 31 26.98 -9.11 24.93
CA ALA D 31 26.57 -7.80 25.43
C ALA D 31 27.49 -7.42 26.57
N GLU D 32 27.43 -6.16 26.96
CA GLU D 32 28.22 -5.69 28.10
C GLU D 32 27.72 -6.28 29.41
N ARG D 33 26.41 -6.48 29.53
CA ARG D 33 25.80 -7.01 30.73
C ARG D 33 24.94 -8.21 30.39
N VAL D 34 24.82 -9.13 31.35
CA VAL D 34 23.97 -10.30 31.21
C VAL D 34 23.04 -10.35 32.42
N GLY D 35 21.74 -10.44 32.16
CA GLY D 35 20.76 -10.50 33.23
C GLY D 35 20.81 -11.83 33.97
N ALA D 36 20.13 -11.86 35.11
CA ALA D 36 20.18 -13.04 35.97
C ALA D 36 19.32 -14.18 35.42
N GLY D 37 18.16 -13.86 34.86
CA GLY D 37 17.28 -14.89 34.36
C GLY D 37 17.57 -15.39 32.96
N ALA D 38 18.42 -14.67 32.22
CA ALA D 38 18.79 -15.10 30.87
C ALA D 38 19.53 -16.44 30.82
N PRO D 39 20.53 -16.76 31.68
CA PRO D 39 21.10 -18.11 31.62
C PRO D 39 20.13 -19.20 32.06
N VAL D 40 19.22 -18.89 32.98
CA VAL D 40 18.21 -19.85 33.41
C VAL D 40 17.29 -20.19 32.24
N TYR D 41 16.82 -19.16 31.54
CA TYR D 41 15.91 -19.35 30.42
C TYR D 41 16.61 -20.10 29.29
N LEU D 42 17.86 -19.73 29.01
CA LEU D 42 18.61 -20.35 27.93
C LEU D 42 18.95 -21.80 28.22
N ALA D 43 19.33 -22.11 29.48
CA ALA D 43 19.63 -23.48 29.85
C ALA D 43 18.38 -24.35 29.82
N ALA D 44 17.23 -23.78 30.20
CA ALA D 44 15.97 -24.52 30.10
C ALA D 44 15.59 -24.80 28.65
N VAL D 45 15.80 -23.82 27.76
CA VAL D 45 15.50 -24.03 26.34
C VAL D 45 16.42 -25.08 25.73
N LEU D 46 17.72 -25.03 26.06
CA LEU D 46 18.67 -26.01 25.56
C LEU D 46 18.37 -27.41 26.07
N GLU D 47 17.98 -27.53 27.35
CA GLU D 47 17.63 -28.82 27.91
C GLU D 47 16.36 -29.38 27.29
N TYR D 48 15.38 -28.50 27.01
CA TYR D 48 14.15 -28.94 26.35
C TYR D 48 14.43 -29.46 24.94
N LEU D 49 15.28 -28.75 24.18
CA LEU D 49 15.59 -29.19 22.82
C LEU D 49 16.39 -30.49 22.82
N THR D 50 17.31 -30.63 23.79
CA THR D 50 18.08 -31.86 23.94
C THR D 50 17.17 -33.04 24.27
N ALA D 51 16.20 -32.84 25.17
CA ALA D 51 15.25 -33.89 25.51
C ALA D 51 14.35 -34.24 24.33
N GLU D 52 13.97 -33.23 23.53
CA GLU D 52 13.11 -33.45 22.38
C GLU D 52 13.80 -34.29 21.31
N ILE D 53 15.08 -34.02 21.04
CA ILE D 53 15.79 -34.89 20.11
C ILE D 53 16.05 -36.26 20.72
N LEU D 54 16.42 -36.32 21.99
CA LEU D 54 16.86 -37.58 22.59
C LEU D 54 15.71 -38.57 22.77
N GLU D 55 14.48 -38.08 23.00
CA GLU D 55 13.36 -39.01 23.11
C GLU D 55 13.00 -39.63 21.77
N LEU D 56 12.99 -38.83 20.70
CA LEU D 56 12.75 -39.36 19.37
C LEU D 56 13.88 -40.27 18.91
N ALA D 57 15.13 -39.96 19.29
CA ALA D 57 16.25 -40.82 18.93
C ALA D 57 16.23 -42.13 19.71
N GLY D 58 15.76 -42.10 20.96
CA GLY D 58 15.58 -43.34 21.70
C GLY D 58 14.47 -44.19 21.14
N ASN D 59 13.39 -43.55 20.66
CA ASN D 59 12.34 -44.28 19.95
C ASN D 59 12.88 -44.89 18.66
N ALA D 60 13.71 -44.16 17.94
CA ALA D 60 14.33 -44.68 16.73
C ALA D 60 15.28 -45.84 17.02
N ALA D 61 15.99 -45.78 18.14
CA ALA D 61 16.84 -46.90 18.55
C ALA D 61 16.01 -48.12 18.93
N ARG D 62 14.85 -47.89 19.55
CA ARG D 62 13.98 -49.00 19.92
C ARG D 62 13.35 -49.68 18.71
N ASP D 63 12.98 -48.88 17.68
CA ASP D 63 12.38 -49.45 16.48
C ASP D 63 13.34 -50.27 15.64
N ASN D 64 14.65 -50.07 15.79
CA ASN D 64 15.64 -50.93 15.16
C ASN D 64 16.32 -51.86 16.15
N LYS D 65 15.67 -52.14 17.28
CA LYS D 65 16.07 -53.15 18.27
C LYS D 65 17.45 -52.86 18.86
N LYS D 66 17.73 -51.60 19.12
CA LYS D 66 18.99 -51.17 19.71
C LYS D 66 18.73 -50.47 21.03
N THR D 67 19.64 -50.66 21.98
CA THR D 67 19.56 -49.98 23.27
C THR D 67 20.63 -48.91 23.40
N ARG D 68 21.13 -48.40 22.29
CA ARG D 68 22.19 -47.40 22.29
C ARG D 68 22.01 -46.50 21.08
N ILE D 69 22.02 -45.20 21.29
CA ILE D 69 21.76 -44.25 20.23
C ILE D 69 23.03 -44.04 19.41
N ILE D 70 22.93 -44.25 18.11
CA ILE D 70 24.03 -44.06 17.17
C ILE D 70 23.67 -42.81 16.35
N PRO D 71 24.59 -42.25 15.55
CA PRO D 71 24.21 -41.10 14.70
C PRO D 71 23.09 -41.36 13.71
N ARG D 72 22.90 -42.61 13.27
CA ARG D 72 21.80 -42.94 12.36
C ARG D 72 20.44 -42.69 13.01
N HIS D 73 20.32 -43.04 14.29
CA HIS D 73 19.07 -42.81 15.01
C HIS D 73 18.80 -41.31 15.18
N LEU D 74 19.86 -40.54 15.43
CA LEU D 74 19.72 -39.08 15.51
C LEU D 74 19.27 -38.49 14.19
N GLN D 75 19.84 -38.97 13.07
CA GLN D 75 19.44 -38.46 11.76
C GLN D 75 18.00 -38.85 11.43
N LEU D 76 17.60 -40.07 11.76
CA LEU D 76 16.22 -40.50 11.52
C LEU D 76 15.24 -39.69 12.36
N ALA D 77 15.59 -39.42 13.62
CA ALA D 77 14.74 -38.62 14.49
C ALA D 77 14.62 -37.18 14.01
N VAL D 78 15.73 -36.60 13.54
CA VAL D 78 15.71 -35.21 13.10
C VAL D 78 14.93 -35.07 11.79
N ARG D 79 15.20 -35.95 10.82
CA ARG D 79 14.58 -35.81 9.51
C ARG D 79 13.13 -36.28 9.51
N ASN D 80 12.75 -37.17 10.43
CA ASN D 80 11.36 -37.63 10.45
C ASN D 80 10.44 -36.67 11.17
N ASP D 81 10.97 -35.73 11.95
CA ASP D 81 10.14 -34.75 12.63
C ASP D 81 10.14 -33.46 11.84
N GLU D 82 8.96 -32.85 11.71
CA GLU D 82 8.76 -31.74 10.78
C GLU D 82 9.49 -30.48 11.22
N GLU D 83 9.49 -30.18 12.52
CA GLU D 83 10.02 -28.92 13.00
C GLU D 83 11.51 -28.99 13.33
N LEU D 84 12.00 -30.14 13.78
CA LEU D 84 13.44 -30.32 13.91
C LEU D 84 14.14 -30.37 12.55
N ASN D 85 13.42 -30.76 11.50
CA ASN D 85 13.98 -30.70 10.16
C ASN D 85 14.12 -29.25 9.68
N LYS D 86 13.20 -28.37 10.08
CA LYS D 86 13.37 -26.96 9.75
C LYS D 86 14.42 -26.29 10.63
N LEU D 87 14.58 -26.75 11.86
CA LEU D 87 15.62 -26.19 12.73
C LEU D 87 17.01 -26.58 12.25
N LEU D 88 17.17 -27.79 11.73
CA LEU D 88 18.46 -28.31 11.30
C LEU D 88 18.46 -28.59 9.80
N GLY D 89 17.92 -27.64 9.01
CA GLY D 89 17.83 -27.85 7.58
C GLY D 89 19.12 -27.71 6.82
N ARG D 90 20.04 -26.89 7.33
CA ARG D 90 21.34 -26.67 6.70
C ARG D 90 22.44 -27.33 7.52
N VAL D 91 22.13 -28.47 8.13
CA VAL D 91 23.02 -29.15 9.06
C VAL D 91 23.26 -30.56 8.57
N THR D 92 24.53 -30.94 8.46
CA THR D 92 24.93 -32.31 8.16
C THR D 92 25.25 -33.05 9.45
N ILE D 93 24.66 -34.23 9.60
CA ILE D 93 25.01 -35.14 10.68
C ILE D 93 25.93 -36.21 10.11
N ALA D 94 27.14 -36.31 10.65
CA ALA D 94 28.10 -37.27 10.15
C ALA D 94 27.70 -38.68 10.56
N GLN D 95 27.89 -39.63 9.63
CA GLN D 95 27.43 -41.03 9.76
C GLN D 95 25.94 -41.09 10.05
N GLY D 96 25.17 -40.27 9.34
CA GLY D 96 23.73 -40.23 9.56
C GLY D 96 22.94 -40.87 8.44
N GLY D 97 23.49 -40.86 7.22
CA GLY D 97 22.76 -41.40 6.11
C GLY D 97 21.61 -40.49 5.68
N VAL D 98 20.65 -41.10 4.97
CA VAL D 98 19.49 -40.39 4.47
C VAL D 98 18.24 -41.17 4.85
N LEU D 99 17.09 -40.52 4.68
CA LEU D 99 15.82 -41.21 4.82
C LEU D 99 15.61 -42.17 3.66
N PRO D 100 15.07 -43.36 3.90
CA PRO D 100 14.70 -44.24 2.78
C PRO D 100 13.51 -43.71 2.01
N ASN D 101 13.76 -43.17 0.82
CA ASN D 101 12.71 -42.55 0.02
C ASN D 101 12.99 -42.81 -1.46
N ILE D 102 12.07 -43.50 -2.12
CA ILE D 102 12.14 -43.75 -3.55
C ILE D 102 10.92 -43.11 -4.20
N GLN D 103 11.15 -42.35 -5.28
CA GLN D 103 10.06 -41.73 -6.00
C GLN D 103 9.22 -42.79 -6.71
N SER D 104 7.90 -42.56 -6.73
CA SER D 104 6.96 -43.58 -7.18
C SER D 104 7.00 -43.81 -8.69
N VAL D 105 7.60 -42.89 -9.44
CA VAL D 105 7.79 -43.11 -10.87
C VAL D 105 8.78 -44.25 -11.11
N LEU D 106 9.79 -44.36 -10.27
CA LEU D 106 10.85 -45.33 -10.45
C LEU D 106 10.45 -46.73 -9.99
N LEU D 107 9.33 -46.86 -9.27
CA LEU D 107 8.84 -48.17 -8.87
C LEU D 107 8.31 -48.94 -10.09
N PRO D 108 8.45 -50.27 -10.09
CA PRO D 108 7.91 -51.05 -11.20
C PRO D 108 6.40 -51.06 -11.23
N LYS D 109 5.85 -51.20 -12.43
CA LYS D 109 4.41 -51.19 -12.65
C LYS D 109 3.89 -52.62 -12.75
N LYS D 110 2.91 -52.94 -11.91
CA LYS D 110 2.33 -54.28 -11.91
C LYS D 110 0.91 -54.25 -12.47
N THR E 1 45.14 -31.01 30.21
CA THR E 1 44.35 -29.80 30.09
C THR E 1 42.86 -30.12 30.19
N ARG E 2 42.16 -29.40 31.05
CA ARG E 2 40.74 -29.60 31.26
C ARG E 2 39.94 -29.11 30.06
N LYS E 3 39.13 -30.00 29.49
CA LYS E 3 38.28 -29.69 28.35
C LYS E 3 36.84 -29.89 28.76
N GLU E 4 36.00 -28.87 28.54
CA GLU E 4 34.62 -28.92 28.98
C GLU E 4 33.71 -29.33 27.83
N SER E 5 32.58 -29.91 28.19
CA SER E 5 31.61 -30.41 27.23
C SER E 5 30.25 -30.52 27.94
N TYR E 6 29.22 -30.77 27.14
CA TYR E 6 27.87 -30.97 27.65
C TYR E 6 27.52 -32.45 27.78
N ALA E 7 28.52 -33.31 27.98
CA ALA E 7 28.30 -34.74 27.87
C ALA E 7 27.48 -35.28 29.04
N ILE E 8 27.80 -34.85 30.27
CA ILE E 8 27.11 -35.37 31.43
C ILE E 8 25.68 -34.85 31.50
N TYR E 9 25.43 -33.62 31.03
CA TYR E 9 24.08 -33.08 31.07
C TYR E 9 23.19 -33.71 30.01
N VAL E 10 23.74 -33.95 28.81
CA VAL E 10 23.03 -34.69 27.78
C VAL E 10 22.75 -36.11 28.24
N TYR E 11 23.72 -36.71 28.94
CA TYR E 11 23.53 -38.07 29.44
C TYR E 11 22.44 -38.16 30.50
N LYS E 12 22.39 -37.20 31.44
CA LYS E 12 21.35 -37.27 32.46
C LYS E 12 19.97 -36.88 31.91
N VAL E 13 19.92 -36.01 30.90
CA VAL E 13 18.66 -35.76 30.21
C VAL E 13 18.18 -37.01 29.47
N LEU E 14 19.12 -37.76 28.88
CA LEU E 14 18.79 -39.03 28.24
C LEU E 14 18.28 -40.04 29.23
N LYS E 15 18.89 -40.10 30.42
CA LYS E 15 18.39 -41.00 31.47
C LYS E 15 17.02 -40.57 32.00
N GLN E 16 16.70 -39.28 31.92
CA GLN E 16 15.31 -38.87 32.19
C GLN E 16 14.36 -39.41 31.13
N VAL E 17 14.67 -39.18 29.85
CA VAL E 17 13.68 -39.51 28.82
C VAL E 17 13.72 -40.99 28.46
N HIS E 18 14.87 -41.65 28.61
CA HIS E 18 15.01 -43.06 28.27
C HIS E 18 15.99 -43.69 29.23
N PRO E 19 15.50 -44.22 30.36
CA PRO E 19 16.41 -44.68 31.41
C PRO E 19 17.17 -45.95 31.07
N ASP E 20 16.78 -46.69 30.04
CA ASP E 20 17.43 -47.94 29.67
C ASP E 20 18.13 -47.87 28.32
N THR E 21 18.37 -46.66 27.82
CA THR E 21 18.98 -46.47 26.51
C THR E 21 20.35 -45.81 26.68
N GLY E 22 21.35 -46.34 25.99
CA GLY E 22 22.68 -45.77 26.00
C GLY E 22 22.91 -44.81 24.85
N ILE E 23 24.18 -44.48 24.64
CA ILE E 23 24.59 -43.57 23.58
C ILE E 23 26.06 -43.85 23.27
N SER E 24 26.48 -43.46 22.07
CA SER E 24 27.85 -43.66 21.63
C SER E 24 28.64 -42.35 21.71
N CYS E 25 29.95 -42.44 21.47
CA CYS E 25 30.79 -41.26 21.47
C CYS E 25 30.48 -40.33 20.30
N LYS E 26 30.20 -40.89 19.12
CA LYS E 26 29.89 -40.06 17.96
C LYS E 26 28.55 -39.35 18.13
N ALA E 27 27.55 -40.06 18.67
CA ALA E 27 26.26 -39.44 18.93
C ALA E 27 26.36 -38.39 20.03
N MET E 28 27.20 -38.62 21.04
CA MET E 28 27.42 -37.60 22.07
C MET E 28 28.14 -36.38 21.51
N SER E 29 29.09 -36.59 20.59
CA SER E 29 29.75 -35.47 19.93
C SER E 29 28.77 -34.67 19.08
N ILE E 30 27.86 -35.36 18.41
CA ILE E 30 26.83 -34.69 17.61
C ILE E 30 25.88 -33.91 18.51
N MET E 31 25.51 -34.48 19.66
CA MET E 31 24.65 -33.76 20.61
C MET E 31 25.35 -32.54 21.19
N ASN E 32 26.65 -32.64 21.48
CA ASN E 32 27.42 -31.50 21.94
C ASN E 32 27.49 -30.41 20.88
N SER E 33 27.70 -30.80 19.62
CA SER E 33 27.72 -29.84 18.52
C SER E 33 26.35 -29.18 18.33
N PHE E 34 25.28 -29.94 18.51
CA PHE E 34 23.92 -29.39 18.41
C PHE E 34 23.67 -28.35 19.50
N VAL E 35 24.05 -28.67 20.75
CA VAL E 35 23.81 -27.76 21.86
C VAL E 35 24.64 -26.49 21.70
N ASN E 36 25.90 -26.64 21.26
CA ASN E 36 26.75 -25.48 21.01
C ASN E 36 26.22 -24.62 19.87
N ASP E 37 25.73 -25.25 18.80
CA ASP E 37 25.19 -24.51 17.66
C ASP E 37 23.93 -23.74 18.04
N VAL E 38 23.02 -24.37 18.79
CA VAL E 38 21.78 -23.71 19.17
C VAL E 38 22.05 -22.59 20.18
N PHE E 39 23.01 -22.81 21.09
CA PHE E 39 23.44 -21.77 22.00
C PHE E 39 24.01 -20.58 21.26
N GLU E 40 24.83 -20.83 20.22
CA GLU E 40 25.41 -19.76 19.43
C GLU E 40 24.35 -18.98 18.67
N ARG E 41 23.37 -19.68 18.09
CA ARG E 41 22.28 -19.01 17.36
C ARG E 41 21.44 -18.15 18.28
N ILE E 42 21.05 -18.68 19.44
CA ILE E 42 20.18 -17.93 20.34
C ILE E 42 20.92 -16.75 20.95
N ALA E 43 22.19 -16.94 21.32
CA ALA E 43 22.97 -15.86 21.90
C ALA E 43 23.28 -14.78 20.88
N GLY E 44 23.54 -15.15 19.62
CA GLY E 44 23.74 -14.15 18.59
C GLY E 44 22.48 -13.37 18.26
N GLU E 45 21.34 -14.06 18.22
CA GLU E 45 20.07 -13.38 17.99
C GLU E 45 19.71 -12.43 19.13
N ALA E 46 19.99 -12.85 20.38
CA ALA E 46 19.72 -11.98 21.52
C ALA E 46 20.68 -10.80 21.56
N SER E 47 21.94 -11.01 21.13
CA SER E 47 22.90 -9.92 21.04
C SER E 47 22.47 -8.89 20.00
N ARG E 48 22.00 -9.36 18.84
CA ARG E 48 21.49 -8.44 17.82
C ARG E 48 20.23 -7.74 18.29
N LEU E 49 19.37 -8.44 19.03
CA LEU E 49 18.15 -7.85 19.57
C LEU E 49 18.45 -6.76 20.59
N ALA E 50 19.44 -6.98 21.45
CA ALA E 50 19.85 -5.94 22.38
C ALA E 50 20.53 -4.78 21.67
N HIS E 51 21.22 -5.05 20.56
CA HIS E 51 21.86 -3.98 19.81
C HIS E 51 20.85 -3.12 19.06
N TYR E 52 19.78 -3.73 18.55
CA TYR E 52 18.80 -2.97 17.78
C TYR E 52 17.98 -2.05 18.67
N ASN E 53 17.74 -2.44 19.91
CA ASN E 53 16.93 -1.68 20.84
C ASN E 53 17.75 -0.76 21.73
N LYS E 54 19.04 -0.61 21.43
CA LYS E 54 19.98 0.26 22.14
C LYS E 54 20.09 -0.10 23.62
N ARG E 55 20.14 -1.40 23.90
CA ARG E 55 20.24 -1.91 25.26
C ARG E 55 21.61 -2.54 25.47
N SER E 56 22.17 -2.34 26.66
CA SER E 56 23.49 -2.86 27.00
C SER E 56 23.42 -4.21 27.71
N THR E 57 22.23 -4.75 27.96
CA THR E 57 22.10 -5.97 28.73
C THR E 57 21.26 -6.98 27.96
N ILE E 58 21.58 -8.25 28.17
CA ILE E 58 20.80 -9.36 27.66
C ILE E 58 20.04 -9.97 28.83
N THR E 59 18.73 -9.88 28.79
CA THR E 59 17.85 -10.42 29.81
C THR E 59 17.09 -11.61 29.25
N SER E 60 16.14 -12.13 30.04
CA SER E 60 15.31 -13.23 29.58
C SER E 60 14.34 -12.83 28.49
N ARG E 61 14.03 -11.53 28.36
CA ARG E 61 13.15 -11.06 27.30
C ARG E 61 13.82 -11.20 25.94
N GLU E 62 15.10 -10.82 25.83
CA GLU E 62 15.81 -10.98 24.56
C GLU E 62 16.00 -12.44 24.20
N ILE E 63 16.28 -13.30 25.19
CA ILE E 63 16.43 -14.73 24.89
C ILE E 63 15.08 -15.32 24.48
N GLN E 64 13.99 -14.86 25.09
CA GLN E 64 12.64 -15.31 24.73
C GLN E 64 12.29 -14.89 23.32
N THR E 65 12.61 -13.66 22.95
CA THR E 65 12.34 -13.18 21.60
C THR E 65 13.22 -13.91 20.58
N ALA E 66 14.46 -14.23 20.96
CA ALA E 66 15.35 -15.01 20.10
C ALA E 66 14.82 -16.43 19.90
N VAL E 67 14.24 -17.02 20.95
CA VAL E 67 13.67 -18.36 20.84
C VAL E 67 12.44 -18.33 19.94
N ARG E 68 11.61 -17.30 20.07
CA ARG E 68 10.43 -17.17 19.20
C ARG E 68 10.82 -16.90 17.75
N LEU E 69 11.94 -16.19 17.53
CA LEU E 69 12.40 -15.92 16.17
C LEU E 69 13.03 -17.15 15.54
N LEU E 70 13.81 -17.92 16.29
CA LEU E 70 14.61 -18.98 15.70
C LEU E 70 13.88 -20.32 15.64
N LEU E 71 13.20 -20.70 16.72
CA LEU E 71 12.58 -22.03 16.76
C LEU E 71 11.29 -22.02 15.96
N PRO E 72 11.06 -23.00 15.09
CA PRO E 72 9.90 -22.96 14.18
C PRO E 72 8.64 -23.50 14.81
N GLY E 73 7.66 -22.62 15.00
CA GLY E 73 6.31 -23.06 15.28
C GLY E 73 6.11 -23.55 16.70
N GLU E 74 5.52 -24.75 16.81
CA GLU E 74 5.14 -25.32 18.09
C GLU E 74 6.35 -25.61 18.96
N LEU E 75 7.48 -25.96 18.34
CA LEU E 75 8.74 -26.17 19.06
C LEU E 75 9.19 -24.90 19.77
N ALA E 76 8.81 -23.73 19.24
CA ALA E 76 9.04 -22.50 19.98
C ALA E 76 8.15 -22.41 21.21
N LYS E 77 6.84 -22.66 21.04
CA LYS E 77 5.90 -22.27 22.08
C LYS E 77 5.93 -23.19 23.29
N HIS E 78 6.42 -24.42 23.12
CA HIS E 78 6.71 -25.24 24.29
C HIS E 78 7.98 -24.76 24.98
N ALA E 79 9.01 -24.41 24.20
CA ALA E 79 10.28 -23.98 24.77
C ALA E 79 10.13 -22.68 25.53
N VAL E 80 9.32 -21.76 24.98
CA VAL E 80 8.97 -20.52 25.66
C VAL E 80 8.26 -20.83 26.98
N SER E 81 7.45 -21.90 27.00
CA SER E 81 6.90 -22.38 28.26
C SER E 81 8.00 -22.92 29.17
N GLU E 82 8.87 -23.78 28.62
CA GLU E 82 9.84 -24.51 29.45
C GLU E 82 10.89 -23.59 30.06
N GLY E 83 11.24 -22.51 29.35
CA GLY E 83 12.09 -21.51 29.96
C GLY E 83 11.39 -20.76 31.08
N THR E 84 10.13 -20.36 30.83
CA THR E 84 9.49 -19.32 31.63
C THR E 84 9.27 -19.78 33.07
N LYS E 85 8.68 -20.96 33.25
CA LYS E 85 8.47 -21.51 34.58
C LYS E 85 9.79 -21.78 35.28
N ALA E 86 10.85 -22.11 34.52
CA ALA E 86 12.17 -22.27 35.10
C ALA E 86 12.65 -20.97 35.71
N VAL E 87 12.46 -19.87 34.99
CA VAL E 87 12.78 -18.54 35.52
C VAL E 87 11.92 -18.27 36.74
N THR E 88 10.63 -18.65 36.67
CA THR E 88 9.72 -18.49 37.79
C THR E 88 10.19 -19.31 38.98
N LYS E 89 10.66 -20.55 38.72
CA LYS E 89 11.14 -21.39 39.79
C LYS E 89 12.43 -20.81 40.37
N TYR E 90 13.25 -20.21 39.51
CA TYR E 90 14.45 -19.50 39.98
C TYR E 90 14.05 -18.31 40.82
N THR E 91 12.98 -17.61 40.42
CA THR E 91 12.48 -16.49 41.21
C THR E 91 11.91 -16.99 42.54
N SER E 92 11.41 -18.23 42.57
CA SER E 92 10.95 -18.79 43.83
C SER E 92 12.11 -19.14 44.76
N ALA E 93 13.34 -19.21 44.27
CA ALA E 93 14.47 -19.55 45.11
C ALA E 93 15.51 -18.45 45.18
N LYS E 94 15.95 -17.93 44.04
CA LYS E 94 16.93 -16.83 44.02
C LYS E 94 16.47 -15.69 43.11
N VAL F 7 54.53 -35.08 -6.32
CA VAL F 7 53.67 -34.57 -7.37
C VAL F 7 52.42 -35.43 -7.50
N LEU F 8 51.27 -34.84 -7.18
CA LEU F 8 49.98 -35.51 -7.29
C LEU F 8 49.23 -34.97 -8.50
N ARG F 9 48.82 -35.87 -9.38
CA ARG F 9 48.08 -35.49 -10.58
C ARG F 9 47.11 -36.59 -10.94
N ASP F 10 46.00 -36.18 -11.59
CA ASP F 10 44.94 -37.07 -12.10
C ASP F 10 44.33 -37.91 -10.96
N ASN F 11 44.11 -37.27 -9.82
CA ASN F 11 43.45 -37.92 -8.70
C ASN F 11 41.94 -37.71 -8.71
N ILE F 12 41.42 -36.89 -9.64
CA ILE F 12 39.99 -36.75 -9.78
C ILE F 12 39.39 -38.01 -10.43
N GLN F 13 40.20 -38.77 -11.17
CA GLN F 13 39.79 -40.08 -11.65
C GLN F 13 39.80 -41.14 -10.56
N GLY F 14 40.38 -40.85 -9.40
CA GLY F 14 40.26 -41.72 -8.25
C GLY F 14 38.86 -41.76 -7.67
N ILE F 15 38.06 -40.73 -7.92
CA ILE F 15 36.62 -40.79 -7.65
C ILE F 15 36.01 -41.58 -8.80
N THR F 16 35.92 -42.89 -8.63
CA THR F 16 35.61 -43.78 -9.73
C THR F 16 34.13 -43.72 -10.10
N LYS F 17 33.82 -44.30 -11.27
CA LYS F 17 32.45 -44.45 -11.70
C LYS F 17 31.55 -45.25 -10.74
N PRO F 18 31.97 -46.41 -10.17
CA PRO F 18 31.10 -47.06 -9.16
C PRO F 18 30.85 -46.24 -7.91
N ALA F 19 31.79 -45.38 -7.50
CA ALA F 19 31.55 -44.50 -6.36
C ALA F 19 30.47 -43.48 -6.66
N ILE F 20 30.48 -42.91 -7.87
CA ILE F 20 29.45 -41.96 -8.27
C ILE F 20 28.10 -42.65 -8.42
N ARG F 21 28.11 -43.90 -8.92
CA ARG F 21 26.88 -44.67 -8.98
C ARG F 21 26.33 -44.98 -7.59
N ARG F 22 27.21 -45.27 -6.62
CA ARG F 22 26.76 -45.51 -5.26
C ARG F 22 26.18 -44.25 -4.61
N LEU F 23 26.81 -43.10 -4.88
CA LEU F 23 26.28 -41.84 -4.38
C LEU F 23 24.92 -41.52 -4.99
N ALA F 24 24.73 -41.83 -6.27
CA ALA F 24 23.44 -41.65 -6.91
C ALA F 24 22.41 -42.64 -6.39
N ARG F 25 22.83 -43.86 -6.06
CA ARG F 25 21.92 -44.84 -5.47
C ARG F 25 21.44 -44.40 -4.10
N ARG F 26 22.34 -43.80 -3.30
CA ARG F 26 21.92 -43.20 -2.05
C ARG F 26 21.01 -42.00 -2.30
N GLY F 27 21.24 -41.26 -3.38
CA GLY F 27 20.34 -40.19 -3.75
C GLY F 27 19.02 -40.64 -4.35
N GLY F 28 18.87 -41.92 -4.65
CA GLY F 28 17.62 -42.43 -5.20
C GLY F 28 17.55 -42.45 -6.71
N VAL F 29 18.68 -42.54 -7.39
CA VAL F 29 18.71 -42.48 -8.85
C VAL F 29 18.73 -43.90 -9.41
N LYS F 30 17.79 -44.18 -10.32
CA LYS F 30 17.66 -45.49 -10.94
C LYS F 30 18.54 -45.65 -12.18
N ARG F 31 18.56 -44.66 -13.07
CA ARG F 31 19.31 -44.75 -14.30
C ARG F 31 20.24 -43.56 -14.44
N ILE F 32 21.48 -43.83 -14.87
CA ILE F 32 22.54 -42.83 -14.91
C ILE F 32 23.11 -42.79 -16.32
N SER F 33 23.16 -41.61 -16.93
CA SER F 33 23.77 -41.48 -18.24
C SER F 33 25.29 -41.49 -18.11
N GLY F 34 25.95 -41.74 -19.25
CA GLY F 34 27.39 -41.91 -19.25
C GLY F 34 28.17 -40.63 -19.07
N LEU F 35 27.54 -39.48 -19.31
CA LEU F 35 28.19 -38.19 -19.16
C LEU F 35 28.01 -37.60 -17.78
N ILE F 36 27.39 -38.35 -16.86
CA ILE F 36 27.14 -37.85 -15.51
C ILE F 36 28.44 -37.73 -14.72
N TYR F 37 29.34 -38.70 -14.91
CA TYR F 37 30.49 -38.87 -14.02
C TYR F 37 31.50 -37.73 -14.13
N GLU F 38 31.71 -37.21 -15.34
CA GLU F 38 32.62 -36.07 -15.51
C GLU F 38 32.04 -34.81 -14.89
N GLU F 39 30.73 -34.60 -15.04
CA GLU F 39 30.06 -33.46 -14.42
C GLU F 39 30.11 -33.55 -12.90
N THR F 40 29.92 -34.76 -12.37
CA THR F 40 29.99 -34.97 -10.92
C THR F 40 31.39 -34.74 -10.39
N ARG F 41 32.41 -35.18 -11.15
CA ARG F 41 33.79 -34.91 -10.78
C ARG F 41 34.09 -33.41 -10.79
N GLY F 42 33.55 -32.69 -11.77
CA GLY F 42 33.74 -31.26 -11.83
C GLY F 42 33.11 -30.51 -10.67
N VAL F 43 31.86 -30.86 -10.33
CA VAL F 43 31.19 -30.15 -9.24
C VAL F 43 31.81 -30.53 -7.89
N LEU F 44 32.30 -31.78 -7.75
CA LEU F 44 33.03 -32.16 -6.55
C LEU F 44 34.34 -31.38 -6.43
N LYS F 45 35.04 -31.17 -7.55
CA LYS F 45 36.28 -30.40 -7.53
C LYS F 45 36.04 -28.94 -7.15
N VAL F 46 34.94 -28.34 -7.65
CA VAL F 46 34.61 -26.96 -7.31
C VAL F 46 34.26 -26.83 -5.83
N PHE F 47 33.43 -27.76 -5.32
CA PHE F 47 33.05 -27.75 -3.91
C PHE F 47 34.25 -27.95 -2.99
N LEU F 48 35.13 -28.89 -3.35
CA LEU F 48 36.31 -29.17 -2.54
C LEU F 48 37.29 -28.01 -2.59
N GLU F 49 37.40 -27.34 -3.74
CA GLU F 49 38.25 -26.15 -3.84
C GLU F 49 37.77 -25.04 -2.93
N ASN F 50 36.46 -24.81 -2.87
CA ASN F 50 35.92 -23.76 -2.00
C ASN F 50 36.16 -24.07 -0.52
N VAL F 51 35.82 -25.29 -0.10
CA VAL F 51 35.97 -25.66 1.32
C VAL F 51 37.44 -25.72 1.73
N ILE F 52 38.29 -26.27 0.86
CA ILE F 52 39.71 -26.40 1.18
C ILE F 52 40.38 -25.04 1.20
N ARG F 53 39.97 -24.12 0.31
CA ARG F 53 40.53 -22.76 0.32
C ARG F 53 40.18 -22.02 1.60
N ASP F 54 38.92 -22.13 2.05
CA ASP F 54 38.55 -21.49 3.31
C ASP F 54 39.25 -22.13 4.51
N ALA F 55 39.42 -23.46 4.49
CA ALA F 55 40.09 -24.14 5.59
C ALA F 55 41.57 -23.81 5.64
N VAL F 56 42.22 -23.68 4.48
CA VAL F 56 43.62 -23.28 4.42
C VAL F 56 43.79 -21.83 4.87
N THR F 57 42.82 -20.97 4.57
CA THR F 57 42.84 -19.61 5.11
C THR F 57 42.75 -19.60 6.63
N TYR F 58 41.87 -20.44 7.20
CA TYR F 58 41.76 -20.57 8.65
C TYR F 58 43.05 -21.13 9.26
N THR F 59 43.70 -22.07 8.57
CA THR F 59 44.96 -22.64 9.05
C THR F 59 46.08 -21.60 9.02
N GLU F 60 46.17 -20.85 7.92
CA GLU F 60 47.22 -19.85 7.76
C GLU F 60 47.07 -18.68 8.70
N HIS F 61 45.83 -18.38 9.13
CA HIS F 61 45.65 -17.35 10.14
C HIS F 61 46.22 -17.78 11.49
N ALA F 62 46.19 -19.07 11.79
CA ALA F 62 46.65 -19.61 13.07
C ALA F 62 48.15 -19.83 13.11
N LYS F 63 48.87 -19.46 12.03
CA LYS F 63 50.31 -19.70 11.85
C LYS F 63 50.66 -21.19 12.03
N ARG F 64 49.86 -22.05 11.42
CA ARG F 64 50.02 -23.49 11.51
C ARG F 64 50.30 -24.07 10.15
N LYS F 65 50.96 -25.24 10.15
CA LYS F 65 51.22 -25.96 8.91
C LYS F 65 50.25 -27.10 8.65
N THR F 66 49.67 -27.68 9.70
CA THR F 66 48.71 -28.75 9.52
C THR F 66 47.29 -28.19 9.47
N VAL F 67 46.42 -28.90 8.76
CA VAL F 67 45.02 -28.52 8.63
C VAL F 67 44.23 -29.40 9.58
N THR F 68 43.67 -28.80 10.61
CA THR F 68 42.90 -29.54 11.59
C THR F 68 41.47 -29.75 11.08
N ALA F 69 40.77 -30.67 11.74
CA ALA F 69 39.36 -30.88 11.42
C ALA F 69 38.50 -29.69 11.84
N MET F 70 38.97 -28.93 12.84
CA MET F 70 38.18 -27.85 13.36
C MET F 70 38.16 -26.68 12.38
N ASP F 71 39.26 -26.50 11.62
CA ASP F 71 39.29 -25.54 10.52
C ASP F 71 38.32 -25.94 9.41
N VAL F 72 38.19 -27.24 9.14
CA VAL F 72 37.23 -27.72 8.16
C VAL F 72 35.80 -27.46 8.62
N VAL F 73 35.55 -27.64 9.92
CA VAL F 73 34.23 -27.33 10.50
C VAL F 73 33.94 -25.83 10.39
N TYR F 74 34.94 -24.99 10.65
CA TYR F 74 34.79 -23.55 10.49
C TYR F 74 34.52 -23.15 9.05
N ALA F 75 35.23 -23.76 8.12
CA ALA F 75 35.06 -23.47 6.69
C ALA F 75 33.68 -23.90 6.21
N LEU F 76 33.17 -25.02 6.72
CA LEU F 76 31.83 -25.47 6.33
C LEU F 76 30.75 -24.63 6.99
N LYS F 77 31.01 -24.16 8.22
CA LYS F 77 30.13 -23.21 8.89
C LYS F 77 30.01 -21.91 8.12
N ARG F 78 31.13 -21.42 7.58
CA ARG F 78 31.12 -20.14 6.88
C ARG F 78 30.34 -20.21 5.57
N GLN F 79 30.19 -21.40 5.01
CA GLN F 79 29.45 -21.59 3.77
C GLN F 79 28.01 -22.03 3.98
N GLY F 80 27.52 -22.00 5.22
CA GLY F 80 26.17 -22.46 5.52
C GLY F 80 25.96 -23.94 5.35
N ARG F 81 26.96 -24.75 5.70
CA ARG F 81 26.95 -26.19 5.50
C ARG F 81 27.44 -26.88 6.77
N THR F 82 26.77 -26.56 7.88
CA THR F 82 27.12 -27.04 9.22
C THR F 82 27.21 -28.56 9.30
N LEU F 83 28.30 -29.04 9.90
CA LEU F 83 28.58 -30.47 10.03
C LEU F 83 28.73 -30.80 11.50
N TYR F 84 27.96 -31.78 11.97
CA TYR F 84 28.01 -32.24 13.35
C TYR F 84 28.85 -33.51 13.44
N GLY F 85 29.61 -33.64 14.52
CA GLY F 85 30.34 -34.85 14.79
C GLY F 85 31.84 -34.77 14.69
N PHE F 86 32.41 -33.57 14.55
CA PHE F 86 33.85 -33.39 14.50
C PHE F 86 34.30 -32.26 15.40
N GLY F 87 33.56 -32.02 16.47
CA GLY F 87 33.86 -30.91 17.36
C GLY F 87 33.09 -29.66 16.99
N GLY F 88 32.86 -28.83 18.00
CA GLY F 88 32.09 -27.62 17.81
C GLY F 88 30.74 -27.63 18.49
N THR G 1 51.26 22.02 26.01
CA THR G 1 51.72 22.31 24.66
C THR G 1 51.35 21.18 23.71
N ARG G 2 50.05 21.01 23.47
CA ARG G 2 49.58 19.97 22.56
C ARG G 2 49.89 20.33 21.12
N ALA G 3 50.19 19.31 20.32
CA ALA G 3 50.50 19.49 18.91
C ALA G 3 49.22 19.69 18.11
N LYS G 4 49.39 20.01 16.83
CA LYS G 4 48.26 20.20 15.94
C LYS G 4 47.62 18.87 15.62
N ALA G 5 46.34 18.72 15.97
CA ALA G 5 45.64 17.46 15.79
C ALA G 5 45.29 17.24 14.32
N LYS G 6 45.63 16.07 13.80
CA LYS G 6 45.25 15.66 12.47
C LYS G 6 44.49 14.34 12.56
N THR G 7 43.61 14.11 11.60
CA THR G 7 42.77 12.93 11.62
C THR G 7 43.58 11.68 11.29
N ARG G 8 43.08 10.54 11.75
CA ARG G 8 43.71 9.27 11.43
C ARG G 8 43.44 8.84 9.99
N SER G 9 42.40 9.40 9.37
CA SER G 9 42.17 9.16 7.95
C SER G 9 43.24 9.82 7.09
N SER G 10 43.66 11.02 7.47
CA SER G 10 44.68 11.73 6.71
C SER G 10 46.06 11.11 6.91
N ARG G 11 46.28 10.44 8.04
CA ARG G 11 47.55 9.74 8.25
C ARG G 11 47.67 8.54 7.33
N ALA G 12 46.57 7.84 7.07
CA ALA G 12 46.56 6.69 6.19
C ALA G 12 46.19 7.04 4.76
N GLY G 13 45.93 8.30 4.45
CA GLY G 13 45.54 8.70 3.12
C GLY G 13 44.18 8.20 2.70
N LEU G 14 43.22 8.17 3.61
CA LEU G 14 41.90 7.64 3.35
C LEU G 14 40.86 8.76 3.43
N GLN G 15 39.71 8.52 2.79
CA GLN G 15 38.56 9.40 2.91
C GLN G 15 37.54 8.91 3.91
N PHE G 16 37.50 7.62 4.17
CA PHE G 16 36.58 7.03 5.14
C PHE G 16 37.08 7.30 6.57
N PRO G 17 36.18 7.51 7.53
CA PRO G 17 36.61 7.91 8.87
C PRO G 17 37.19 6.75 9.66
N VAL G 18 38.48 6.85 10.00
CA VAL G 18 39.12 5.81 10.79
C VAL G 18 38.63 5.85 12.24
N GLY G 19 38.42 7.05 12.79
CA GLY G 19 37.97 7.17 14.16
C GLY G 19 36.57 6.64 14.39
N ARG G 20 35.66 6.88 13.44
CA ARG G 20 34.31 6.36 13.53
C ARG G 20 34.30 4.84 13.42
N VAL G 21 35.13 4.28 12.55
CA VAL G 21 35.24 2.83 12.41
C VAL G 21 35.82 2.21 13.67
N HIS G 22 36.79 2.87 14.29
CA HIS G 22 37.36 2.41 15.56
C HIS G 22 36.32 2.46 16.68
N ARG G 23 35.51 3.52 16.73
CA ARG G 23 34.46 3.64 17.73
C ARG G 23 33.38 2.59 17.54
N LEU G 24 33.04 2.28 16.29
CA LEU G 24 32.03 1.26 16.03
C LEU G 24 32.57 -0.15 16.28
N LEU G 25 33.89 -0.33 16.14
CA LEU G 25 34.50 -1.61 16.47
C LEU G 25 34.57 -1.80 17.99
N ARG G 26 34.84 -0.71 18.72
CA ARG G 26 34.96 -0.82 20.18
C ARG G 26 33.60 -1.01 20.84
N LYS G 27 32.56 -0.40 20.30
CA LYS G 27 31.22 -0.48 20.87
C LYS G 27 30.34 -1.53 20.21
N GLY G 28 30.88 -2.27 19.24
CA GLY G 28 30.09 -3.25 18.51
C GLY G 28 30.09 -4.65 19.09
N ASN G 29 30.73 -4.84 20.25
CA ASN G 29 30.83 -6.13 20.94
C ASN G 29 31.44 -7.21 20.06
N TYR G 30 32.63 -6.93 19.54
CA TYR G 30 33.36 -7.87 18.70
C TYR G 30 34.52 -8.52 19.42
N ALA G 31 35.30 -7.75 20.18
CA ALA G 31 36.35 -8.29 21.02
C ALA G 31 36.54 -7.37 22.22
N GLU G 32 37.30 -7.86 23.19
CA GLU G 32 37.62 -7.05 24.36
C GLU G 32 38.52 -5.87 23.99
N ARG G 33 39.44 -6.09 23.05
CA ARG G 33 40.36 -5.05 22.61
C ARG G 33 40.33 -4.93 21.10
N VAL G 34 40.64 -3.74 20.61
CA VAL G 34 40.75 -3.46 19.18
C VAL G 34 42.14 -2.91 18.91
N GLY G 35 42.83 -3.50 17.95
CA GLY G 35 44.16 -3.05 17.59
C GLY G 35 44.15 -1.70 16.89
N ALA G 36 45.35 -1.11 16.77
CA ALA G 36 45.46 0.22 16.20
C ALA G 36 45.28 0.20 14.68
N GLY G 37 45.84 -0.79 14.01
CA GLY G 37 45.76 -0.84 12.56
C GLY G 37 44.49 -1.44 12.01
N ALA G 38 43.67 -2.07 12.85
CA ALA G 38 42.43 -2.68 12.39
C ALA G 38 41.40 -1.68 11.85
N PRO G 39 41.10 -0.53 12.50
CA PRO G 39 40.19 0.42 11.84
C PRO G 39 40.76 1.04 10.58
N VAL G 40 42.09 1.20 10.50
CA VAL G 40 42.73 1.69 9.28
C VAL G 40 42.51 0.70 8.14
N TYR G 41 42.74 -0.58 8.41
CA TYR G 41 42.57 -1.64 7.41
C TYR G 41 41.13 -1.75 6.97
N LEU G 42 40.20 -1.71 7.93
CA LEU G 42 38.79 -1.87 7.60
C LEU G 42 38.24 -0.66 6.85
N ALA G 43 38.69 0.55 7.22
CA ALA G 43 38.28 1.75 6.49
C ALA G 43 38.83 1.75 5.07
N ALA G 44 40.06 1.26 4.88
CA ALA G 44 40.62 1.14 3.54
C ALA G 44 39.84 0.15 2.68
N VAL G 45 39.46 -0.99 3.27
CA VAL G 45 38.70 -2.00 2.51
C VAL G 45 37.30 -1.48 2.15
N LEU G 46 36.64 -0.81 3.10
CA LEU G 46 35.32 -0.25 2.84
C LEU G 46 35.38 0.85 1.78
N GLU G 47 36.40 1.70 1.84
CA GLU G 47 36.60 2.74 0.84
C GLU G 47 36.87 2.15 -0.54
N TYR G 48 37.66 1.07 -0.60
CA TYR G 48 37.93 0.44 -1.89
C TYR G 48 36.66 -0.16 -2.51
N LEU G 49 35.86 -0.84 -1.70
CA LEU G 49 34.63 -1.44 -2.21
C LEU G 49 33.64 -0.37 -2.67
N THR G 50 33.55 0.73 -1.90
CA THR G 50 32.74 1.87 -2.30
C THR G 50 33.22 2.47 -3.61
N ALA G 51 34.55 2.56 -3.78
CA ALA G 51 35.12 3.09 -5.01
C ALA G 51 34.80 2.21 -6.22
N GLU G 52 34.86 0.89 -6.04
CA GLU G 52 34.55 -0.04 -7.13
C GLU G 52 33.10 0.08 -7.58
N ILE G 53 32.17 0.04 -6.62
CA ILE G 53 30.75 0.13 -6.98
C ILE G 53 30.39 1.51 -7.51
N LEU G 54 30.99 2.57 -6.96
CA LEU G 54 30.67 3.91 -7.43
C LEU G 54 31.22 4.16 -8.83
N GLU G 55 32.40 3.59 -9.15
CA GLU G 55 32.94 3.73 -10.50
C GLU G 55 32.10 2.96 -11.50
N LEU G 56 31.70 1.74 -11.17
CA LEU G 56 30.86 0.96 -12.09
C LEU G 56 29.47 1.57 -12.25
N ALA G 57 28.93 2.15 -11.17
CA ALA G 57 27.62 2.79 -11.25
C ALA G 57 27.67 4.12 -12.00
N GLY G 58 28.79 4.84 -11.91
CA GLY G 58 28.96 6.03 -12.73
C GLY G 58 29.09 5.69 -14.20
N ASN G 59 29.76 4.57 -14.51
CA ASN G 59 29.77 4.08 -15.88
C ASN G 59 28.39 3.70 -16.36
N ALA G 60 27.59 3.07 -15.48
CA ALA G 60 26.22 2.70 -15.82
C ALA G 60 25.35 3.93 -16.05
N ALA G 61 25.54 4.98 -15.25
CA ALA G 61 24.81 6.23 -15.44
C ALA G 61 25.23 6.94 -16.72
N ARG G 62 26.52 6.88 -17.05
CA ARG G 62 27.00 7.52 -18.27
C ARG G 62 26.52 6.79 -19.52
N ASP G 63 26.42 5.45 -19.44
CA ASP G 63 25.96 4.67 -20.57
C ASP G 63 24.47 4.85 -20.85
N ASN G 64 23.69 5.29 -19.86
CA ASN G 64 22.27 5.54 -20.02
C ASN G 64 21.97 7.03 -20.14
N LYS G 65 22.99 7.85 -20.40
CA LYS G 65 22.87 9.30 -20.63
C LYS G 65 22.27 10.02 -19.43
N LYS G 66 22.77 9.69 -18.24
CA LYS G 66 22.32 10.31 -17.00
C LYS G 66 23.53 10.85 -16.24
N THR G 67 23.29 11.89 -15.45
CA THR G 67 24.33 12.52 -14.66
C THR G 67 24.22 12.25 -13.17
N ARG G 68 23.18 11.55 -12.73
CA ARG G 68 23.03 11.15 -11.35
C ARG G 68 22.83 9.65 -11.27
N ILE G 69 23.47 9.03 -10.28
CA ILE G 69 23.34 7.59 -10.06
C ILE G 69 22.03 7.33 -9.34
N ILE G 70 21.20 6.47 -9.90
CA ILE G 70 19.92 6.07 -9.33
C ILE G 70 20.08 4.62 -8.86
N PRO G 71 19.13 4.03 -8.12
CA PRO G 71 19.25 2.60 -7.77
C PRO G 71 19.34 1.64 -8.94
N ARG G 72 18.78 2.00 -10.10
CA ARG G 72 18.90 1.16 -11.29
C ARG G 72 20.34 1.02 -11.74
N HIS G 73 21.10 2.13 -11.70
CA HIS G 73 22.50 2.09 -12.09
C HIS G 73 23.34 1.24 -11.13
N LEU G 74 23.02 1.33 -9.83
CA LEU G 74 23.68 0.49 -8.83
C LEU G 74 23.38 -0.98 -9.06
N GLN G 75 22.12 -1.30 -9.37
CA GLN G 75 21.74 -2.69 -9.64
C GLN G 75 22.43 -3.23 -10.89
N LEU G 76 22.48 -2.41 -11.96
CA LEU G 76 23.14 -2.84 -13.20
C LEU G 76 24.63 -3.04 -12.98
N ALA G 77 25.27 -2.14 -12.23
CA ALA G 77 26.70 -2.26 -11.94
C ALA G 77 27.00 -3.48 -11.09
N VAL G 78 26.16 -3.77 -10.09
CA VAL G 78 26.41 -4.90 -9.21
C VAL G 78 26.16 -6.22 -9.94
N ARG G 79 25.03 -6.33 -10.64
CA ARG G 79 24.69 -7.58 -11.28
C ARG G 79 25.50 -7.86 -12.54
N ASN G 80 26.09 -6.84 -13.16
CA ASN G 80 26.90 -7.07 -14.33
C ASN G 80 28.35 -7.44 -14.00
N ASP G 81 28.77 -7.28 -12.76
CA ASP G 81 30.09 -7.67 -12.31
C ASP G 81 29.96 -8.89 -11.41
N GLU G 82 30.58 -10.00 -11.82
CA GLU G 82 30.28 -11.29 -11.19
C GLU G 82 30.84 -11.40 -9.78
N GLU G 83 31.95 -10.73 -9.48
CA GLU G 83 32.47 -10.75 -8.12
C GLU G 83 31.60 -9.93 -7.18
N LEU G 84 31.16 -8.76 -7.63
CA LEU G 84 30.21 -7.98 -6.85
C LEU G 84 28.82 -8.61 -6.88
N ASN G 85 28.53 -9.43 -7.89
CA ASN G 85 27.26 -10.15 -7.89
C ASN G 85 27.23 -11.24 -6.84
N LYS G 86 28.32 -12.00 -6.71
CA LYS G 86 28.31 -13.06 -5.70
C LYS G 86 28.69 -12.55 -4.32
N LEU G 87 29.23 -11.33 -4.21
CA LEU G 87 29.33 -10.71 -2.89
C LEU G 87 27.96 -10.29 -2.37
N LEU G 88 27.07 -9.87 -3.27
CA LEU G 88 25.73 -9.43 -2.94
C LEU G 88 24.68 -10.35 -3.56
N GLY G 89 24.91 -11.67 -3.47
CA GLY G 89 23.99 -12.62 -4.06
C GLY G 89 22.65 -12.67 -3.35
N ARG G 90 22.65 -12.63 -2.02
CA ARG G 90 21.43 -12.64 -1.22
C ARG G 90 21.00 -11.24 -0.81
N VAL G 91 21.26 -10.25 -1.65
CA VAL G 91 20.99 -8.85 -1.34
C VAL G 91 20.04 -8.31 -2.39
N THR G 92 18.94 -7.72 -1.94
CA THR G 92 17.95 -7.09 -2.82
C THR G 92 18.12 -5.58 -2.76
N ILE G 93 18.29 -4.97 -3.93
CA ILE G 93 18.41 -3.51 -4.04
C ILE G 93 17.05 -2.96 -4.41
N ALA G 94 16.54 -2.06 -3.57
CA ALA G 94 15.21 -1.51 -3.78
C ALA G 94 15.20 -0.54 -4.95
N GLN G 95 14.11 -0.59 -5.74
CA GLN G 95 13.92 0.19 -6.97
C GLN G 95 15.05 -0.03 -7.96
N GLY G 96 15.54 -1.27 -8.03
CA GLY G 96 16.68 -1.59 -8.84
C GLY G 96 16.35 -2.36 -10.10
N GLY G 97 15.25 -3.12 -10.08
CA GLY G 97 14.90 -3.89 -11.26
C GLY G 97 15.79 -5.11 -11.43
N VAL G 98 15.73 -5.69 -12.63
CA VAL G 98 16.49 -6.89 -12.96
C VAL G 98 17.37 -6.61 -14.17
N LEU G 99 18.27 -7.56 -14.43
CA LEU G 99 19.05 -7.52 -15.66
C LEU G 99 18.15 -7.91 -16.84
N PRO G 100 18.14 -7.13 -17.92
CA PRO G 100 17.32 -7.50 -19.08
C PRO G 100 17.90 -8.67 -19.85
N ASN G 101 17.28 -9.83 -19.74
CA ASN G 101 17.66 -10.97 -20.56
C ASN G 101 16.45 -11.83 -20.88
N ILE G 102 16.45 -12.41 -22.08
CA ILE G 102 15.41 -13.32 -22.54
C ILE G 102 16.10 -14.62 -22.96
N GLN G 103 15.52 -15.74 -22.56
CA GLN G 103 16.06 -17.04 -22.94
C GLN G 103 15.91 -17.27 -24.44
N SER G 104 16.86 -18.01 -25.01
CA SER G 104 16.98 -18.13 -26.46
C SER G 104 15.85 -18.96 -27.08
N VAL G 105 15.21 -19.84 -26.31
CA VAL G 105 14.10 -20.62 -26.85
C VAL G 105 12.83 -19.79 -27.00
N LEU G 106 12.75 -18.65 -26.32
CA LEU G 106 11.58 -17.79 -26.40
C LEU G 106 11.63 -16.81 -27.57
N LEU G 107 12.77 -16.74 -28.27
CA LEU G 107 12.87 -15.91 -29.46
C LEU G 107 12.03 -16.52 -30.58
N PRO G 108 11.44 -15.68 -31.47
CA PRO G 108 10.48 -16.20 -32.47
C PRO G 108 11.09 -17.12 -33.51
N LYS G 109 12.14 -16.66 -34.19
CA LYS G 109 12.73 -17.43 -35.28
C LYS G 109 14.22 -17.11 -35.34
N LYS G 110 14.86 -17.45 -36.45
CA LYS G 110 16.27 -17.19 -36.67
C LYS G 110 16.56 -15.70 -36.81
N ARG H 2 21.89 15.17 12.98
CA ARG H 2 22.66 14.14 13.69
C ARG H 2 22.04 12.76 13.47
N LYS H 3 22.36 12.15 12.33
CA LYS H 3 21.84 10.84 11.99
C LYS H 3 22.89 9.74 11.90
N GLU H 4 24.18 10.09 11.92
CA GLU H 4 25.32 9.17 11.93
C GLU H 4 25.31 8.24 10.70
N SER H 5 25.53 8.86 9.55
CA SER H 5 25.52 8.18 8.27
C SER H 5 26.91 8.21 7.63
N TYR H 6 27.03 7.58 6.48
CA TYR H 6 28.28 7.51 5.72
C TYR H 6 28.23 8.35 4.45
N ALA H 7 27.27 9.28 4.35
CA ALA H 7 26.93 9.89 3.06
C ALA H 7 28.03 10.80 2.54
N ILE H 8 28.68 11.56 3.41
CA ILE H 8 29.69 12.51 2.96
C ILE H 8 30.93 11.79 2.44
N TYR H 9 31.31 10.68 3.08
CA TYR H 9 32.50 9.95 2.65
C TYR H 9 32.26 9.21 1.34
N VAL H 10 31.04 8.69 1.15
CA VAL H 10 30.64 8.13 -0.12
C VAL H 10 30.63 9.21 -1.20
N TYR H 11 30.24 10.43 -0.83
CA TYR H 11 30.27 11.54 -1.79
C TYR H 11 31.69 11.92 -2.19
N LYS H 12 32.62 11.93 -1.22
CA LYS H 12 34.02 12.23 -1.55
C LYS H 12 34.64 11.13 -2.41
N VAL H 13 34.30 9.87 -2.14
CA VAL H 13 34.78 8.76 -2.98
C VAL H 13 34.19 8.86 -4.38
N LEU H 14 32.92 9.25 -4.49
CA LEU H 14 32.28 9.44 -5.78
C LEU H 14 32.92 10.57 -6.58
N LYS H 15 33.25 11.68 -5.90
CA LYS H 15 33.97 12.77 -6.56
C LYS H 15 35.39 12.38 -6.94
N GLN H 16 35.98 11.42 -6.23
CA GLN H 16 37.27 10.88 -6.66
C GLN H 16 37.13 10.07 -7.94
N VAL H 17 36.11 9.21 -8.03
CA VAL H 17 36.01 8.34 -9.20
C VAL H 17 35.21 8.97 -10.34
N HIS H 18 34.28 9.87 -10.04
CA HIS H 18 33.46 10.51 -11.07
C HIS H 18 33.17 11.93 -10.62
N PRO H 19 34.01 12.89 -11.01
CA PRO H 19 33.90 14.24 -10.45
C PRO H 19 32.68 15.02 -10.93
N ASP H 20 32.02 14.60 -12.00
CA ASP H 20 30.88 15.33 -12.54
C ASP H 20 29.59 14.52 -12.48
N THR H 21 29.52 13.51 -11.63
CA THR H 21 28.36 12.65 -11.50
C THR H 21 27.76 12.80 -10.11
N GLY H 22 26.45 13.02 -10.06
CA GLY H 22 25.73 13.12 -8.80
C GLY H 22 25.22 11.77 -8.34
N ILE H 23 24.40 11.82 -7.29
CA ILE H 23 23.81 10.61 -6.72
C ILE H 23 22.49 10.99 -6.06
N SER H 24 21.49 10.13 -6.20
CA SER H 24 20.19 10.38 -5.61
C SER H 24 20.21 10.00 -4.12
N CYS H 25 19.12 10.35 -3.43
CA CYS H 25 19.03 10.05 -2.00
C CYS H 25 18.82 8.57 -1.76
N LYS H 26 18.03 7.91 -2.61
CA LYS H 26 17.80 6.48 -2.48
C LYS H 26 19.07 5.68 -2.75
N ALA H 27 19.84 6.10 -3.76
CA ALA H 27 21.11 5.45 -4.05
C ALA H 27 22.11 5.67 -2.93
N MET H 28 22.09 6.86 -2.31
CA MET H 28 22.95 7.13 -1.17
C MET H 28 22.57 6.26 0.02
N SER H 29 21.27 6.05 0.24
CA SER H 29 20.82 5.16 1.29
C SER H 29 21.23 3.71 1.02
N ILE H 30 21.21 3.30 -0.25
CA ILE H 30 21.65 1.96 -0.63
C ILE H 30 23.15 1.79 -0.37
N MET H 31 23.94 2.82 -0.69
CA MET H 31 25.38 2.75 -0.41
C MET H 31 25.68 2.75 1.08
N ASN H 32 24.89 3.50 1.87
CA ASN H 32 25.03 3.47 3.32
C ASN H 32 24.73 2.09 3.88
N SER H 33 23.66 1.45 3.38
CA SER H 33 23.31 0.10 3.80
C SER H 33 24.39 -0.90 3.38
N PHE H 34 24.99 -0.71 2.20
CA PHE H 34 26.05 -1.59 1.74
C PHE H 34 27.29 -1.48 2.63
N VAL H 35 27.68 -0.26 2.98
CA VAL H 35 28.86 -0.07 3.83
C VAL H 35 28.61 -0.64 5.22
N ASN H 36 27.39 -0.47 5.75
CA ASN H 36 27.06 -1.05 7.05
C ASN H 36 27.07 -2.58 7.00
N ASP H 37 26.55 -3.16 5.91
CA ASP H 37 26.50 -4.62 5.75
C ASP H 37 27.92 -5.19 5.65
N VAL H 38 28.79 -4.56 4.88
CA VAL H 38 30.16 -5.05 4.72
C VAL H 38 30.94 -4.87 6.02
N PHE H 39 30.69 -3.77 6.75
CA PHE H 39 31.28 -3.56 8.06
C PHE H 39 30.91 -4.66 9.03
N GLU H 40 29.61 -4.99 9.12
CA GLU H 40 29.20 -5.98 10.10
C GLU H 40 29.62 -7.39 9.69
N ARG H 41 29.69 -7.68 8.38
CA ARG H 41 30.21 -8.98 7.94
C ARG H 41 31.70 -9.14 8.28
N ILE H 42 32.51 -8.14 7.97
CA ILE H 42 33.95 -8.24 8.21
C ILE H 42 34.24 -8.25 9.70
N ALA H 43 33.52 -7.42 10.47
CA ALA H 43 33.73 -7.38 11.92
C ALA H 43 33.26 -8.64 12.59
N GLY H 44 32.16 -9.24 12.12
CA GLY H 44 31.72 -10.52 12.68
C GLY H 44 32.67 -11.65 12.37
N GLU H 45 33.19 -11.69 11.14
CA GLU H 45 34.16 -12.73 10.79
C GLU H 45 35.47 -12.56 11.55
N ALA H 46 35.90 -11.31 11.77
CA ALA H 46 37.10 -11.07 12.54
C ALA H 46 36.90 -11.38 14.02
N SER H 47 35.71 -11.13 14.55
CA SER H 47 35.39 -11.50 15.92
C SER H 47 35.40 -13.02 16.09
N ARG H 48 34.84 -13.73 15.12
CA ARG H 48 34.88 -15.19 15.14
C ARG H 48 36.31 -15.71 15.01
N LEU H 49 37.13 -15.06 14.18
CA LEU H 49 38.53 -15.47 14.02
C LEU H 49 39.33 -15.24 15.31
N ALA H 50 39.04 -14.15 16.02
CA ALA H 50 39.71 -13.91 17.29
C ALA H 50 39.25 -14.90 18.35
N HIS H 51 37.96 -15.27 18.32
CA HIS H 51 37.46 -16.24 19.30
C HIS H 51 37.96 -17.65 19.02
N TYR H 52 38.17 -18.00 17.75
CA TYR H 52 38.61 -19.33 17.39
C TYR H 52 40.05 -19.58 17.79
N ASN H 53 40.87 -18.52 17.83
CA ASN H 53 42.28 -18.63 18.15
C ASN H 53 42.59 -18.22 19.58
N LYS H 54 41.55 -18.07 20.42
CA LYS H 54 41.66 -17.71 21.84
C LYS H 54 42.40 -16.38 22.03
N ARG H 55 42.10 -15.42 21.18
CA ARG H 55 42.74 -14.11 21.22
C ARG H 55 41.73 -13.07 21.69
N SER H 56 42.19 -12.15 22.54
CA SER H 56 41.34 -11.14 23.13
C SER H 56 41.23 -9.87 22.32
N THR H 57 42.02 -9.73 21.25
CA THR H 57 42.07 -8.49 20.49
C THR H 57 41.83 -8.76 19.01
N ILE H 58 41.33 -7.74 18.32
CA ILE H 58 41.17 -7.76 16.88
C ILE H 58 42.24 -6.85 16.30
N THR H 59 43.13 -7.43 15.51
CA THR H 59 44.22 -6.71 14.89
C THR H 59 43.97 -6.64 13.38
N SER H 60 44.95 -6.11 12.65
CA SER H 60 44.84 -6.04 11.20
C SER H 60 44.97 -7.41 10.54
N ARG H 61 45.58 -8.38 11.23
CA ARG H 61 45.65 -9.75 10.71
C ARG H 61 44.27 -10.38 10.65
N GLU H 62 43.44 -10.16 11.68
CA GLU H 62 42.09 -10.70 11.69
C GLU H 62 41.23 -10.05 10.62
N ILE H 63 41.40 -8.73 10.42
CA ILE H 63 40.65 -8.03 9.37
C ILE H 63 41.10 -8.50 8.00
N GLN H 64 42.40 -8.75 7.83
CA GLN H 64 42.93 -9.26 6.56
C GLN H 64 42.40 -10.65 6.25
N THR H 65 42.38 -11.53 7.25
CA THR H 65 41.84 -12.88 7.07
C THR H 65 40.34 -12.84 6.80
N ALA H 66 39.61 -11.95 7.46
CA ALA H 66 38.18 -11.82 7.22
C ALA H 66 37.90 -11.27 5.83
N VAL H 67 38.76 -10.37 5.34
CA VAL H 67 38.59 -9.82 3.99
C VAL H 67 38.84 -10.91 2.94
N ARG H 68 39.90 -11.69 3.11
CA ARG H 68 40.11 -12.77 2.16
C ARG H 68 39.19 -13.97 2.37
N LEU H 69 38.46 -14.02 3.48
CA LEU H 69 37.45 -15.06 3.64
C LEU H 69 36.12 -14.65 3.00
N LEU H 70 35.78 -13.36 3.08
CA LEU H 70 34.47 -12.93 2.62
C LEU H 70 34.50 -12.47 1.17
N LEU H 71 35.45 -11.61 0.81
CA LEU H 71 35.50 -11.09 -0.55
C LEU H 71 36.02 -12.15 -1.51
N PRO H 72 35.44 -12.25 -2.71
CA PRO H 72 35.88 -13.27 -3.66
C PRO H 72 36.89 -12.79 -4.69
N GLY H 73 37.89 -13.64 -4.93
CA GLY H 73 38.71 -13.51 -6.13
C GLY H 73 39.63 -12.31 -6.13
N GLU H 74 39.54 -11.51 -7.20
CA GLU H 74 40.42 -10.37 -7.38
C GLU H 74 40.07 -9.23 -6.43
N LEU H 75 38.80 -9.15 -6.02
CA LEU H 75 38.36 -8.17 -5.03
C LEU H 75 39.08 -8.36 -3.72
N ALA H 76 39.27 -9.62 -3.31
CA ALA H 76 39.94 -9.92 -2.05
C ALA H 76 41.39 -9.46 -2.07
N LYS H 77 42.15 -9.84 -3.10
CA LYS H 77 43.55 -9.47 -3.15
C LYS H 77 43.77 -7.98 -3.39
N HIS H 78 42.89 -7.31 -4.13
CA HIS H 78 43.02 -5.87 -4.28
C HIS H 78 42.67 -5.14 -3.00
N ALA H 79 41.68 -5.63 -2.24
CA ALA H 79 41.36 -5.01 -0.96
C ALA H 79 42.47 -5.25 0.07
N VAL H 80 43.12 -6.42 0.02
CA VAL H 80 44.28 -6.67 0.86
C VAL H 80 45.42 -5.73 0.52
N SER H 81 45.63 -5.46 -0.78
CA SER H 81 46.65 -4.49 -1.20
C SER H 81 46.34 -3.09 -0.69
N GLU H 82 45.08 -2.66 -0.81
CA GLU H 82 44.68 -1.33 -0.35
C GLU H 82 44.84 -1.19 1.15
N GLY H 83 44.36 -2.17 1.91
CA GLY H 83 44.48 -2.13 3.37
C GLY H 83 45.91 -2.23 3.85
N THR H 84 46.74 -3.02 3.17
CA THR H 84 48.14 -3.16 3.55
C THR H 84 48.91 -1.86 3.33
N LYS H 85 48.67 -1.20 2.18
CA LYS H 85 49.40 0.05 2.00
C LYS H 85 48.83 1.18 2.85
N ALA H 86 47.55 1.12 3.22
CA ALA H 86 47.01 2.11 4.15
C ALA H 86 47.59 1.93 5.54
N VAL H 87 47.75 0.69 5.99
CA VAL H 87 48.36 0.42 7.29
C VAL H 87 49.84 0.82 7.28
N THR H 88 50.53 0.57 6.16
CA THR H 88 51.93 0.98 6.03
C THR H 88 52.08 2.49 6.04
N LYS H 89 51.18 3.20 5.36
CA LYS H 89 51.22 4.66 5.34
C LYS H 89 50.87 5.25 6.70
N TYR H 90 49.92 4.63 7.41
CA TYR H 90 49.54 5.12 8.74
C TYR H 90 50.65 4.88 9.75
N THR H 91 51.35 3.75 9.65
CA THR H 91 52.40 3.43 10.60
C THR H 91 53.60 4.36 10.43
N SER H 92 54.06 4.54 9.19
CA SER H 92 55.19 5.43 8.90
C SER H 92 54.65 6.85 8.77
N ALA H 93 54.41 7.47 9.93
CA ALA H 93 53.90 8.84 9.96
C ALA H 93 52.50 8.88 10.56
N LYS I 1 37.00 17.31 -13.31
CA LYS I 1 36.99 16.92 -14.72
C LYS I 1 37.50 15.49 -14.90
N ILE I 2 38.81 15.31 -14.77
CA ILE I 2 39.43 14.00 -14.89
C ILE I 2 39.35 13.30 -13.53
N PRO I 3 39.08 11.99 -13.50
CA PRO I 3 39.04 11.28 -12.21
C PRO I 3 40.43 11.10 -11.63
N THR I 4 40.52 11.24 -10.32
CA THR I 4 41.76 11.03 -9.60
C THR I 4 41.93 9.61 -9.10
N ARG I 5 40.92 8.75 -9.29
CA ARG I 5 40.95 7.39 -8.80
C ARG I 5 40.46 6.44 -9.88
N PHE I 6 41.14 5.31 -10.05
CA PHE I 6 40.79 4.30 -11.03
C PHE I 6 40.81 2.93 -10.36
N SER I 7 40.35 1.93 -11.11
CA SER I 7 40.29 0.55 -10.62
C SER I 7 41.37 -0.27 -11.30
N ASN I 8 42.15 -0.99 -10.50
CA ASN I 8 43.19 -1.88 -11.02
C ASN I 8 42.67 -3.26 -11.33
N ARG I 9 41.39 -3.54 -11.04
CA ARG I 9 40.81 -4.85 -11.33
C ARG I 9 40.58 -4.99 -12.83
N GLN I 10 41.03 -6.10 -13.38
CA GLN I 10 41.03 -6.32 -14.83
C GLN I 10 39.70 -6.91 -15.31
N ASN I 11 38.63 -6.13 -15.17
CA ASN I 11 37.32 -6.58 -15.62
C ASN I 11 37.06 -6.18 -17.07
N LYS I 12 36.22 -6.98 -17.73
CA LYS I 12 35.79 -6.69 -19.09
C LYS I 12 34.77 -5.55 -19.10
N THR I 13 34.87 -4.69 -20.10
CA THR I 13 33.96 -3.55 -20.21
C THR I 13 32.55 -4.01 -20.57
N VAL I 14 31.57 -3.32 -19.99
CA VAL I 14 30.19 -3.78 -20.02
C VAL I 14 29.33 -2.65 -20.57
N ASN I 15 28.54 -2.96 -21.59
CA ASN I 15 27.56 -2.01 -22.13
C ASN I 15 26.37 -2.01 -21.18
N TYR I 16 26.14 -0.87 -20.52
CA TYR I 16 25.07 -0.72 -19.55
C TYR I 16 23.82 -0.08 -20.13
N ASN I 17 23.76 0.10 -21.44
CA ASN I 17 22.61 0.73 -22.08
C ASN I 17 21.47 -0.28 -22.13
N ILE I 18 20.41 -0.01 -21.36
CA ILE I 18 19.25 -0.89 -21.30
C ILE I 18 18.13 -0.41 -22.20
N ASP I 19 18.39 0.57 -23.05
CA ASP I 19 17.41 1.02 -24.02
C ASP I 19 17.26 -0.01 -25.13
N TYR I 20 16.02 -0.37 -25.45
CA TYR I 20 15.74 -1.39 -26.44
C TYR I 20 14.97 -0.79 -27.61
N SER I 21 15.11 -1.42 -28.77
CA SER I 21 14.32 -1.09 -29.96
C SER I 21 13.60 -2.34 -30.41
N ASP I 22 12.32 -2.21 -30.75
CA ASP I 22 11.51 -3.32 -31.20
C ASP I 22 11.52 -3.50 -32.71
N ASP I 23 12.56 -2.99 -33.39
CA ASP I 23 12.59 -2.94 -34.85
C ASP I 23 12.61 -4.34 -35.46
N ASP I 24 13.37 -5.26 -34.86
CA ASP I 24 13.39 -6.64 -35.31
C ASP I 24 12.06 -7.35 -35.11
N LEU I 25 11.19 -6.82 -34.25
CA LEU I 25 9.85 -7.35 -34.08
C LEU I 25 8.84 -6.69 -34.99
N LEU I 26 9.27 -5.72 -35.81
CA LEU I 26 8.38 -5.09 -36.79
C LEU I 26 7.87 -6.06 -37.84
N GLU I 27 8.59 -7.16 -38.07
CA GLU I 27 8.13 -8.26 -38.91
C GLU I 27 6.78 -8.82 -38.42
N SER I 28 6.52 -8.78 -37.12
CA SER I 28 5.20 -9.15 -36.61
C SER I 28 4.47 -7.96 -36.00
N GLU I 29 4.86 -6.72 -36.33
CA GLU I 29 4.22 -5.55 -35.76
C GLU I 29 3.53 -4.69 -36.81
N ASP I 30 4.21 -4.37 -37.91
CA ASP I 30 3.57 -3.61 -38.99
C ASP I 30 3.87 -4.25 -40.35
N ASP I 31 4.99 -4.96 -40.44
CA ASP I 31 5.39 -5.57 -41.70
C ASP I 31 4.67 -6.90 -41.93
N PHE I 55 -11.89 6.03 -41.27
CA PHE I 55 -12.17 5.95 -39.85
C PHE I 55 -13.66 6.14 -39.57
N HIS I 56 -14.50 5.49 -40.38
CA HIS I 56 -15.95 5.58 -40.26
C HIS I 56 -16.48 4.25 -39.74
N GLY I 57 -16.84 4.23 -38.46
CA GLY I 57 -17.41 3.04 -37.87
C GLY I 57 -18.46 3.41 -36.83
N ILE I 58 -19.07 2.38 -36.26
CA ILE I 58 -20.11 2.59 -35.25
C ILE I 58 -19.46 3.05 -33.95
N ASP I 59 -19.94 4.19 -33.43
CA ASP I 59 -19.44 4.74 -32.19
C ASP I 59 -20.47 4.64 -31.06
N ILE I 60 -21.67 5.18 -31.25
CA ILE I 60 -22.70 5.17 -30.23
C ILE I 60 -24.01 4.74 -30.90
N VAL I 61 -24.73 3.82 -30.27
CA VAL I 61 -26.06 3.44 -30.73
C VAL I 61 -27.06 4.03 -29.74
N ILE I 62 -27.95 4.89 -30.25
CA ILE I 62 -28.78 5.72 -29.38
C ILE I 62 -30.15 5.09 -29.17
N ASN I 63 -30.91 4.93 -30.25
CA ASN I 63 -32.32 4.54 -30.14
C ASN I 63 -32.64 3.47 -31.17
N HIS I 64 -33.70 2.71 -30.90
CA HIS I 64 -34.16 1.67 -31.78
C HIS I 64 -35.66 1.81 -32.02
N ARG I 65 -36.10 1.36 -33.19
CA ARG I 65 -37.50 1.42 -33.58
C ARG I 65 -38.01 0.02 -33.91
N LEU I 66 -39.25 -0.26 -33.51
CA LEU I 66 -39.79 -1.61 -33.63
C LEU I 66 -40.12 -1.99 -35.07
N LYS I 67 -40.31 -1.01 -35.96
CA LYS I 67 -40.58 -1.27 -37.36
C LYS I 67 -39.28 -1.13 -38.15
N THR I 68 -38.88 -2.20 -38.83
CA THR I 68 -37.63 -2.17 -39.59
C THR I 68 -37.80 -1.38 -40.89
N SER I 69 -38.69 -1.84 -41.76
CA SER I 69 -38.97 -1.16 -43.02
C SER I 69 -40.43 -0.74 -43.13
N LEU I 70 -41.36 -1.64 -42.84
CA LEU I 70 -42.78 -1.32 -42.90
C LEU I 70 -43.51 -2.17 -41.87
N GLU I 71 -44.72 -1.73 -41.51
CA GLU I 71 -45.54 -2.43 -40.54
C GLU I 71 -46.19 -3.63 -41.21
N GLU I 72 -45.66 -4.83 -40.94
CA GLU I 72 -46.24 -6.04 -41.52
C GLU I 72 -47.55 -6.41 -40.85
N GLY I 73 -47.61 -6.28 -39.53
CA GLY I 73 -48.83 -6.60 -38.81
C GLY I 73 -48.58 -6.58 -37.31
N LYS I 74 -49.68 -6.69 -36.57
CA LYS I 74 -49.64 -6.73 -35.11
C LYS I 74 -49.62 -8.14 -34.56
N VAL I 75 -49.55 -9.15 -35.42
CA VAL I 75 -49.55 -10.54 -34.98
C VAL I 75 -48.17 -10.92 -34.45
N LEU I 76 -48.09 -12.07 -33.78
CA LEU I 76 -46.87 -12.62 -33.18
C LEU I 76 -46.20 -11.63 -32.20
N GLU I 77 -47.03 -10.98 -31.38
CA GLU I 77 -46.54 -10.05 -30.38
C GLU I 77 -46.11 -10.75 -29.09
N LYS I 78 -46.31 -12.06 -28.98
CA LYS I 78 -45.95 -12.80 -27.79
C LYS I 78 -44.51 -13.30 -27.92
N THR I 79 -44.09 -14.15 -26.98
CA THR I 79 -42.77 -14.78 -26.88
C THR I 79 -41.63 -13.76 -26.83
N VAL I 80 -40.40 -14.21 -27.08
CA VAL I 80 -39.25 -13.32 -27.11
C VAL I 80 -38.52 -13.46 -28.44
N PRO I 81 -38.04 -12.37 -29.03
CA PRO I 81 -37.21 -12.49 -30.23
C PRO I 81 -35.79 -12.90 -29.89
N ASP I 82 -35.13 -13.54 -30.84
CA ASP I 82 -33.73 -13.91 -30.71
C ASP I 82 -32.85 -12.79 -31.27
N LEU I 83 -31.55 -13.06 -31.39
CA LEU I 83 -30.66 -12.06 -31.96
C LEU I 83 -30.84 -11.94 -33.47
N ASN I 84 -30.99 -13.09 -34.15
CA ASN I 84 -31.24 -13.05 -35.59
C ASN I 84 -32.65 -12.57 -35.92
N ASN I 85 -33.60 -12.72 -35.00
CA ASN I 85 -34.92 -12.14 -35.18
C ASN I 85 -34.85 -10.62 -35.07
N CYS I 86 -34.07 -10.12 -34.11
CA CYS I 86 -33.88 -8.68 -33.96
C CYS I 86 -32.96 -8.09 -35.02
N LYS I 87 -32.20 -8.91 -35.74
CA LYS I 87 -31.35 -8.41 -36.81
C LYS I 87 -32.15 -7.92 -38.01
N GLU I 88 -33.39 -8.39 -38.17
CA GLU I 88 -34.22 -7.99 -39.30
C GLU I 88 -35.49 -7.25 -38.87
N ASN I 89 -35.71 -7.05 -37.57
CA ASN I 89 -36.94 -6.44 -37.09
C ASN I 89 -36.76 -5.01 -36.58
N TYR I 90 -35.55 -4.61 -36.21
CA TYR I 90 -35.32 -3.30 -35.62
C TYR I 90 -34.34 -2.50 -36.48
N GLU I 91 -34.49 -1.19 -36.44
CA GLU I 91 -33.53 -0.26 -37.02
C GLU I 91 -33.00 0.64 -35.91
N PHE I 92 -31.69 0.88 -35.93
CA PHE I 92 -30.99 1.52 -34.82
C PHE I 92 -30.45 2.87 -35.24
N LEU I 93 -30.51 3.83 -34.33
CA LEU I 93 -29.93 5.15 -34.54
C LEU I 93 -28.45 5.11 -34.23
N ILE I 94 -27.62 5.46 -35.21
CA ILE I 94 -26.17 5.33 -35.11
C ILE I 94 -25.53 6.70 -35.17
N LYS I 95 -24.73 7.02 -34.16
CA LYS I 95 -23.75 8.10 -34.22
C LYS I 95 -22.41 7.47 -34.57
N TRP I 96 -21.81 7.93 -35.65
CA TRP I 96 -20.64 7.30 -36.23
C TRP I 96 -19.37 7.87 -35.62
N THR I 97 -18.25 7.21 -35.94
CA THR I 97 -16.95 7.66 -35.48
C THR I 97 -16.55 8.94 -36.21
N ASP I 98 -16.05 9.91 -35.43
CA ASP I 98 -15.63 11.24 -35.91
C ASP I 98 -16.76 11.98 -36.62
N GLU I 99 -17.93 11.98 -35.98
CA GLU I 99 -19.08 12.70 -36.51
C GLU I 99 -19.61 13.67 -35.47
N SER I 100 -20.77 14.28 -35.73
CA SER I 100 -21.18 15.47 -35.01
C SER I 100 -22.56 15.36 -34.38
N HIS I 101 -23.09 14.14 -34.22
CA HIS I 101 -24.42 13.84 -33.69
C HIS I 101 -25.57 14.44 -34.49
N LEU I 102 -25.29 14.95 -35.69
CA LEU I 102 -26.31 15.39 -36.63
C LEU I 102 -26.40 14.47 -37.83
N HIS I 103 -25.36 13.68 -38.08
CA HIS I 103 -25.35 12.66 -39.11
C HIS I 103 -25.70 11.29 -38.56
N ASN I 104 -26.50 11.25 -37.50
CA ASN I 104 -26.99 9.98 -36.96
C ASN I 104 -27.97 9.36 -37.93
N THR I 105 -27.75 8.09 -38.24
CA THR I 105 -28.50 7.41 -39.28
C THR I 105 -29.28 6.24 -38.72
N TRP I 106 -30.50 6.05 -39.21
CA TRP I 106 -31.32 4.89 -38.85
C TRP I 106 -30.93 3.74 -39.78
N GLU I 107 -30.24 2.76 -39.24
CA GLU I 107 -29.64 1.69 -40.04
C GLU I 107 -30.15 0.33 -39.58
N THR I 108 -29.70 -0.70 -40.31
CA THR I 108 -30.10 -2.08 -40.08
C THR I 108 -28.83 -2.91 -40.24
N TYR I 109 -28.84 -4.12 -39.64
CA TYR I 109 -27.68 -5.01 -39.69
C TYR I 109 -27.30 -5.37 -41.13
N GLU I 110 -28.28 -5.63 -41.99
CA GLU I 110 -27.98 -5.87 -43.39
C GLU I 110 -27.58 -4.60 -44.13
N SER I 111 -28.00 -3.43 -43.64
CA SER I 111 -27.62 -2.17 -44.26
C SER I 111 -26.24 -1.69 -43.84
N ILE I 112 -25.65 -2.27 -42.81
CA ILE I 112 -24.33 -1.88 -42.35
C ILE I 112 -23.24 -2.65 -43.08
N GLY I 113 -23.36 -3.97 -43.11
CA GLY I 113 -22.31 -4.82 -43.70
C GLY I 113 -21.33 -5.33 -42.65
N GLN I 114 -20.11 -4.81 -42.69
CA GLN I 114 -19.10 -5.18 -41.69
C GLN I 114 -18.18 -3.96 -41.50
N VAL I 115 -18.49 -3.15 -40.49
CA VAL I 115 -17.68 -2.01 -40.12
C VAL I 115 -17.20 -2.23 -38.69
N ARG I 116 -16.25 -1.39 -38.27
CA ARG I 116 -15.76 -1.46 -36.90
C ARG I 116 -16.82 -0.93 -35.93
N GLY I 117 -16.84 -1.49 -34.73
CA GLY I 117 -17.83 -1.12 -33.74
C GLY I 117 -19.13 -1.89 -33.80
N LEU I 118 -19.17 -3.02 -34.53
CA LEU I 118 -20.38 -3.84 -34.56
C LEU I 118 -20.63 -4.54 -33.23
N LYS I 119 -19.58 -4.72 -32.43
CA LYS I 119 -19.75 -5.28 -31.09
C LYS I 119 -20.53 -4.34 -30.19
N ARG I 120 -20.39 -3.03 -30.38
CA ARG I 120 -21.20 -2.06 -29.65
C ARG I 120 -22.67 -2.19 -30.00
N LEU I 121 -22.98 -2.38 -31.29
CA LEU I 121 -24.36 -2.60 -31.72
C LEU I 121 -24.92 -3.90 -31.16
N ASP I 122 -24.10 -4.96 -31.15
CA ASP I 122 -24.52 -6.23 -30.58
C ASP I 122 -24.78 -6.12 -29.08
N ASN I 123 -23.92 -5.39 -28.36
CA ASN I 123 -24.10 -5.19 -26.92
C ASN I 123 -25.35 -4.37 -26.63
N TYR I 124 -25.59 -3.32 -27.43
CA TYR I 124 -26.79 -2.50 -27.31
C TYR I 124 -28.04 -3.35 -27.49
N CYS I 125 -28.10 -4.08 -28.61
CA CYS I 125 -29.23 -4.93 -28.95
C CYS I 125 -29.47 -5.96 -27.85
N LYS I 126 -28.40 -6.61 -27.39
CA LYS I 126 -28.47 -7.62 -26.35
C LYS I 126 -29.07 -7.05 -25.06
N GLN I 127 -28.38 -6.11 -24.41
CA GLN I 127 -28.79 -5.77 -23.06
C GLN I 127 -30.05 -4.92 -23.06
N PHE I 128 -30.18 -3.93 -23.97
CA PHE I 128 -31.42 -3.15 -24.02
C PHE I 128 -32.62 -4.00 -24.44
N ILE I 129 -32.54 -4.72 -25.58
CA ILE I 129 -33.73 -5.38 -26.09
C ILE I 129 -34.14 -6.56 -25.21
N ILE I 130 -33.19 -7.43 -24.84
CA ILE I 130 -33.56 -8.59 -24.02
C ILE I 130 -33.93 -8.19 -22.60
N GLU I 131 -33.19 -7.26 -21.97
CA GLU I 131 -33.57 -6.85 -20.62
C GLU I 131 -34.87 -6.05 -20.59
N ASP I 132 -35.14 -5.23 -21.61
CA ASP I 132 -36.40 -4.50 -21.68
C ASP I 132 -37.57 -5.46 -21.92
N GLN I 133 -37.39 -6.46 -22.78
CA GLN I 133 -38.49 -7.40 -23.01
C GLN I 133 -38.70 -8.34 -21.84
N GLN I 134 -37.66 -8.65 -21.04
CA GLN I 134 -37.89 -9.51 -19.90
C GLN I 134 -38.47 -8.72 -18.72
N VAL I 135 -38.16 -7.42 -18.62
CA VAL I 135 -38.82 -6.64 -17.58
C VAL I 135 -40.24 -6.25 -18.00
N ARG I 136 -40.54 -6.23 -19.31
CA ARG I 136 -41.92 -6.05 -19.75
C ARG I 136 -42.75 -7.32 -19.55
N LEU I 137 -42.17 -8.48 -19.86
CA LEU I 137 -42.93 -9.73 -19.88
C LEU I 137 -42.91 -10.49 -18.55
N ASP I 138 -42.21 -9.99 -17.53
CA ASP I 138 -42.23 -10.71 -16.27
C ASP I 138 -43.51 -10.42 -15.50
N PRO I 139 -43.99 -11.39 -14.71
CA PRO I 139 -45.20 -11.14 -13.91
C PRO I 139 -44.88 -10.49 -12.58
N TYR I 140 -43.64 -10.65 -12.12
CA TYR I 140 -43.19 -10.07 -10.85
C TYR I 140 -42.57 -8.70 -11.04
N VAL I 141 -43.29 -7.80 -11.70
CA VAL I 141 -42.83 -6.43 -11.94
C VAL I 141 -43.90 -5.48 -11.42
N THR I 142 -43.52 -4.61 -10.48
CA THR I 142 -44.43 -3.63 -9.93
C THR I 142 -44.47 -2.39 -10.82
N ALA I 143 -45.38 -1.47 -10.49
CA ALA I 143 -45.51 -0.24 -11.25
C ALA I 143 -44.36 0.72 -10.99
N GLU I 144 -43.79 0.66 -9.78
CA GLU I 144 -42.69 1.57 -9.43
C GLU I 144 -41.45 1.28 -10.25
N ASP I 145 -41.11 0.00 -10.43
CA ASP I 145 -39.93 -0.37 -11.22
C ASP I 145 -40.11 0.02 -12.69
N ILE I 146 -41.32 -0.17 -13.23
CA ILE I 146 -41.53 0.13 -14.64
C ILE I 146 -41.57 1.64 -14.87
N GLU I 147 -42.05 2.44 -13.90
CA GLU I 147 -42.00 3.88 -14.11
C GLU I 147 -40.59 4.43 -13.90
N ILE I 148 -39.79 3.84 -13.00
CA ILE I 148 -38.39 4.22 -12.87
C ILE I 148 -37.62 3.90 -14.15
N MET I 149 -37.87 2.72 -14.75
CA MET I 149 -37.21 2.37 -16.01
C MET I 149 -37.66 3.29 -17.14
N ASP I 150 -38.94 3.67 -17.16
CA ASP I 150 -39.44 4.58 -18.19
C ASP I 150 -38.84 5.98 -18.05
N MET I 151 -38.68 6.47 -16.80
CA MET I 151 -38.15 7.82 -16.65
C MET I 151 -36.65 7.87 -16.93
N GLU I 152 -35.90 6.80 -16.58
CA GLU I 152 -34.49 6.81 -16.98
C GLU I 152 -34.33 6.57 -18.48
N ARG I 153 -35.29 5.89 -19.10
CA ARG I 153 -35.30 5.68 -20.55
C ARG I 153 -35.45 7.02 -21.28
N GLU I 154 -36.46 7.81 -20.87
CA GLU I 154 -36.65 9.12 -21.50
C GLU I 154 -35.59 10.12 -21.06
N ARG I 155 -34.98 9.94 -19.89
CA ARG I 155 -33.84 10.76 -19.49
C ARG I 155 -32.65 10.53 -20.41
N ARG I 156 -32.39 9.25 -20.76
CA ARG I 156 -31.33 8.92 -21.69
C ARG I 156 -31.59 9.51 -23.07
N LEU I 157 -32.86 9.45 -23.53
CA LEU I 157 -33.20 10.03 -24.82
C LEU I 157 -33.10 11.55 -24.83
N ASP I 158 -33.47 12.23 -23.74
CA ASP I 158 -33.33 13.68 -23.68
C ASP I 158 -31.86 14.10 -23.59
N GLU I 159 -31.04 13.32 -22.87
CA GLU I 159 -29.61 13.60 -22.81
C GLU I 159 -28.95 13.40 -24.17
N PHE I 160 -29.37 12.39 -24.93
CA PHE I 160 -28.81 12.19 -26.26
C PHE I 160 -29.35 13.20 -27.27
N GLU I 161 -30.59 13.68 -27.07
CA GLU I 161 -31.16 14.66 -27.98
C GLU I 161 -30.58 16.05 -27.73
N GLU I 162 -30.04 16.28 -26.53
CA GLU I 162 -29.37 17.54 -26.23
C GLU I 162 -28.09 17.74 -27.07
N PHE I 163 -27.47 16.65 -27.54
CA PHE I 163 -26.23 16.75 -28.29
C PHE I 163 -26.39 17.36 -29.67
N HIS I 164 -27.62 17.43 -30.19
CA HIS I 164 -27.85 18.01 -31.52
C HIS I 164 -27.66 19.53 -31.50
N VAL I 165 -27.98 20.17 -30.39
CA VAL I 165 -27.96 21.64 -30.32
C VAL I 165 -26.51 22.10 -30.17
N PRO I 166 -26.06 23.06 -30.98
CA PRO I 166 -24.73 23.64 -30.76
C PRO I 166 -24.73 24.58 -29.56
N GLU I 167 -23.57 24.74 -28.96
CA GLU I 167 -23.38 25.63 -27.82
C GLU I 167 -22.45 26.78 -28.12
N ARG I 168 -21.42 26.55 -28.92
CA ARG I 168 -20.40 27.56 -29.18
C ARG I 168 -19.68 27.21 -30.47
N ILE I 169 -19.40 28.23 -31.28
CA ILE I 169 -18.59 28.09 -32.49
C ILE I 169 -17.17 28.55 -32.15
N ILE I 170 -16.20 27.68 -32.37
CA ILE I 170 -14.83 27.94 -31.96
C ILE I 170 -14.10 28.74 -33.04
N ASP I 171 -13.99 28.18 -34.23
CA ASP I 171 -13.19 28.78 -35.29
C ASP I 171 -13.81 28.45 -36.64
N SER I 172 -13.51 29.29 -37.63
CA SER I 172 -13.99 29.10 -38.98
C SER I 172 -12.81 28.92 -39.93
N GLN I 173 -13.04 28.17 -41.00
CA GLN I 173 -12.00 27.92 -41.99
C GLN I 173 -12.63 27.83 -43.37
N ARG I 174 -11.80 27.92 -44.40
CA ARG I 174 -12.20 27.71 -45.78
C ARG I 174 -11.56 26.41 -46.25
N ALA I 175 -12.36 25.37 -46.39
CA ALA I 175 -11.86 24.05 -46.75
C ALA I 175 -12.31 23.69 -48.16
N SER I 176 -11.42 23.05 -48.91
CA SER I 176 -11.70 22.63 -50.27
C SER I 176 -12.07 21.16 -50.28
N LEU I 177 -13.26 20.85 -50.77
CA LEU I 177 -13.75 19.48 -50.85
C LEU I 177 -13.34 18.87 -52.19
N GLU I 178 -13.89 17.71 -52.51
CA GLU I 178 -13.62 17.05 -53.78
C GLU I 178 -14.35 17.79 -54.89
N ASP I 179 -13.64 18.70 -55.56
CA ASP I 179 -14.15 19.59 -56.60
C ASP I 179 -15.34 20.41 -56.10
N GLY I 180 -15.26 20.89 -54.87
CA GLY I 180 -16.32 21.69 -54.28
C GLY I 180 -15.92 23.14 -54.09
N THR I 181 -14.84 23.55 -54.77
CA THR I 181 -14.25 24.89 -54.73
C THR I 181 -13.88 25.21 -53.28
N SER I 182 -14.47 26.22 -52.65
CA SER I 182 -14.18 26.56 -51.27
C SER I 182 -15.48 26.55 -50.47
N GLN I 183 -15.42 25.96 -49.28
CA GLN I 183 -16.58 25.85 -48.40
C GLN I 183 -16.24 26.40 -47.03
N LEU I 184 -17.16 27.16 -46.45
CA LEU I 184 -16.98 27.70 -45.11
C LEU I 184 -17.32 26.62 -44.09
N GLN I 185 -16.35 26.28 -43.24
CA GLN I 185 -16.49 25.21 -42.27
C GLN I 185 -16.34 25.78 -40.87
N TYR I 186 -17.33 25.54 -40.02
CA TYR I 186 -17.35 26.00 -38.64
C TYR I 186 -16.91 24.90 -37.70
N LEU I 187 -16.14 25.26 -36.68
CA LEU I 187 -15.78 24.35 -35.62
C LEU I 187 -16.79 24.50 -34.49
N VAL I 188 -17.57 23.46 -34.24
CA VAL I 188 -18.76 23.52 -33.41
C VAL I 188 -18.54 22.69 -32.16
N LYS I 189 -18.81 23.30 -31.00
CA LYS I 189 -18.94 22.62 -29.73
C LYS I 189 -20.42 22.43 -29.42
N TRP I 190 -20.74 21.33 -28.73
CA TRP I 190 -22.12 20.98 -28.45
C TRP I 190 -22.44 21.26 -26.98
N ARG I 191 -23.69 20.97 -26.59
CA ARG I 191 -24.20 21.44 -25.29
C ARG I 191 -23.55 20.70 -24.14
N ARG I 192 -23.78 19.40 -24.04
CA ARG I 192 -23.21 18.60 -22.97
C ARG I 192 -21.93 17.88 -23.39
N LEU I 193 -21.55 18.00 -24.65
CA LEU I 193 -20.28 17.44 -25.11
C LEU I 193 -19.15 18.40 -24.79
N ASN I 194 -17.92 17.93 -24.98
CA ASN I 194 -16.74 18.69 -24.65
C ASN I 194 -15.99 19.06 -25.93
N TYR I 195 -14.81 19.66 -25.75
CA TYR I 195 -14.03 20.17 -26.88
C TYR I 195 -13.35 19.08 -27.70
N ASP I 196 -13.24 17.85 -27.18
CA ASP I 196 -12.78 16.75 -28.02
C ASP I 196 -13.88 16.16 -28.87
N GLU I 197 -15.14 16.55 -28.65
CA GLU I 197 -16.21 16.27 -29.60
C GLU I 197 -16.52 17.44 -30.51
N ALA I 198 -15.71 18.51 -30.47
CA ALA I 198 -15.92 19.64 -31.36
C ALA I 198 -15.58 19.24 -32.79
N THR I 199 -16.49 19.56 -33.72
CA THR I 199 -16.42 19.00 -35.06
C THR I 199 -16.51 20.09 -36.11
N TRP I 200 -15.97 19.80 -37.28
CA TRP I 200 -16.07 20.69 -38.43
C TRP I 200 -17.36 20.41 -39.17
N GLU I 201 -18.16 21.44 -39.39
CA GLU I 201 -19.48 21.32 -39.99
C GLU I 201 -19.66 22.39 -41.05
N ASN I 202 -20.63 22.16 -41.94
CA ASN I 202 -20.97 23.14 -42.96
C ASN I 202 -21.53 24.40 -42.34
N ALA I 203 -21.30 25.53 -42.99
CA ALA I 203 -21.78 26.80 -42.45
C ALA I 203 -23.28 26.97 -42.65
N THR I 204 -23.82 26.42 -43.75
CA THR I 204 -25.18 26.73 -44.17
C THR I 204 -26.22 26.17 -43.20
N ASP I 205 -26.10 24.88 -42.87
CA ASP I 205 -27.05 24.30 -41.93
C ASP I 205 -26.86 24.81 -40.50
N ILE I 206 -25.63 25.14 -40.12
CA ILE I 206 -25.36 25.70 -38.79
C ILE I 206 -26.02 27.07 -38.64
N VAL I 207 -25.94 27.92 -39.67
CA VAL I 207 -26.68 29.17 -39.66
C VAL I 207 -28.19 28.92 -39.72
N LYS I 208 -28.61 27.90 -40.48
CA LYS I 208 -30.03 27.62 -40.67
C LYS I 208 -30.73 27.12 -39.41
N LEU I 209 -30.04 26.38 -38.54
CA LEU I 209 -30.72 25.81 -37.39
C LEU I 209 -30.54 26.66 -36.13
N ALA I 210 -29.34 27.21 -35.93
CA ALA I 210 -29.05 28.05 -34.76
C ALA I 210 -28.24 29.27 -35.18
N PRO I 211 -28.91 30.33 -35.66
CA PRO I 211 -28.16 31.51 -36.11
C PRO I 211 -27.70 32.42 -34.98
N GLU I 212 -28.26 32.30 -33.78
CA GLU I 212 -27.87 33.15 -32.67
C GLU I 212 -26.44 32.88 -32.21
N GLN I 213 -26.05 31.61 -32.20
CA GLN I 213 -24.68 31.25 -31.85
C GLN I 213 -23.70 31.71 -32.93
N VAL I 214 -24.11 31.68 -34.20
CA VAL I 214 -23.29 32.21 -35.28
C VAL I 214 -23.09 33.71 -35.11
N LYS I 215 -24.16 34.43 -34.80
CA LYS I 215 -24.09 35.87 -34.57
C LYS I 215 -23.22 36.21 -33.36
N HIS I 216 -23.30 35.39 -32.31
CA HIS I 216 -22.38 35.53 -31.18
C HIS I 216 -20.94 35.25 -31.59
N PHE I 217 -20.72 34.34 -32.54
CA PHE I 217 -19.37 34.09 -33.02
C PHE I 217 -18.81 35.29 -33.78
N GLN I 218 -19.60 35.90 -34.68
CA GLN I 218 -19.08 37.10 -35.35
C GLN I 218 -18.97 38.28 -34.39
N ASN I 219 -19.80 38.32 -33.34
CA ASN I 219 -19.62 39.34 -32.32
C ASN I 219 -18.32 39.12 -31.55
N ARG I 220 -17.98 37.86 -31.29
CA ARG I 220 -16.71 37.54 -30.66
C ARG I 220 -15.51 37.77 -31.57
N GLU I 221 -15.73 37.77 -32.88
CA GLU I 221 -14.61 37.91 -33.80
C GLU I 221 -14.06 39.34 -33.78
N ASN I 222 -14.85 40.31 -34.23
CA ASN I 222 -14.46 41.72 -34.15
C ASN I 222 -15.04 42.37 -32.89
N SER I 223 -14.70 41.80 -31.75
CA SER I 223 -15.17 42.32 -30.48
C SER I 223 -14.37 43.57 -30.09
N LYS I 224 -15.03 44.46 -29.35
CA LYS I 224 -14.41 45.69 -28.88
C LYS I 224 -13.78 45.55 -27.50
N ILE I 225 -13.89 44.38 -26.88
CA ILE I 225 -13.31 44.13 -25.57
C ILE I 225 -12.30 42.98 -25.72
N LEU I 226 -11.03 43.31 -25.52
CA LEU I 226 -9.92 42.37 -25.57
C LEU I 226 -9.02 42.61 -24.37
N PRO I 227 -8.25 41.60 -23.96
CA PRO I 227 -7.20 41.85 -22.96
C PRO I 227 -6.13 42.84 -23.40
N GLN I 228 -5.89 42.97 -24.70
CA GLN I 228 -4.92 43.92 -25.19
C GLN I 228 -5.41 45.37 -25.14
N TYR I 229 -6.72 45.59 -24.98
CA TYR I 229 -7.29 46.92 -24.89
C TYR I 229 -7.54 47.35 -23.44
N SER I 230 -6.97 46.64 -22.48
CA SER I 230 -7.22 46.92 -21.08
C SER I 230 -6.50 48.18 -20.63
N SER I 231 -7.07 48.85 -19.63
CA SER I 231 -6.43 50.01 -19.03
C SER I 231 -5.28 49.57 -18.13
N ASN I 232 -4.46 50.54 -17.74
CA ASN I 232 -3.25 50.26 -16.98
C ASN I 232 -3.26 50.95 -15.62
N TYR I 233 -4.36 50.80 -14.89
CA TYR I 233 -4.50 51.37 -13.56
C TYR I 233 -3.48 50.77 -12.58
N THR I 234 -2.46 51.54 -12.23
CA THR I 234 -1.43 51.12 -11.28
C THR I 234 -1.47 52.12 -10.12
N SER I 235 -2.26 51.77 -9.10
CA SER I 235 -2.53 52.61 -7.91
C SER I 235 -3.09 53.98 -8.29
N GLN I 236 -3.86 54.04 -9.37
CA GLN I 236 -4.49 55.26 -9.83
C GLN I 236 -5.91 54.97 -10.30
N ARG I 237 -6.58 54.06 -9.60
CA ARG I 237 -7.93 53.68 -9.98
C ARG I 237 -8.91 54.80 -9.63
N PRO I 238 -9.90 55.06 -10.48
CA PRO I 238 -10.82 56.18 -10.23
C PRO I 238 -11.76 55.90 -9.07
N ARG I 239 -12.27 56.98 -8.50
CA ARG I 239 -13.23 56.88 -7.41
C ARG I 239 -14.56 56.33 -7.92
N PHE I 240 -15.21 55.52 -7.10
CA PHE I 240 -16.44 54.84 -7.48
C PHE I 240 -17.63 55.54 -6.84
N GLU I 241 -18.59 55.96 -7.66
CA GLU I 241 -19.84 56.51 -7.17
C GLU I 241 -20.86 55.38 -6.98
N LYS I 242 -21.69 55.53 -5.95
CA LYS I 242 -22.67 54.49 -5.62
C LYS I 242 -23.74 54.40 -6.69
N LEU I 243 -24.01 53.17 -7.14
CA LEU I 243 -25.03 52.92 -8.16
C LEU I 243 -26.35 52.62 -7.47
N SER I 244 -27.31 53.53 -7.62
CA SER I 244 -28.65 53.32 -7.08
C SER I 244 -29.57 52.61 -8.06
N VAL I 245 -29.10 52.36 -9.29
CA VAL I 245 -29.90 51.71 -10.32
C VAL I 245 -29.03 50.64 -10.95
N GLN I 246 -29.66 49.67 -11.60
CA GLN I 246 -28.94 48.62 -12.30
C GLN I 246 -28.20 49.20 -13.50
N PRO I 247 -26.92 48.86 -13.68
CA PRO I 247 -26.18 49.39 -14.82
C PRO I 247 -26.69 48.79 -16.13
N PRO I 248 -26.58 49.52 -17.23
CA PRO I 248 -27.18 49.05 -18.50
C PRO I 248 -26.44 47.91 -19.17
N PHE I 249 -25.14 47.75 -18.94
CA PHE I 249 -24.41 46.67 -19.60
C PHE I 249 -24.71 45.30 -19.01
N ILE I 250 -25.27 45.24 -17.81
CA ILE I 250 -25.73 43.99 -17.22
C ILE I 250 -27.18 43.83 -17.65
N LYS I 251 -27.41 43.00 -18.66
CA LYS I 251 -28.77 42.86 -19.21
C LYS I 251 -29.61 41.93 -18.34
N GLY I 252 -29.25 40.64 -18.32
CA GLY I 252 -29.80 39.59 -17.47
C GLY I 252 -31.28 39.55 -17.20
N GLY I 253 -31.63 39.59 -15.92
CA GLY I 253 -32.99 39.77 -15.49
C GLY I 253 -33.17 41.10 -14.79
N GLU I 254 -33.20 41.07 -13.46
CA GLU I 254 -33.28 42.29 -12.66
C GLU I 254 -32.53 42.06 -11.36
N LEU I 255 -31.51 42.89 -11.10
CA LEU I 255 -30.77 42.79 -9.86
C LEU I 255 -31.62 43.31 -8.70
N ARG I 256 -31.53 42.61 -7.56
CA ARG I 256 -32.25 43.04 -6.38
C ARG I 256 -31.44 44.10 -5.63
N ASP I 257 -32.03 44.62 -4.55
CA ASP I 257 -31.42 45.74 -3.84
C ASP I 257 -30.16 45.31 -3.09
N PHE I 258 -30.19 44.15 -2.44
CA PHE I 258 -29.01 43.66 -1.73
C PHE I 258 -27.92 43.23 -2.70
N GLN I 259 -28.29 42.75 -3.89
CA GLN I 259 -27.30 42.42 -4.92
C GLN I 259 -26.63 43.68 -5.45
N LEU I 260 -27.40 44.76 -5.63
CA LEU I 260 -26.82 46.03 -6.04
C LEU I 260 -25.92 46.62 -4.96
N THR I 261 -26.31 46.44 -3.69
CA THR I 261 -25.46 46.85 -2.58
C THR I 261 -24.16 46.05 -2.56
N GLY I 262 -24.25 44.76 -2.88
CA GLY I 262 -23.04 43.95 -3.00
C GLY I 262 -22.16 44.38 -4.16
N ILE I 263 -22.78 44.77 -5.28
CA ILE I 263 -22.04 45.31 -6.43
C ILE I 263 -21.28 46.57 -6.05
N ASN I 264 -21.96 47.47 -5.31
CA ASN I 264 -21.32 48.69 -4.82
C ASN I 264 -20.18 48.37 -3.86
N TRP I 265 -20.35 47.35 -3.01
CA TRP I 265 -19.30 46.97 -2.07
C TRP I 265 -18.07 46.41 -2.77
N MET I 266 -18.27 45.52 -3.74
CA MET I 266 -17.14 44.97 -4.49
C MET I 266 -16.44 46.01 -5.34
N ALA I 267 -17.19 46.93 -5.94
CA ALA I 267 -16.56 48.00 -6.72
C ALA I 267 -15.81 48.98 -5.83
N PHE I 268 -16.36 49.29 -4.65
CA PHE I 268 -15.68 50.16 -3.70
C PHE I 268 -14.42 49.51 -3.14
N LEU I 269 -14.45 48.20 -2.91
CA LEU I 269 -13.25 47.51 -2.46
C LEU I 269 -12.21 47.41 -3.57
N TRP I 270 -12.64 47.28 -4.82
CA TRP I 270 -11.68 47.26 -5.92
C TRP I 270 -11.06 48.62 -6.16
N SER I 271 -11.81 49.70 -5.94
CA SER I 271 -11.28 51.05 -6.15
C SER I 271 -10.21 51.40 -5.13
N LYS I 272 -10.29 50.81 -3.93
CA LYS I 272 -9.25 51.00 -2.92
C LYS I 272 -8.07 50.05 -3.10
N GLY I 273 -8.14 49.13 -4.06
CA GLY I 273 -7.08 48.16 -4.25
C GLY I 273 -7.07 47.03 -3.24
N ASP I 274 -8.24 46.65 -2.74
CA ASP I 274 -8.34 45.65 -1.70
C ASP I 274 -9.08 44.42 -2.21
N ASN I 275 -8.87 43.30 -1.52
CA ASN I 275 -9.52 42.04 -1.82
C ASN I 275 -10.58 41.75 -0.76
N GLY I 276 -11.50 40.83 -1.09
CA GLY I 276 -12.63 40.61 -0.21
C GLY I 276 -13.17 39.20 -0.23
N ILE I 277 -14.02 38.93 0.76
CA ILE I 277 -14.78 37.69 0.88
C ILE I 277 -16.25 38.05 0.78
N LEU I 278 -16.93 37.49 -0.21
CA LEU I 278 -18.38 37.63 -0.32
C LEU I 278 -19.00 36.50 0.48
N ALA I 279 -19.33 36.78 1.74
CA ALA I 279 -19.72 35.75 2.69
C ALA I 279 -21.23 35.63 2.85
N ASP I 280 -21.99 35.90 1.79
CA ASP I 280 -23.43 35.80 1.84
C ASP I 280 -23.86 34.33 1.94
N GLU I 281 -25.02 34.11 2.57
CA GLU I 281 -25.54 32.76 2.69
C GLU I 281 -26.06 32.26 1.34
N MET I 282 -26.19 30.94 1.24
CA MET I 282 -26.60 30.30 -0.01
C MET I 282 -28.05 30.65 -0.33
N GLY I 283 -28.33 30.79 -1.64
CA GLY I 283 -29.63 31.19 -2.10
C GLY I 283 -29.77 32.67 -2.38
N LEU I 284 -28.79 33.48 -1.98
CA LEU I 284 -28.83 34.91 -2.23
C LEU I 284 -28.27 35.31 -3.59
N GLY I 285 -27.79 34.34 -4.37
CA GLY I 285 -27.31 34.64 -5.70
C GLY I 285 -25.94 35.29 -5.72
N LYS I 286 -24.95 34.63 -5.14
CA LYS I 286 -23.58 35.15 -5.16
C LYS I 286 -22.97 35.06 -6.56
N THR I 287 -23.39 34.06 -7.34
CA THR I 287 -22.94 33.91 -8.72
C THR I 287 -23.36 35.09 -9.57
N VAL I 288 -24.62 35.54 -9.41
CA VAL I 288 -25.11 36.69 -10.16
C VAL I 288 -24.36 37.96 -9.78
N GLN I 289 -24.05 38.11 -8.48
CA GLN I 289 -23.30 39.27 -8.01
C GLN I 289 -21.89 39.30 -8.59
N THR I 290 -21.19 38.18 -8.58
CA THR I 290 -19.83 38.23 -9.10
C THR I 290 -19.77 38.28 -10.64
N VAL I 291 -20.79 37.74 -11.33
CA VAL I 291 -20.85 37.90 -12.78
C VAL I 291 -21.13 39.36 -13.14
N ALA I 292 -22.02 40.02 -12.39
CA ALA I 292 -22.27 41.43 -12.63
C ALA I 292 -21.07 42.30 -12.25
N PHE I 293 -20.28 41.88 -11.25
CA PHE I 293 -19.06 42.61 -10.94
C PHE I 293 -18.01 42.43 -12.02
N ILE I 294 -17.93 41.24 -12.60
CA ILE I 294 -17.03 41.00 -13.75
C ILE I 294 -17.45 41.86 -14.93
N SER I 295 -18.76 41.97 -15.16
CA SER I 295 -19.28 42.83 -16.23
C SER I 295 -18.97 44.31 -15.96
N TRP I 296 -19.05 44.74 -14.70
CA TRP I 296 -18.68 46.11 -14.35
C TRP I 296 -17.18 46.35 -14.53
N LEU I 297 -16.37 45.36 -14.17
CA LEU I 297 -14.92 45.48 -14.34
C LEU I 297 -14.52 45.52 -15.80
N ILE I 298 -15.26 44.82 -16.65
CA ILE I 298 -14.95 44.80 -18.08
C ILE I 298 -15.46 46.05 -18.78
N PHE I 299 -16.71 46.43 -18.52
CA PHE I 299 -17.34 47.48 -19.31
C PHE I 299 -17.05 48.87 -18.76
N ALA I 300 -17.17 49.06 -17.45
CA ALA I 300 -17.07 50.40 -16.89
C ALA I 300 -15.60 50.83 -16.73
N ARG I 301 -14.80 50.01 -16.07
CA ARG I 301 -13.41 50.37 -15.78
C ARG I 301 -12.43 49.90 -16.85
N ARG I 302 -12.94 49.25 -17.91
CA ARG I 302 -12.14 48.77 -19.06
C ARG I 302 -11.03 47.81 -18.65
N GLN I 303 -11.24 47.07 -17.57
CA GLN I 303 -10.30 46.03 -17.14
C GLN I 303 -10.75 44.68 -17.68
N ASN I 304 -10.77 44.60 -19.01
CA ASN I 304 -11.35 43.46 -19.73
C ASN I 304 -10.34 42.37 -20.02
N GLY I 305 -9.31 42.23 -19.19
CA GLY I 305 -8.26 41.28 -19.45
C GLY I 305 -8.64 39.87 -19.04
N PRO I 306 -7.62 39.02 -18.87
CA PRO I 306 -7.90 37.63 -18.49
C PRO I 306 -8.30 37.50 -17.03
N HIS I 307 -9.56 37.17 -16.79
CA HIS I 307 -10.04 36.86 -15.46
C HIS I 307 -10.21 35.35 -15.31
N ILE I 308 -10.00 34.85 -14.10
CA ILE I 308 -10.13 33.42 -13.82
C ILE I 308 -11.13 33.23 -12.69
N ILE I 309 -12.04 32.29 -12.85
CA ILE I 309 -12.98 31.89 -11.81
C ILE I 309 -12.82 30.39 -11.60
N VAL I 310 -12.46 30.01 -10.38
CA VAL I 310 -12.22 28.62 -10.00
C VAL I 310 -13.39 28.16 -9.14
N VAL I 311 -14.13 27.17 -9.63
CA VAL I 311 -15.39 26.75 -9.03
C VAL I 311 -15.33 25.25 -8.80
N PRO I 312 -16.20 24.72 -7.93
CA PRO I 312 -16.42 23.27 -7.93
C PRO I 312 -17.09 22.83 -9.23
N LEU I 313 -16.81 21.58 -9.61
CA LEU I 313 -17.31 21.05 -10.88
C LEU I 313 -18.83 20.89 -10.87
N SER I 314 -19.42 20.60 -9.71
CA SER I 314 -20.85 20.35 -9.64
C SER I 314 -21.66 21.63 -9.86
N THR I 315 -21.13 22.78 -9.48
CA THR I 315 -21.84 24.04 -9.61
C THR I 315 -21.54 24.77 -10.90
N MET I 316 -20.64 24.26 -11.72
CA MET I 316 -20.10 24.98 -12.87
C MET I 316 -21.07 25.15 -14.05
N PRO I 317 -22.00 24.20 -14.34
CA PRO I 317 -23.11 24.56 -15.25
C PRO I 317 -23.97 25.72 -14.75
N ALA I 318 -24.15 25.85 -13.44
CA ALA I 318 -24.87 26.99 -12.89
C ALA I 318 -24.08 28.29 -13.02
N TRP I 319 -22.77 28.22 -13.25
CA TRP I 319 -21.99 29.39 -13.62
C TRP I 319 -22.06 29.66 -15.11
N LEU I 320 -22.11 28.60 -15.92
CA LEU I 320 -22.14 28.75 -17.37
C LEU I 320 -23.43 29.40 -17.85
N ASP I 321 -24.58 28.98 -17.31
CA ASP I 321 -25.81 29.61 -17.79
C ASP I 321 -25.97 31.01 -17.22
N THR I 322 -25.39 31.26 -16.05
CA THR I 322 -25.38 32.61 -15.49
C THR I 322 -24.56 33.56 -16.35
N PHE I 323 -23.41 33.10 -16.84
CA PHE I 323 -22.65 33.90 -17.80
C PHE I 323 -23.38 34.04 -19.14
N GLU I 324 -24.08 32.99 -19.57
CA GLU I 324 -24.82 33.08 -20.83
C GLU I 324 -26.01 34.03 -20.74
N LYS I 325 -26.58 34.18 -19.55
CA LYS I 325 -27.77 35.00 -19.37
C LYS I 325 -27.43 36.45 -19.01
N TRP I 326 -26.59 36.64 -17.99
CA TRP I 326 -26.40 37.98 -17.45
C TRP I 326 -25.32 38.78 -18.20
N ALA I 327 -24.33 38.09 -18.76
CA ALA I 327 -23.25 38.76 -19.50
C ALA I 327 -23.03 38.07 -20.84
N PRO I 328 -23.95 38.27 -21.80
CA PRO I 328 -23.85 37.52 -23.06
C PRO I 328 -22.75 38.01 -24.00
N ASP I 329 -22.29 39.25 -23.85
CA ASP I 329 -21.28 39.81 -24.74
C ASP I 329 -19.87 39.40 -24.38
N LEU I 330 -19.67 38.70 -23.27
CA LEU I 330 -18.35 38.35 -22.78
C LEU I 330 -17.83 37.10 -23.47
N ASN I 331 -16.51 36.98 -23.52
CA ASN I 331 -15.85 35.78 -24.06
C ASN I 331 -15.47 34.83 -22.91
N CYS I 332 -16.51 34.33 -22.23
CA CYS I 332 -16.30 33.35 -21.18
C CYS I 332 -16.05 31.98 -21.81
N ILE I 333 -14.99 31.31 -21.37
CA ILE I 333 -14.64 29.99 -21.87
C ILE I 333 -14.61 29.02 -20.71
N CYS I 334 -14.73 27.74 -21.06
CA CYS I 334 -14.91 26.65 -20.11
C CYS I 334 -13.69 25.74 -20.20
N TYR I 335 -13.08 25.41 -19.06
CA TYR I 335 -11.83 24.67 -19.05
C TYR I 335 -12.00 23.41 -18.20
N MET I 336 -12.51 22.35 -18.81
CA MET I 336 -12.55 21.03 -18.20
C MET I 336 -12.16 20.00 -19.25
N GLY I 337 -12.25 18.74 -18.86
CA GLY I 337 -12.12 17.63 -19.78
C GLY I 337 -10.76 16.97 -19.71
N ASN I 338 -10.56 16.03 -20.64
CA ASN I 338 -9.32 15.26 -20.69
C ASN I 338 -8.22 16.08 -21.36
N GLN I 339 -7.12 15.43 -21.71
CA GLN I 339 -5.97 16.13 -22.24
C GLN I 339 -6.24 16.68 -23.64
N LYS I 340 -6.99 15.92 -24.46
CA LYS I 340 -7.29 16.36 -25.81
C LYS I 340 -8.22 17.57 -25.83
N SER I 341 -9.25 17.57 -24.97
CA SER I 341 -10.19 18.68 -24.91
C SER I 341 -9.51 19.96 -24.39
N ARG I 342 -8.69 19.82 -23.35
CA ARG I 342 -7.97 20.99 -22.83
C ARG I 342 -6.91 21.48 -23.80
N ASP I 343 -6.30 20.58 -24.57
CA ASP I 343 -5.38 20.99 -25.63
C ASP I 343 -6.12 21.75 -26.73
N THR I 344 -7.33 21.30 -27.08
CA THR I 344 -8.15 21.99 -28.07
C THR I 344 -8.52 23.39 -27.60
N ILE I 345 -8.87 23.53 -26.32
CA ILE I 345 -9.11 24.86 -25.74
C ILE I 345 -7.84 25.70 -25.80
N ARG I 346 -6.70 25.08 -25.52
CA ARG I 346 -5.44 25.82 -25.41
C ARG I 346 -4.97 26.36 -26.76
N GLU I 347 -5.08 25.56 -27.82
CA GLU I 347 -4.59 26.00 -29.12
C GLU I 347 -5.69 26.38 -30.10
N TYR I 348 -6.94 26.50 -29.66
CA TYR I 348 -7.97 27.09 -30.49
C TYR I 348 -8.64 28.32 -29.89
N GLU I 349 -8.49 28.57 -28.59
CA GLU I 349 -9.30 29.61 -27.99
C GLU I 349 -8.56 30.54 -27.02
N PHE I 350 -7.33 30.23 -26.62
CA PHE I 350 -6.63 31.11 -25.68
C PHE I 350 -6.12 32.37 -26.38
N TYR I 351 -5.38 32.21 -27.46
CA TYR I 351 -4.62 33.30 -28.05
C TYR I 351 -5.28 33.83 -29.31
N THR I 352 -5.18 35.16 -29.49
CA THR I 352 -5.61 35.77 -30.75
C THR I 352 -4.72 35.34 -31.90
N ASN I 353 -3.43 35.14 -31.62
CA ASN I 353 -2.45 34.68 -32.61
C ASN I 353 -1.78 33.41 -32.08
N PRO I 354 -2.46 32.27 -32.19
CA PRO I 354 -1.89 31.02 -31.64
C PRO I 354 -0.74 30.47 -32.44
N ARG I 355 -0.57 30.88 -33.69
CA ARG I 355 0.49 30.36 -34.56
C ARG I 355 1.77 31.17 -34.48
N ALA I 356 1.82 32.19 -33.64
CA ALA I 356 3.03 32.99 -33.48
C ALA I 356 3.99 32.31 -32.51
N LYS I 357 5.06 33.00 -32.16
CA LYS I 357 6.07 32.47 -31.26
C LYS I 357 6.53 33.44 -30.18
N GLY I 358 6.24 34.74 -30.32
CA GLY I 358 6.65 35.71 -29.32
C GLY I 358 5.63 35.85 -28.21
N LYS I 359 5.21 37.09 -27.94
CA LYS I 359 4.18 37.32 -26.94
C LYS I 359 2.81 37.10 -27.54
N LYS I 360 2.08 36.12 -27.01
CA LYS I 360 0.75 35.78 -27.47
C LYS I 360 -0.26 36.49 -26.58
N THR I 361 -0.99 37.44 -27.16
CA THR I 361 -2.05 38.11 -26.42
C THR I 361 -3.23 37.17 -26.24
N MET I 362 -3.99 37.38 -25.17
CA MET I 362 -5.10 36.52 -24.85
C MET I 362 -6.35 36.94 -25.62
N LYS I 363 -7.20 35.97 -25.94
CA LYS I 363 -8.42 36.21 -26.68
C LYS I 363 -9.67 36.22 -25.82
N PHE I 364 -9.74 35.35 -24.81
CA PHE I 364 -10.90 35.24 -23.96
C PHE I 364 -10.91 36.36 -22.92
N ASN I 365 -12.07 36.50 -22.26
CA ASN I 365 -12.23 37.44 -21.17
C ASN I 365 -12.21 36.73 -19.81
N VAL I 366 -13.10 35.75 -19.64
CA VAL I 366 -13.22 35.00 -18.39
C VAL I 366 -12.91 33.54 -18.69
N LEU I 367 -12.19 32.89 -17.79
CA LEU I 367 -11.91 31.46 -17.87
C LEU I 367 -12.52 30.81 -16.64
N LEU I 368 -13.50 29.94 -16.85
CA LEU I 368 -14.07 29.13 -15.79
C LEU I 368 -13.30 27.82 -15.72
N THR I 369 -12.89 27.43 -14.51
CA THR I 369 -12.15 26.18 -14.34
C THR I 369 -12.48 25.60 -12.98
N THR I 370 -11.94 24.41 -12.71
CA THR I 370 -12.11 23.72 -11.44
C THR I 370 -10.78 23.56 -10.73
N TYR I 371 -10.86 23.04 -9.49
CA TYR I 371 -9.66 22.84 -8.68
C TYR I 371 -8.76 21.76 -9.26
N GLU I 372 -9.37 20.72 -9.84
CA GLU I 372 -8.63 19.57 -10.34
C GLU I 372 -7.74 19.96 -11.51
N TYR I 373 -8.23 20.82 -12.39
CA TYR I 373 -7.43 21.29 -13.51
C TYR I 373 -6.61 22.52 -13.16
N ILE I 374 -6.82 23.11 -11.99
CA ILE I 374 -5.82 24.03 -11.43
C ILE I 374 -4.59 23.23 -11.01
N LEU I 375 -4.78 22.12 -10.30
CA LEU I 375 -3.65 21.31 -9.88
C LEU I 375 -3.02 20.58 -11.06
N LYS I 376 -3.83 20.19 -12.04
CA LYS I 376 -3.30 19.45 -13.18
C LYS I 376 -2.56 20.37 -14.15
N ASP I 377 -3.05 21.59 -14.33
CA ASP I 377 -2.47 22.49 -15.30
C ASP I 377 -1.98 23.79 -14.67
N ARG I 378 -1.28 23.69 -13.54
CA ARG I 378 -0.75 24.89 -12.92
C ARG I 378 0.42 25.49 -13.70
N ALA I 379 1.12 24.67 -14.49
CA ALA I 379 2.19 25.21 -15.33
C ALA I 379 1.63 25.97 -16.52
N GLU I 380 0.56 25.46 -17.13
CA GLU I 380 -0.06 26.08 -18.29
C GLU I 380 -0.95 27.27 -17.94
N LEU I 381 -1.38 27.39 -16.69
CA LEU I 381 -2.26 28.48 -16.28
C LEU I 381 -1.63 29.46 -15.31
N GLY I 382 -0.56 29.07 -14.61
CA GLY I 382 0.12 30.00 -13.73
C GLY I 382 0.91 31.06 -14.46
N SER I 383 1.31 30.81 -15.71
CA SER I 383 2.05 31.77 -16.51
C SER I 383 1.12 32.63 -17.36
N ILE I 384 0.10 33.20 -16.74
CA ILE I 384 -0.84 34.13 -17.39
C ILE I 384 -1.02 35.31 -16.46
N LYS I 385 -0.86 36.52 -16.98
CA LYS I 385 -1.06 37.73 -16.20
C LYS I 385 -2.55 37.94 -16.00
N TRP I 386 -3.09 37.32 -14.96
CA TRP I 386 -4.52 37.46 -14.67
C TRP I 386 -4.80 38.83 -14.07
N GLN I 387 -5.95 39.39 -14.45
CA GLN I 387 -6.40 40.65 -13.87
C GLN I 387 -7.34 40.48 -12.69
N PHE I 388 -8.12 39.41 -12.67
CA PHE I 388 -9.02 39.16 -11.55
C PHE I 388 -9.13 37.67 -11.31
N MET I 389 -9.35 37.30 -10.05
CA MET I 389 -9.51 35.92 -9.64
C MET I 389 -10.71 35.81 -8.70
N ALA I 390 -11.55 34.82 -8.92
CA ALA I 390 -12.70 34.57 -8.07
C ALA I 390 -12.74 33.09 -7.73
N VAL I 391 -12.57 32.76 -6.45
CA VAL I 391 -12.58 31.37 -6.01
C VAL I 391 -13.91 31.11 -5.31
N ASP I 392 -14.77 30.32 -5.95
CA ASP I 392 -16.03 29.92 -5.36
C ASP I 392 -15.81 28.75 -4.40
N GLU I 393 -16.62 28.74 -3.33
CA GLU I 393 -16.52 27.79 -2.21
C GLU I 393 -15.11 27.80 -1.61
N ALA I 394 -14.76 28.95 -1.06
CA ALA I 394 -13.41 29.22 -0.57
C ALA I 394 -13.09 28.55 0.77
N HIS I 395 -14.07 27.88 1.40
CA HIS I 395 -13.77 27.07 2.57
C HIS I 395 -12.89 25.88 2.21
N ARG I 396 -12.93 25.45 0.96
CA ARG I 396 -11.97 24.48 0.44
C ARG I 396 -10.54 25.02 0.50
N LEU I 397 -10.37 26.34 0.41
CA LEU I 397 -9.10 27.00 0.63
C LEU I 397 -8.79 27.25 2.10
N LYS I 398 -9.49 26.62 3.04
CA LYS I 398 -9.29 26.90 4.45
C LYS I 398 -7.99 26.34 5.01
N ASN I 399 -7.34 25.43 4.31
CA ASN I 399 -6.09 24.83 4.75
C ASN I 399 -4.95 25.45 3.95
N ALA I 400 -4.02 26.10 4.65
CA ALA I 400 -2.90 26.76 3.99
C ALA I 400 -1.84 25.78 3.52
N GLU I 401 -1.82 24.57 4.05
CA GLU I 401 -0.83 23.57 3.67
C GLU I 401 -1.32 22.65 2.55
N SER I 402 -2.51 22.90 2.02
CA SER I 402 -3.05 22.08 0.95
C SER I 402 -2.37 22.40 -0.38
N SER I 403 -2.49 21.47 -1.32
CA SER I 403 -1.89 21.66 -2.63
C SER I 403 -2.61 22.74 -3.43
N LEU I 404 -3.92 22.87 -3.24
CA LEU I 404 -4.67 23.91 -3.93
C LEU I 404 -4.28 25.30 -3.46
N TYR I 405 -4.01 25.45 -2.15
CA TYR I 405 -3.56 26.73 -1.62
C TYR I 405 -2.21 27.12 -2.19
N GLU I 406 -1.28 26.16 -2.29
CA GLU I 406 0.04 26.45 -2.85
C GLU I 406 -0.03 26.71 -4.34
N SER I 407 -0.95 26.05 -5.06
CA SER I 407 -1.09 26.28 -6.48
C SER I 407 -1.72 27.65 -6.78
N LEU I 408 -2.79 27.99 -6.07
CA LEU I 408 -3.48 29.25 -6.33
C LEU I 408 -2.73 30.45 -5.79
N ASN I 409 -2.00 30.28 -4.68
CA ASN I 409 -1.28 31.40 -4.09
C ASN I 409 -0.05 31.78 -4.91
N SER I 410 0.43 30.89 -5.76
CA SER I 410 1.57 31.16 -6.63
C SER I 410 1.18 31.83 -7.94
N PHE I 411 -0.11 32.08 -8.17
CA PHE I 411 -0.55 32.71 -9.40
C PHE I 411 -0.21 34.20 -9.38
N LYS I 412 0.01 34.76 -10.57
CA LYS I 412 0.34 36.17 -10.73
C LYS I 412 -0.94 36.93 -11.03
N VAL I 413 -1.66 37.27 -9.96
CA VAL I 413 -2.99 37.88 -10.05
C VAL I 413 -2.97 39.21 -9.32
N ALA I 414 -3.51 40.25 -9.97
CA ALA I 414 -3.65 41.55 -9.33
C ALA I 414 -4.67 41.51 -8.19
N ASN I 415 -5.91 41.21 -8.50
CA ASN I 415 -7.00 41.27 -7.52
C ASN I 415 -7.65 39.90 -7.37
N ARG I 416 -7.79 39.47 -6.12
CA ARG I 416 -8.39 38.19 -5.78
C ARG I 416 -9.69 38.42 -5.03
N MET I 417 -10.54 37.40 -5.03
CA MET I 417 -11.79 37.43 -4.29
C MET I 417 -12.19 36.02 -3.91
N LEU I 418 -12.66 35.87 -2.67
CA LEU I 418 -13.11 34.58 -2.15
C LEU I 418 -14.62 34.63 -1.99
N ILE I 419 -15.32 33.62 -2.47
CA ILE I 419 -16.76 33.52 -2.36
C ILE I 419 -17.08 32.26 -1.57
N THR I 420 -17.72 32.43 -0.42
CA THR I 420 -18.06 31.31 0.45
C THR I 420 -19.29 31.69 1.26
N GLY I 421 -19.75 30.74 2.06
CA GLY I 421 -20.85 31.01 2.97
C GLY I 421 -20.41 30.88 4.41
N THR I 422 -19.39 30.06 4.63
CA THR I 422 -18.82 29.79 5.95
C THR I 422 -17.35 30.13 5.92
N PRO I 423 -16.98 31.39 6.20
CA PRO I 423 -15.55 31.73 6.25
C PRO I 423 -14.86 31.18 7.48
N LEU I 424 -15.60 30.98 8.57
CA LEU I 424 -15.07 30.44 9.80
C LEU I 424 -15.83 29.16 10.14
N GLN I 425 -15.10 28.04 10.20
CA GLN I 425 -15.74 26.74 10.42
C GLN I 425 -15.30 26.08 11.71
N ASN I 426 -14.00 25.91 11.92
CA ASN I 426 -13.51 25.18 13.09
C ASN I 426 -12.68 26.03 14.03
N ASN I 427 -11.66 26.71 13.54
CA ASN I 427 -10.80 27.52 14.38
C ASN I 427 -10.39 28.78 13.62
N ILE I 428 -9.71 29.68 14.33
CA ILE I 428 -9.34 30.98 13.77
C ILE I 428 -8.21 30.86 12.76
N LYS I 429 -7.51 29.71 12.74
CA LYS I 429 -6.42 29.49 11.78
C LYS I 429 -6.93 29.40 10.35
N GLU I 430 -8.16 28.90 10.15
CA GLU I 430 -8.75 28.87 8.83
C GLU I 430 -9.05 30.27 8.30
N LEU I 431 -9.58 31.14 9.17
CA LEU I 431 -9.80 32.53 8.79
C LEU I 431 -8.48 33.26 8.54
N ALA I 432 -7.45 32.91 9.31
CA ALA I 432 -6.11 33.46 9.08
C ALA I 432 -5.58 33.03 7.71
N ALA I 433 -5.80 31.77 7.33
CA ALA I 433 -5.39 31.29 6.02
C ALA I 433 -6.14 31.99 4.90
N LEU I 434 -7.43 32.25 5.10
CA LEU I 434 -8.23 32.96 4.10
C LEU I 434 -7.74 34.40 3.92
N VAL I 435 -7.53 35.12 5.02
CA VAL I 435 -7.08 36.50 4.89
C VAL I 435 -5.61 36.60 4.47
N ASN I 436 -4.82 35.55 4.69
CA ASN I 436 -3.46 35.55 4.16
C ASN I 436 -3.45 35.21 2.68
N PHE I 437 -4.44 34.45 2.20
CA PHE I 437 -4.61 34.29 0.77
C PHE I 437 -5.03 35.60 0.12
N LEU I 438 -5.92 36.35 0.76
CA LEU I 438 -6.33 37.63 0.20
C LEU I 438 -5.24 38.68 0.34
N MET I 439 -4.86 39.01 1.57
CA MET I 439 -3.89 40.06 1.88
C MET I 439 -2.71 39.42 2.59
N PRO I 440 -1.67 39.02 1.87
CA PRO I 440 -0.55 38.28 2.50
C PRO I 440 0.45 39.14 3.27
N GLY I 441 0.11 39.43 4.53
CA GLY I 441 1.06 40.07 5.40
C GLY I 441 0.52 41.15 6.32
N ARG I 442 -0.52 41.86 5.89
CA ARG I 442 -1.03 42.97 6.69
C ARG I 442 -1.88 42.51 7.87
N PHE I 443 -2.34 41.25 7.86
CA PHE I 443 -3.10 40.68 8.96
C PHE I 443 -2.32 39.53 9.55
N THR I 444 -2.25 39.47 10.88
CA THR I 444 -1.61 38.36 11.56
C THR I 444 -2.52 37.86 12.68
N ILE I 445 -2.57 36.53 12.82
CA ILE I 445 -3.29 35.86 13.91
C ILE I 445 -2.34 34.83 14.50
N ASP I 446 -2.02 34.97 15.77
CA ASP I 446 -1.09 34.08 16.44
C ASP I 446 -1.62 33.49 17.74
N GLN I 447 -2.78 33.94 18.21
CA GLN I 447 -3.35 33.47 19.46
C GLN I 447 -4.73 32.87 19.19
N GLU I 448 -4.94 31.66 19.70
CA GLU I 448 -6.25 31.03 19.62
C GLU I 448 -7.16 31.57 20.72
N ILE I 449 -8.41 31.12 20.72
CA ILE I 449 -9.40 31.57 21.68
C ILE I 449 -9.63 30.46 22.68
N ASP I 450 -9.39 30.75 23.95
CA ASP I 450 -9.59 29.81 25.05
C ASP I 450 -10.74 30.28 25.91
N PHE I 451 -11.74 29.41 26.11
CA PHE I 451 -12.91 29.75 26.89
C PHE I 451 -12.66 29.67 28.39
N GLU I 452 -11.59 29.01 28.82
CA GLU I 452 -11.28 28.89 30.24
C GLU I 452 -10.72 30.18 30.83
N ASN I 453 -10.18 31.07 29.99
CA ASN I 453 -9.62 32.32 30.50
C ASN I 453 -10.71 33.34 30.78
N GLN I 454 -11.45 33.74 29.72
CA GLN I 454 -12.56 34.69 29.77
C GLN I 454 -12.14 36.04 30.38
N ASP I 455 -10.94 36.49 30.03
CA ASP I 455 -10.43 37.76 30.53
C ASP I 455 -10.77 38.89 29.56
N GLU I 456 -10.51 40.12 30.01
CA GLU I 456 -10.79 41.30 29.19
C GLU I 456 -9.80 41.45 28.03
N GLU I 457 -8.60 40.87 28.15
CA GLU I 457 -7.64 40.92 27.05
C GLU I 457 -8.13 40.11 25.85
N GLN I 458 -8.76 38.96 26.11
CA GLN I 458 -9.34 38.18 25.03
C GLN I 458 -10.51 38.90 24.37
N GLU I 459 -11.30 39.62 25.16
CA GLU I 459 -12.40 40.42 24.60
C GLU I 459 -11.87 41.57 23.75
N GLU I 460 -10.77 42.20 24.19
CA GLU I 460 -10.14 43.25 23.38
C GLU I 460 -9.55 42.68 22.10
N TYR I 461 -8.98 41.47 22.17
CA TYR I 461 -8.49 40.80 20.96
C TYR I 461 -9.63 40.48 20.00
N ILE I 462 -10.77 40.04 20.54
CA ILE I 462 -11.95 39.73 19.72
C ILE I 462 -12.49 40.99 19.05
N HIS I 463 -12.53 42.10 19.79
CA HIS I 463 -12.99 43.37 19.20
C HIS I 463 -11.99 43.92 18.20
N ASP I 464 -10.70 43.67 18.40
CA ASP I 464 -9.69 44.04 17.40
C ASP I 464 -9.85 43.25 16.12
N LEU I 465 -10.14 41.95 16.23
CA LEU I 465 -10.44 41.15 15.05
C LEU I 465 -11.77 41.55 14.42
N HIS I 466 -12.71 42.06 15.21
CA HIS I 466 -13.95 42.61 14.67
C HIS I 466 -13.65 43.83 13.80
N ARG I 467 -12.89 44.79 14.34
CA ARG I 467 -12.62 46.02 13.62
C ARG I 467 -11.57 45.87 12.52
N ARG I 468 -10.86 44.74 12.48
CA ARG I 468 -9.83 44.57 11.45
C ARG I 468 -10.37 43.99 10.16
N ILE I 469 -11.32 43.05 10.22
CA ILE I 469 -11.86 42.40 9.04
C ILE I 469 -13.28 42.86 8.72
N GLN I 470 -13.74 43.94 9.37
CA GLN I 470 -15.07 44.47 9.11
C GLN I 470 -15.30 44.95 7.66
N PRO I 471 -14.44 45.74 7.00
CA PRO I 471 -14.77 46.13 5.63
C PRO I 471 -14.42 45.09 4.58
N PHE I 472 -13.66 44.06 4.91
CA PHE I 472 -13.21 43.08 3.93
C PHE I 472 -14.14 41.88 3.81
N ILE I 473 -15.18 41.79 4.63
CA ILE I 473 -16.11 40.67 4.60
C ILE I 473 -17.52 41.26 4.51
N LEU I 474 -18.25 40.85 3.47
CA LEU I 474 -19.65 41.23 3.31
C LEU I 474 -20.51 40.00 3.47
N ARG I 475 -21.24 39.94 4.58
CA ARG I 475 -22.07 38.75 4.87
C ARG I 475 -23.51 39.23 5.09
N ARG I 476 -24.44 38.73 4.30
CA ARG I 476 -25.86 39.09 4.47
C ARG I 476 -26.65 37.80 4.65
N LEU I 477 -27.73 37.86 5.42
CA LEU I 477 -28.30 36.64 6.03
C LEU I 477 -29.68 36.38 5.43
N LYS I 478 -30.08 35.12 5.35
CA LYS I 478 -31.37 34.79 4.75
C LYS I 478 -32.55 35.28 5.58
N LYS I 479 -32.30 35.71 6.81
CA LYS I 479 -33.33 36.25 7.68
C LYS I 479 -33.43 37.77 7.61
N ASP I 480 -32.42 38.46 7.08
CA ASP I 480 -32.49 39.92 6.96
C ASP I 480 -33.20 40.33 5.68
N VAL I 481 -33.17 39.49 4.65
CA VAL I 481 -33.77 39.78 3.36
C VAL I 481 -34.76 38.65 3.10
N GLU I 482 -35.71 38.90 2.17
CA GLU I 482 -36.75 37.95 1.75
C GLU I 482 -37.64 37.57 2.94
N LYS I 483 -38.45 38.55 3.34
CA LYS I 483 -39.28 38.44 4.55
C LYS I 483 -40.49 37.51 4.35
N SER I 484 -40.24 36.26 3.98
CA SER I 484 -41.28 35.24 3.96
C SER I 484 -40.75 33.89 4.41
N LEU I 485 -39.50 33.81 4.83
CA LEU I 485 -38.88 32.54 5.16
C LEU I 485 -39.39 32.04 6.52
N PRO I 486 -39.92 30.83 6.60
CA PRO I 486 -40.32 30.28 7.89
C PRO I 486 -39.11 29.97 8.77
N SER I 487 -39.34 30.01 10.07
CA SER I 487 -38.26 29.77 11.02
C SER I 487 -37.89 28.30 11.05
N LYS I 488 -36.66 28.04 11.46
CA LYS I 488 -36.15 26.68 11.66
C LYS I 488 -35.82 26.51 13.13
N THR I 489 -36.41 25.49 13.76
CA THR I 489 -36.21 25.21 15.17
C THR I 489 -35.46 23.90 15.32
N GLU I 490 -34.38 23.92 16.09
CA GLU I 490 -33.57 22.74 16.36
C GLU I 490 -33.84 22.26 17.77
N ARG I 491 -34.17 20.98 17.91
CA ARG I 491 -34.43 20.37 19.21
C ARG I 491 -33.43 19.24 19.45
N ILE I 492 -32.73 19.31 20.56
CA ILE I 492 -31.75 18.30 20.93
C ILE I 492 -32.45 17.28 21.81
N LEU I 493 -32.48 16.02 21.35
CA LEU I 493 -33.12 14.92 22.07
C LEU I 493 -32.05 13.96 22.54
N ARG I 494 -31.87 13.86 23.85
CA ARG I 494 -30.87 12.98 24.43
C ARG I 494 -31.57 11.72 24.94
N VAL I 495 -31.16 10.57 24.43
CA VAL I 495 -31.78 9.30 24.78
C VAL I 495 -30.78 8.41 25.48
N GLU I 496 -31.27 7.63 26.44
CA GLU I 496 -30.42 6.71 27.17
C GLU I 496 -30.05 5.52 26.28
N LEU I 497 -28.96 4.86 26.64
CA LEU I 497 -28.45 3.73 25.88
C LEU I 497 -29.22 2.47 26.21
N SER I 498 -29.24 1.54 25.26
CA SER I 498 -29.79 0.22 25.51
C SER I 498 -28.78 -0.62 26.27
N ASP I 499 -29.19 -1.82 26.68
CA ASP I 499 -28.30 -2.70 27.42
C ASP I 499 -27.16 -3.22 26.54
N VAL I 500 -27.47 -3.49 25.27
CA VAL I 500 -26.44 -3.93 24.32
C VAL I 500 -25.44 -2.81 24.05
N GLN I 501 -25.95 -1.59 23.87
CA GLN I 501 -25.08 -0.43 23.67
C GLN I 501 -24.23 -0.15 24.90
N THR I 502 -24.82 -0.32 26.09
CA THR I 502 -24.07 -0.11 27.33
C THR I 502 -22.96 -1.15 27.50
N GLU I 503 -23.24 -2.41 27.16
CA GLU I 503 -22.21 -3.42 27.33
C GLU I 503 -21.12 -3.33 26.27
N TYR I 504 -21.46 -2.94 25.03
CA TYR I 504 -20.41 -2.65 24.05
C TYR I 504 -19.60 -1.43 24.43
N TYR I 505 -20.23 -0.40 25.01
CA TYR I 505 -19.51 0.78 25.46
C TYR I 505 -18.56 0.45 26.59
N LYS I 506 -18.99 -0.39 27.54
CA LYS I 506 -18.13 -0.83 28.62
C LYS I 506 -17.00 -1.71 28.12
N ASN I 507 -17.27 -2.58 27.13
CA ASN I 507 -16.22 -3.45 26.62
C ASN I 507 -15.18 -2.68 25.81
N ILE I 508 -15.60 -1.63 25.09
CA ILE I 508 -14.65 -0.83 24.32
C ILE I 508 -13.85 0.08 25.24
N LEU I 509 -14.53 0.75 26.18
CA LEU I 509 -13.89 1.76 27.02
C LEU I 509 -12.93 1.17 28.04
N THR I 510 -13.08 -0.11 28.38
CA THR I 510 -12.29 -0.80 29.39
C THR I 510 -11.67 -2.05 28.80
N LYS I 511 -10.95 -1.86 27.68
CA LYS I 511 -10.77 -2.78 26.54
C LYS I 511 -10.72 -4.27 26.86
N ASN I 512 -11.60 -5.02 26.20
CA ASN I 512 -11.99 -6.36 26.60
C ASN I 512 -12.04 -7.26 25.37
N TYR I 513 -10.91 -7.32 24.64
CA TYR I 513 -10.70 -8.13 23.44
C TYR I 513 -11.25 -9.55 23.53
N SER I 514 -11.05 -10.21 24.68
CA SER I 514 -11.64 -11.53 24.90
C SER I 514 -13.16 -11.45 24.99
N ALA I 515 -13.68 -10.46 25.71
CA ALA I 515 -15.12 -10.29 25.80
C ALA I 515 -15.70 -9.69 24.53
N LEU I 516 -14.92 -8.89 23.81
CA LEU I 516 -15.38 -8.35 22.53
C LEU I 516 -15.42 -9.42 21.44
N THR I 517 -14.55 -10.41 21.54
CA THR I 517 -14.58 -11.52 20.59
C THR I 517 -15.80 -12.41 20.86
N ALA I 518 -15.86 -13.00 22.06
CA ALA I 518 -16.93 -13.86 22.55
C ALA I 518 -17.23 -15.03 21.60
N GLY I 519 -18.38 -15.01 20.95
CA GLY I 519 -18.80 -16.05 20.05
C GLY I 519 -18.37 -15.89 18.61
N ALA I 520 -17.61 -14.86 18.28
CA ALA I 520 -17.16 -14.64 16.91
C ALA I 520 -16.07 -15.64 16.56
N LYS I 521 -16.21 -16.30 15.41
CA LYS I 521 -15.22 -17.29 14.99
C LYS I 521 -13.93 -16.63 14.54
N GLY I 522 -14.05 -15.58 13.72
CA GLY I 522 -12.86 -14.86 13.29
C GLY I 522 -12.21 -14.06 14.40
N GLY I 523 -13.02 -13.33 15.17
CA GLY I 523 -12.51 -12.56 16.29
C GLY I 523 -11.69 -11.34 15.90
N HIS I 524 -11.84 -10.84 14.69
CA HIS I 524 -11.05 -9.71 14.21
C HIS I 524 -11.76 -8.42 14.60
N PHE I 525 -11.50 -7.97 15.83
CA PHE I 525 -12.02 -6.71 16.33
C PHE I 525 -10.89 -5.70 16.39
N SER I 526 -11.05 -4.57 15.72
CA SER I 526 -10.05 -3.53 15.67
C SER I 526 -10.40 -2.44 16.68
N LEU I 527 -9.52 -2.23 17.65
CA LEU I 527 -9.72 -1.20 18.66
C LEU I 527 -8.78 -0.01 18.46
N LEU I 528 -8.17 0.13 17.29
CA LEU I 528 -7.63 1.42 16.90
C LEU I 528 -8.78 2.39 16.67
N ASN I 529 -8.51 3.68 16.94
CA ASN I 529 -9.52 4.75 16.89
C ASN I 529 -10.69 4.44 17.83
N ILE I 530 -10.36 4.54 19.13
CA ILE I 530 -11.29 4.27 20.22
C ILE I 530 -12.57 5.11 20.09
N MET I 531 -12.42 6.39 19.76
CA MET I 531 -13.58 7.27 19.65
C MET I 531 -14.48 6.92 18.48
N ASN I 532 -13.90 6.36 17.40
CA ASN I 532 -14.70 5.86 16.28
C ASN I 532 -15.57 4.69 16.73
N GLU I 533 -15.01 3.76 17.51
CA GLU I 533 -15.79 2.64 18.03
C GLU I 533 -16.80 3.08 19.07
N LEU I 534 -16.49 4.13 19.83
CA LEU I 534 -17.44 4.65 20.81
C LEU I 534 -18.62 5.33 20.12
N LYS I 535 -18.35 6.04 19.02
CA LYS I 535 -19.43 6.63 18.23
C LYS I 535 -20.27 5.55 17.54
N LYS I 536 -19.62 4.48 17.09
CA LYS I 536 -20.34 3.35 16.52
C LYS I 536 -21.24 2.67 17.56
N ALA I 537 -20.73 2.51 18.79
CA ALA I 537 -21.53 1.93 19.86
C ALA I 537 -22.67 2.85 20.27
N SER I 538 -22.43 4.16 20.25
CA SER I 538 -23.49 5.12 20.54
C SER I 538 -24.56 5.16 19.46
N ASN I 539 -24.20 4.81 18.22
CA ASN I 539 -25.20 4.80 17.15
C ASN I 539 -26.01 3.51 17.14
N HIS I 540 -25.34 2.37 16.91
CA HIS I 540 -26.04 1.11 16.78
C HIS I 540 -25.07 -0.02 17.05
N PRO I 541 -25.46 -1.05 17.81
CA PRO I 541 -24.59 -2.23 17.97
C PRO I 541 -24.38 -3.01 16.70
N TYR I 542 -25.26 -2.88 15.70
CA TYR I 542 -25.15 -3.68 14.49
C TYR I 542 -24.04 -3.22 13.56
N LEU I 543 -23.39 -2.09 13.86
CA LEU I 543 -22.22 -1.66 13.11
C LEU I 543 -21.03 -2.56 13.38
N PHE I 544 -21.01 -3.26 14.51
CA PHE I 544 -19.95 -4.19 14.82
C PHE I 544 -20.21 -5.55 14.19
N ASP I 545 -19.14 -6.26 13.89
CA ASP I 545 -19.24 -7.56 13.24
C ASP I 545 -19.73 -8.61 14.24
N ASN I 546 -20.58 -9.51 13.74
CA ASN I 546 -21.16 -10.64 14.49
C ASN I 546 -21.91 -10.17 15.73
N ALA I 547 -22.63 -9.06 15.59
CA ALA I 547 -23.38 -8.47 16.70
C ALA I 547 -24.88 -8.68 16.60
N GLU I 548 -25.41 -8.83 15.39
CA GLU I 548 -26.84 -9.10 15.24
C GLU I 548 -27.20 -10.52 15.67
N GLU I 549 -26.25 -11.45 15.53
CA GLU I 549 -26.50 -12.84 15.88
C GLU I 549 -26.72 -13.03 17.37
N ARG I 550 -25.97 -12.29 18.19
CA ARG I 550 -26.13 -12.39 19.64
C ARG I 550 -27.48 -11.84 20.09
N VAL I 551 -27.92 -10.73 19.51
CA VAL I 551 -29.22 -10.16 19.85
C VAL I 551 -30.34 -11.06 19.36
N LEU I 552 -30.16 -11.69 18.20
CA LEU I 552 -31.21 -12.56 17.66
C LEU I 552 -31.31 -13.87 18.43
N GLN I 553 -30.17 -14.42 18.86
CA GLN I 553 -30.18 -15.69 19.59
C GLN I 553 -30.39 -15.52 21.09
N LYS I 554 -30.25 -14.31 21.62
CA LYS I 554 -30.42 -14.10 23.05
C LYS I 554 -31.84 -13.74 23.44
N PHE I 555 -32.58 -13.06 22.58
CA PHE I 555 -33.94 -12.63 22.88
C PHE I 555 -34.97 -13.23 21.95
N GLY I 556 -34.69 -13.25 20.65
CA GLY I 556 -35.58 -13.85 19.67
C GLY I 556 -35.34 -15.31 19.40
N ASP I 557 -34.51 -15.98 20.22
CA ASP I 557 -34.09 -17.38 20.17
C ASP I 557 -33.74 -17.92 18.79
N GLY I 558 -33.16 -17.08 17.93
CA GLY I 558 -32.52 -17.52 16.71
C GLY I 558 -33.44 -17.94 15.57
N LYS I 559 -34.75 -17.74 15.68
CA LYS I 559 -35.62 -18.12 14.56
C LYS I 559 -35.53 -17.12 13.42
N MET I 560 -35.46 -15.82 13.75
CA MET I 560 -35.29 -14.71 12.79
C MET I 560 -36.39 -14.70 11.72
N THR I 561 -37.63 -14.92 12.15
CA THR I 561 -38.74 -15.07 11.22
C THR I 561 -39.47 -13.75 10.99
N ARG I 562 -38.72 -12.78 10.44
CA ARG I 562 -39.22 -11.60 9.74
C ARG I 562 -39.88 -10.56 10.68
N GLU I 563 -40.12 -10.91 11.93
CA GLU I 563 -40.82 -10.04 12.85
C GLU I 563 -39.98 -9.68 14.07
N ASN I 564 -39.13 -10.59 14.53
CA ASN I 564 -38.19 -10.29 15.60
C ASN I 564 -36.94 -9.59 15.09
N VAL I 565 -36.71 -9.59 13.77
CA VAL I 565 -35.57 -8.88 13.20
C VAL I 565 -35.77 -7.37 13.33
N LEU I 566 -36.97 -6.88 12.99
CA LEU I 566 -37.29 -5.47 13.15
C LEU I 566 -37.28 -5.06 14.61
N ARG I 567 -37.77 -5.92 15.49
CA ARG I 567 -37.79 -5.64 16.92
C ARG I 567 -36.38 -5.59 17.50
N GLY I 568 -35.50 -6.49 17.03
CA GLY I 568 -34.11 -6.43 17.43
C GLY I 568 -33.39 -5.20 16.89
N LEU I 569 -33.76 -4.77 15.68
CA LEU I 569 -33.24 -3.51 15.14
C LEU I 569 -33.67 -2.32 15.98
N ILE I 570 -34.92 -2.31 16.43
CA ILE I 570 -35.44 -1.16 17.17
C ILE I 570 -34.88 -1.11 18.59
N MET I 571 -34.88 -2.22 19.32
CA MET I 571 -34.35 -2.19 20.68
C MET I 571 -32.87 -2.54 20.79
N SER I 572 -32.15 -2.67 19.68
CA SER I 572 -30.69 -2.76 19.80
C SER I 572 -30.10 -1.42 20.20
N SER I 573 -30.62 -0.34 19.64
CA SER I 573 -30.09 1.01 19.87
C SER I 573 -31.13 1.88 20.54
N GLY I 574 -30.67 2.76 21.42
CA GLY I 574 -31.57 3.70 22.08
C GLY I 574 -32.03 4.84 21.20
N LYS I 575 -31.32 5.11 20.11
CA LYS I 575 -31.79 6.11 19.16
C LYS I 575 -32.91 5.57 18.29
N MET I 576 -32.97 4.25 18.11
CA MET I 576 -33.93 3.68 17.17
C MET I 576 -35.35 3.67 17.73
N VAL I 577 -35.52 3.61 19.06
CA VAL I 577 -36.88 3.69 19.61
C VAL I 577 -37.44 5.10 19.44
N LEU I 578 -36.61 6.12 19.64
CA LEU I 578 -37.02 7.49 19.39
C LEU I 578 -37.26 7.74 17.92
N LEU I 579 -36.43 7.15 17.05
CA LEU I 579 -36.62 7.26 15.61
C LEU I 579 -37.91 6.59 15.16
N ASP I 580 -38.23 5.42 15.71
CA ASP I 580 -39.46 4.72 15.35
C ASP I 580 -40.69 5.50 15.80
N GLN I 581 -40.67 6.05 17.01
CA GLN I 581 -41.80 6.85 17.48
C GLN I 581 -41.94 8.14 16.68
N LEU I 582 -40.81 8.79 16.35
CA LEU I 582 -40.84 9.99 15.52
C LEU I 582 -41.35 9.71 14.12
N LEU I 583 -40.93 8.60 13.51
CA LEU I 583 -41.37 8.29 12.16
C LEU I 583 -42.85 7.91 12.14
N THR I 584 -43.34 7.23 13.16
CA THR I 584 -44.77 6.94 13.22
C THR I 584 -45.59 8.21 13.42
N ARG I 585 -45.11 9.14 14.26
CA ARG I 585 -45.84 10.38 14.48
C ARG I 585 -45.80 11.29 13.25
N LEU I 586 -44.67 11.32 12.54
CA LEU I 586 -44.58 12.13 11.33
C LEU I 586 -45.32 11.52 10.15
N LYS I 587 -45.39 10.18 10.09
CA LYS I 587 -46.23 9.54 9.09
C LYS I 587 -47.70 9.76 9.38
N LYS I 588 -48.08 9.83 10.66
CA LYS I 588 -49.44 10.15 11.04
C LYS I 588 -49.83 11.56 10.59
N ASP I 589 -48.91 12.51 10.70
CA ASP I 589 -49.15 13.86 10.20
C ASP I 589 -48.75 13.94 8.73
N GLY I 590 -48.86 15.14 8.16
CA GLY I 590 -48.49 15.36 6.78
C GLY I 590 -47.08 15.91 6.62
N HIS I 591 -46.07 15.11 7.00
CA HIS I 591 -44.69 15.58 6.99
C HIS I 591 -43.83 14.62 6.20
N ARG I 592 -42.75 15.16 5.63
CA ARG I 592 -41.69 14.39 5.00
C ARG I 592 -40.38 14.71 5.70
N VAL I 593 -39.50 13.72 5.80
CA VAL I 593 -38.36 13.79 6.70
C VAL I 593 -37.08 13.41 5.97
N LEU I 594 -36.01 14.15 6.24
CA LEU I 594 -34.65 13.78 5.89
C LEU I 594 -33.95 13.26 7.15
N ILE I 595 -33.07 12.28 6.97
CA ILE I 595 -32.17 11.86 8.05
C ILE I 595 -30.73 11.89 7.56
N PHE I 596 -29.90 12.65 8.26
CA PHE I 596 -28.49 12.80 7.94
C PHE I 596 -27.65 11.97 8.87
N SER I 597 -26.70 11.21 8.31
CA SER I 597 -25.81 10.40 9.11
C SER I 597 -24.37 10.60 8.65
N GLN I 598 -23.43 10.45 9.58
CA GLN I 598 -22.03 10.58 9.25
C GLN I 598 -21.45 9.32 8.63
N MET I 599 -22.07 8.16 8.85
CA MET I 599 -21.59 6.90 8.30
C MET I 599 -22.66 6.30 7.40
N VAL I 600 -22.21 5.76 6.27
CA VAL I 600 -23.15 5.14 5.32
C VAL I 600 -23.53 3.73 5.75
N ARG I 601 -22.80 3.12 6.68
CA ARG I 601 -23.22 1.84 7.24
C ARG I 601 -24.43 2.02 8.15
N MET I 602 -24.48 3.15 8.86
CA MET I 602 -25.67 3.51 9.61
C MET I 602 -26.84 3.77 8.67
N LEU I 603 -26.55 4.32 7.48
CA LEU I 603 -27.57 4.47 6.44
C LEU I 603 -28.04 3.12 5.91
N ASP I 604 -27.15 2.14 5.83
CA ASP I 604 -27.54 0.79 5.48
C ASP I 604 -28.48 0.19 6.53
N ILE I 605 -28.19 0.45 7.80
CA ILE I 605 -29.03 -0.05 8.90
C ILE I 605 -30.42 0.60 8.83
N LEU I 606 -30.47 1.92 8.61
CA LEU I 606 -31.76 2.58 8.46
C LEU I 606 -32.51 2.16 7.20
N GLY I 607 -31.80 1.92 6.10
CA GLY I 607 -32.46 1.46 4.89
C GLY I 607 -33.06 0.08 5.05
N ASP I 608 -32.35 -0.81 5.75
CA ASP I 608 -32.93 -2.11 6.07
C ASP I 608 -34.09 -1.98 7.05
N TYR I 609 -34.00 -1.03 7.98
CA TYR I 609 -35.09 -0.80 8.93
C TYR I 609 -36.35 -0.33 8.21
N LEU I 610 -36.21 0.54 7.21
CA LEU I 610 -37.37 0.98 6.45
C LEU I 610 -37.77 -0.03 5.36
N SER I 611 -36.91 -0.98 5.02
CA SER I 611 -37.28 -2.02 4.08
C SER I 611 -38.15 -3.08 4.74
N ILE I 612 -37.68 -3.64 5.86
CA ILE I 612 -38.53 -4.54 6.65
C ILE I 612 -39.72 -3.79 7.25
N LYS I 613 -39.54 -2.52 7.63
CA LYS I 613 -40.65 -1.70 8.11
C LYS I 613 -41.66 -1.43 7.00
N GLY I 614 -41.19 -1.28 5.77
CA GLY I 614 -42.08 -1.10 4.64
C GLY I 614 -42.45 0.34 4.38
N ILE I 615 -41.45 1.21 4.33
CA ILE I 615 -41.64 2.65 4.12
C ILE I 615 -40.84 3.04 2.89
N ASN I 616 -41.48 3.76 1.95
CA ASN I 616 -40.83 4.20 0.73
C ASN I 616 -39.76 5.23 1.05
N PHE I 617 -38.50 4.85 0.85
CA PHE I 617 -37.36 5.70 1.18
C PHE I 617 -36.50 5.91 -0.07
N GLN I 618 -35.78 7.03 -0.07
CA GLN I 618 -34.72 7.24 -1.06
C GLN I 618 -33.44 7.59 -0.32
N ARG I 619 -32.30 7.34 -0.96
CA ARG I 619 -31.02 7.39 -0.28
C ARG I 619 -29.98 8.07 -1.14
N LEU I 620 -29.08 8.83 -0.52
CA LEU I 620 -27.97 9.47 -1.22
C LEU I 620 -26.71 9.44 -0.35
N ASP I 621 -25.65 8.87 -0.90
CA ASP I 621 -24.35 8.85 -0.25
C ASP I 621 -23.27 8.92 -1.32
N GLY I 622 -22.03 8.66 -0.93
CA GLY I 622 -20.92 8.78 -1.86
C GLY I 622 -20.83 7.65 -2.87
N THR I 623 -21.45 6.50 -2.58
CA THR I 623 -21.43 5.39 -3.53
C THR I 623 -22.40 5.59 -4.68
N VAL I 624 -23.38 6.47 -4.53
CA VAL I 624 -24.40 6.70 -5.56
C VAL I 624 -23.83 7.64 -6.63
N PRO I 625 -23.83 7.24 -7.90
CA PRO I 625 -23.37 8.14 -8.96
C PRO I 625 -24.38 9.26 -9.21
N SER I 626 -23.93 10.25 -9.99
CA SER I 626 -24.64 11.52 -10.10
C SER I 626 -25.97 11.39 -10.84
N ALA I 627 -26.07 10.44 -11.78
CA ALA I 627 -27.32 10.26 -12.52
C ALA I 627 -28.42 9.72 -11.62
N GLN I 628 -28.10 8.70 -10.82
CA GLN I 628 -29.06 8.20 -9.84
C GLN I 628 -29.32 9.21 -8.73
N ARG I 629 -28.35 10.08 -8.43
CA ARG I 629 -28.57 11.16 -7.49
C ARG I 629 -29.62 12.14 -8.00
N ARG I 630 -29.50 12.52 -9.28
CA ARG I 630 -30.49 13.44 -9.86
C ARG I 630 -31.85 12.77 -10.01
N ILE I 631 -31.85 11.47 -10.29
CA ILE I 631 -33.10 10.71 -10.35
C ILE I 631 -33.79 10.68 -8.99
N SER I 632 -33.02 10.45 -7.92
CA SER I 632 -33.58 10.41 -6.58
C SER I 632 -34.08 11.78 -6.13
N ILE I 633 -33.34 12.84 -6.46
CA ILE I 633 -33.74 14.19 -6.08
C ILE I 633 -35.00 14.60 -6.83
N ASP I 634 -35.09 14.28 -8.12
CA ASP I 634 -36.29 14.60 -8.88
C ASP I 634 -37.49 13.74 -8.46
N HIS I 635 -37.24 12.51 -8.03
CA HIS I 635 -38.34 11.65 -7.58
C HIS I 635 -38.85 12.10 -6.22
N PHE I 636 -37.97 12.58 -5.34
CA PHE I 636 -38.41 13.05 -4.04
C PHE I 636 -39.16 14.38 -4.14
N ASN I 637 -38.79 15.21 -5.11
CA ASN I 637 -39.39 16.54 -5.25
C ASN I 637 -40.57 16.58 -6.21
N SER I 638 -40.97 15.44 -6.77
CA SER I 638 -42.14 15.40 -7.62
C SER I 638 -43.40 15.54 -6.76
N PRO I 639 -44.44 16.20 -7.29
CA PRO I 639 -45.68 16.38 -6.51
C PRO I 639 -46.45 15.09 -6.27
N ASP I 640 -46.24 14.06 -7.09
CA ASP I 640 -46.92 12.77 -6.94
C ASP I 640 -45.99 11.72 -6.34
N SER I 641 -45.13 12.13 -5.40
CA SER I 641 -44.14 11.24 -4.82
C SER I 641 -44.72 10.47 -3.64
N ASN I 642 -44.57 9.16 -3.68
CA ASN I 642 -44.95 8.30 -2.57
C ASN I 642 -43.85 8.18 -1.51
N ASP I 643 -42.71 8.81 -1.74
CA ASP I 643 -41.61 8.77 -0.78
C ASP I 643 -41.94 9.62 0.44
N PHE I 644 -41.56 9.12 1.61
CA PHE I 644 -41.77 9.77 2.88
C PHE I 644 -40.47 10.19 3.55
N VAL I 645 -39.41 9.43 3.33
CA VAL I 645 -38.16 9.56 4.08
C VAL I 645 -36.97 9.50 3.13
N PHE I 646 -36.02 10.42 3.33
CA PHE I 646 -34.90 10.60 2.42
C PHE I 646 -33.63 10.66 3.25
N LEU I 647 -32.73 9.70 3.02
CA LEU I 647 -31.54 9.51 3.83
C LEU I 647 -30.32 10.08 3.13
N LEU I 648 -29.46 10.73 3.91
CA LEU I 648 -28.27 11.36 3.37
C LEU I 648 -27.06 10.97 4.20
N SER I 649 -25.94 10.80 3.53
CA SER I 649 -24.67 11.04 4.21
C SER I 649 -24.44 12.54 4.22
N THR I 650 -23.94 13.05 5.35
CA THR I 650 -24.03 14.48 5.66
C THR I 650 -23.12 15.31 4.76
N ARG I 651 -21.94 14.80 4.43
CA ARG I 651 -20.94 15.57 3.70
C ARG I 651 -20.96 15.32 2.19
N ALA I 652 -22.08 14.86 1.65
CA ALA I 652 -22.16 14.52 0.23
C ALA I 652 -23.11 15.43 -0.50
N GLY I 653 -22.89 15.54 -1.82
CA GLY I 653 -23.78 16.25 -2.70
C GLY I 653 -23.45 17.72 -2.93
N GLY I 654 -22.52 18.28 -2.17
CA GLY I 654 -22.22 19.68 -2.35
C GLY I 654 -23.30 20.57 -1.76
N LEU I 655 -23.37 21.79 -2.30
CA LEU I 655 -24.32 22.80 -1.84
C LEU I 655 -25.52 22.94 -2.76
N GLY I 656 -25.64 22.10 -3.79
CA GLY I 656 -26.66 22.27 -4.80
C GLY I 656 -27.85 21.33 -4.73
N ILE I 657 -28.06 20.63 -3.62
CA ILE I 657 -29.19 19.71 -3.51
C ILE I 657 -30.42 20.49 -3.11
N ASN I 658 -31.49 20.38 -3.90
CA ASN I 658 -32.73 21.09 -3.66
C ASN I 658 -33.76 20.12 -3.10
N LEU I 659 -34.19 20.37 -1.87
CA LEU I 659 -35.05 19.48 -1.08
C LEU I 659 -36.24 20.26 -0.55
N MET I 660 -36.93 20.93 -1.48
CA MET I 660 -38.07 21.80 -1.18
C MET I 660 -39.17 21.08 -0.41
N THR I 661 -39.53 19.87 -0.84
CA THR I 661 -40.74 19.22 -0.36
C THR I 661 -40.62 18.68 1.06
N ALA I 662 -39.41 18.49 1.56
CA ALA I 662 -39.24 17.95 2.90
C ALA I 662 -39.50 19.03 3.94
N ASP I 663 -39.88 18.59 5.13
CA ASP I 663 -40.24 19.48 6.21
C ASP I 663 -39.41 19.25 7.48
N THR I 664 -39.16 18.00 7.84
CA THR I 664 -38.45 17.65 9.06
C THR I 664 -37.05 17.18 8.71
N VAL I 665 -36.07 17.61 9.50
CA VAL I 665 -34.69 17.18 9.34
C VAL I 665 -34.24 16.53 10.65
N VAL I 666 -33.75 15.31 10.56
CA VAL I 666 -33.27 14.57 11.73
C VAL I 666 -31.77 14.33 11.54
N ILE I 667 -30.99 14.94 12.42
CA ILE I 667 -29.54 14.73 12.47
C ILE I 667 -29.31 13.52 13.36
N PHE I 668 -29.18 12.35 12.74
CA PHE I 668 -28.90 11.13 13.49
C PHE I 668 -27.51 11.16 14.11
N ASP I 669 -26.53 11.66 13.36
CA ASP I 669 -25.15 11.72 13.81
C ASP I 669 -24.65 13.16 13.68
N SER I 670 -24.18 13.72 14.79
CA SER I 670 -23.66 15.08 14.77
C SER I 670 -22.25 15.09 14.20
N ASP I 671 -21.90 16.20 13.55
CA ASP I 671 -20.59 16.39 12.96
C ASP I 671 -19.70 17.18 13.91
N TRP I 672 -18.39 16.98 13.75
CA TRP I 672 -17.43 17.84 14.44
C TRP I 672 -17.52 19.28 13.95
N ASN I 673 -17.65 19.45 12.63
CA ASN I 673 -17.84 20.77 12.04
C ASN I 673 -19.32 21.12 12.11
N PRO I 674 -19.71 22.19 12.80
CA PRO I 674 -21.13 22.54 12.86
C PRO I 674 -21.65 23.13 11.55
N GLN I 675 -20.77 23.62 10.68
CA GLN I 675 -21.21 24.14 9.40
C GLN I 675 -21.71 23.03 8.49
N ALA I 676 -21.16 21.82 8.61
CA ALA I 676 -21.68 20.67 7.87
C ALA I 676 -23.11 20.36 8.27
N ASP I 677 -23.40 20.38 9.58
CA ASP I 677 -24.78 20.24 10.03
C ASP I 677 -25.63 21.43 9.63
N LEU I 678 -25.03 22.61 9.49
CA LEU I 678 -25.79 23.78 9.03
C LEU I 678 -26.20 23.65 7.57
N GLN I 679 -25.31 23.15 6.71
CA GLN I 679 -25.73 22.86 5.33
C GLN I 679 -26.70 21.69 5.27
N ALA I 680 -26.57 20.74 6.19
CA ALA I 680 -27.53 19.64 6.28
C ALA I 680 -28.92 20.14 6.61
N MET I 681 -29.02 21.09 7.54
CA MET I 681 -30.31 21.71 7.83
C MET I 681 -30.76 22.63 6.71
N ALA I 682 -29.83 23.22 5.97
CA ALA I 682 -30.16 24.16 4.91
C ALA I 682 -30.48 23.47 3.59
N ARG I 683 -30.34 22.15 3.50
CA ARG I 683 -30.86 21.44 2.33
C ARG I 683 -32.37 21.57 2.24
N ALA I 684 -33.07 21.52 3.38
CA ALA I 684 -34.50 21.72 3.41
C ALA I 684 -34.89 23.15 3.75
N HIS I 685 -34.04 23.90 4.43
CA HIS I 685 -34.34 25.29 4.79
C HIS I 685 -33.72 26.23 3.77
N ARG I 686 -34.22 26.12 2.54
CA ARG I 686 -33.81 26.98 1.45
C ARG I 686 -34.79 28.13 1.30
N ILE I 687 -34.52 29.01 0.34
CA ILE I 687 -35.43 30.10 0.04
C ILE I 687 -36.61 29.54 -0.74
N GLY I 688 -37.82 29.80 -0.24
CA GLY I 688 -39.03 29.30 -0.85
C GLY I 688 -39.70 28.15 -0.12
N GLN I 689 -39.21 27.78 1.06
CA GLN I 689 -39.82 26.70 1.82
C GLN I 689 -41.18 27.13 2.35
N LYS I 690 -42.19 26.29 2.14
CA LYS I 690 -43.56 26.63 2.47
C LYS I 690 -43.99 26.14 3.85
N ASN I 691 -43.11 25.49 4.59
CA ASN I 691 -43.49 24.89 5.86
C ASN I 691 -42.42 25.19 6.91
N HIS I 692 -42.83 25.15 8.17
CA HIS I 692 -41.93 25.41 9.28
C HIS I 692 -41.00 24.22 9.46
N VAL I 693 -39.71 24.43 9.21
CA VAL I 693 -38.73 23.35 9.26
C VAL I 693 -38.42 23.03 10.72
N MET I 694 -38.54 21.75 11.07
CA MET I 694 -38.26 21.28 12.42
C MET I 694 -37.07 20.35 12.38
N VAL I 695 -36.07 20.61 13.22
CA VAL I 695 -34.85 19.83 13.26
C VAL I 695 -34.76 19.08 14.58
N TYR I 696 -34.63 17.77 14.50
CA TYR I 696 -34.45 16.90 15.66
C TYR I 696 -33.04 16.33 15.61
N ARG I 697 -32.26 16.56 16.66
CA ARG I 697 -30.90 16.06 16.75
C ARG I 697 -30.86 14.90 17.74
N LEU I 698 -30.44 13.73 17.28
CA LEU I 698 -30.48 12.52 18.08
C LEU I 698 -29.14 12.34 18.78
N VAL I 699 -29.18 12.32 20.12
CA VAL I 699 -27.98 12.34 20.95
C VAL I 699 -28.04 11.16 21.91
N SER I 700 -26.94 10.44 22.04
CA SER I 700 -26.85 9.37 23.02
C SER I 700 -26.39 9.93 24.36
N LYS I 701 -27.00 9.46 25.44
CA LYS I 701 -26.75 10.00 26.78
C LYS I 701 -25.47 9.41 27.37
N ASP I 702 -24.70 10.28 28.03
CA ASP I 702 -23.48 9.93 28.78
C ASP I 702 -22.44 9.26 27.90
N THR I 703 -22.32 9.74 26.66
CA THR I 703 -21.42 9.13 25.70
C THR I 703 -20.45 10.14 25.13
N VAL I 704 -19.71 9.74 24.10
CA VAL I 704 -18.72 10.61 23.47
C VAL I 704 -19.38 11.61 22.54
N GLU I 705 -20.65 11.42 22.18
CA GLU I 705 -21.36 12.41 21.38
C GLU I 705 -21.63 13.70 22.14
N GLU I 706 -21.61 13.65 23.47
CA GLU I 706 -21.81 14.86 24.27
C GLU I 706 -20.66 15.83 24.12
N GLU I 707 -19.42 15.34 24.10
CA GLU I 707 -18.31 16.25 23.85
C GLU I 707 -18.19 16.63 22.37
N VAL I 708 -18.75 15.83 21.47
CA VAL I 708 -18.90 16.25 20.07
C VAL I 708 -19.79 17.48 20.01
N LEU I 709 -20.93 17.45 20.72
CA LEU I 709 -21.80 18.62 20.76
C LEU I 709 -21.19 19.77 21.52
N GLU I 710 -20.37 19.48 22.54
CA GLU I 710 -19.70 20.56 23.26
C GLU I 710 -18.70 21.30 22.38
N ARG I 711 -17.92 20.55 21.59
CA ARG I 711 -16.98 21.16 20.65
C ARG I 711 -17.72 21.90 19.53
N ALA I 712 -18.83 21.33 19.05
CA ALA I 712 -19.62 22.00 18.03
C ALA I 712 -20.27 23.28 18.55
N ARG I 713 -20.74 23.26 19.81
CA ARG I 713 -21.30 24.45 20.42
C ARG I 713 -20.24 25.52 20.63
N LYS I 714 -19.03 25.12 21.01
CA LYS I 714 -17.93 26.07 21.14
C LYS I 714 -17.56 26.68 19.79
N LYS I 715 -17.63 25.88 18.72
CA LYS I 715 -17.35 26.41 17.39
C LYS I 715 -18.46 27.36 16.91
N MET I 716 -19.72 27.08 17.26
CA MET I 716 -20.79 28.03 16.98
C MET I 716 -20.65 29.32 17.79
N ILE I 717 -20.15 29.22 19.02
CA ILE I 717 -19.86 30.42 19.81
C ILE I 717 -18.76 31.23 19.16
N LEU I 718 -17.70 30.56 18.68
CA LEU I 718 -16.61 31.24 17.98
C LEU I 718 -17.07 31.87 16.67
N GLU I 719 -17.95 31.19 15.93
CA GLU I 719 -18.45 31.74 14.68
C GLU I 719 -19.39 32.92 14.93
N TYR I 720 -20.19 32.84 15.99
CA TYR I 720 -21.08 33.94 16.35
C TYR I 720 -20.32 35.14 16.88
N ALA I 721 -19.13 34.93 17.43
CA ALA I 721 -18.35 36.04 17.97
C ALA I 721 -17.76 36.89 16.84
N ILE I 722 -16.90 36.29 16.02
CA ILE I 722 -16.17 37.06 15.01
C ILE I 722 -17.07 37.41 13.83
N ILE I 723 -17.71 36.41 13.23
CA ILE I 723 -18.38 36.60 11.95
C ILE I 723 -19.73 37.29 12.13
N SER I 724 -20.54 36.81 13.07
CA SER I 724 -21.92 37.28 13.17
C SER I 724 -22.01 38.67 13.78
N LEU I 725 -21.03 39.07 14.57
CA LEU I 725 -21.01 40.41 15.16
C LEU I 725 -20.22 41.41 14.33
N GLY I 726 -19.69 41.00 13.18
CA GLY I 726 -19.01 41.89 12.25
C GLY I 726 -19.51 41.66 10.83
N VAL I 727 -20.84 41.57 10.69
CA VAL I 727 -21.43 41.38 9.37
C VAL I 727 -21.37 42.68 8.57
N THR I 728 -21.44 42.52 7.24
CA THR I 728 -21.35 43.59 6.24
C THR I 728 -20.12 44.49 6.41
N LYS I 735 -24.37 53.45 20.94
CA LYS I 735 -24.35 53.20 22.37
C LYS I 735 -24.25 51.70 22.67
N LYS I 736 -24.33 50.90 21.61
CA LYS I 736 -24.24 49.44 21.75
C LYS I 736 -22.82 48.94 21.91
N ASN I 737 -21.81 49.79 21.67
CA ASN I 737 -20.43 49.38 21.90
C ASN I 737 -20.13 49.21 23.37
N GLU I 738 -20.74 50.02 24.24
CA GLU I 738 -20.65 49.80 25.67
C GLU I 738 -21.30 48.48 26.10
N PRO I 739 -22.47 48.10 25.61
CA PRO I 739 -23.03 46.79 25.95
C PRO I 739 -22.32 45.62 25.29
N ASN I 740 -21.47 45.87 24.28
CA ASN I 740 -20.71 44.80 23.67
C ASN I 740 -19.71 44.20 24.65
N ALA I 741 -19.11 45.04 25.50
CA ALA I 741 -18.18 44.54 26.51
C ALA I 741 -18.86 43.69 27.58
N GLY I 742 -20.18 43.80 27.73
CA GLY I 742 -20.92 42.92 28.59
C GLY I 742 -21.40 41.67 27.89
N GLU I 743 -21.86 41.79 26.64
CA GLU I 743 -22.45 40.63 25.99
C GLU I 743 -21.40 39.70 25.39
N LEU I 744 -20.20 40.20 25.06
CA LEU I 744 -19.09 39.28 24.78
C LEU I 744 -18.68 38.50 26.02
N SER I 745 -18.69 39.15 27.19
CA SER I 745 -18.41 38.43 28.43
C SER I 745 -19.50 37.41 28.74
N ALA I 746 -20.75 37.74 28.43
CA ALA I 746 -21.85 36.79 28.59
C ALA I 746 -21.71 35.60 27.65
N ILE I 747 -21.32 35.84 26.39
CA ILE I 747 -21.20 34.72 25.46
C ILE I 747 -19.94 33.90 25.76
N LEU I 748 -18.92 34.50 26.37
CA LEU I 748 -17.76 33.72 26.81
C LEU I 748 -18.10 32.91 28.06
N LYS I 749 -18.96 33.44 28.93
CA LYS I 749 -19.45 32.65 30.06
C LYS I 749 -20.33 31.50 29.60
N PHE I 750 -21.11 31.71 28.53
CA PHE I 750 -21.86 30.61 27.92
C PHE I 750 -20.93 29.57 27.32
N GLY I 751 -19.87 30.02 26.63
CA GLY I 751 -18.92 29.09 26.05
C GLY I 751 -18.03 28.39 27.06
N ALA I 752 -17.92 28.93 28.27
CA ALA I 752 -17.13 28.33 29.33
C ALA I 752 -17.93 27.36 30.19
N GLY I 753 -19.22 27.20 29.93
CA GLY I 753 -20.07 26.34 30.75
C GLY I 753 -20.53 25.12 29.97
N ASN I 754 -20.63 23.99 30.65
CA ASN I 754 -21.10 22.77 30.03
C ASN I 754 -22.60 22.82 29.81
N MET I 755 -23.03 22.32 28.65
CA MET I 755 -24.45 22.34 28.28
C MET I 755 -25.21 21.12 28.80
N PHE I 756 -24.52 20.07 29.21
CA PHE I 756 -25.18 18.87 29.74
C PHE I 756 -25.16 18.90 31.27
N THR I 757 -25.98 19.79 31.81
CA THR I 757 -26.18 20.03 33.26
C THR I 757 -24.89 20.29 34.02
N ASP I 772 -45.67 15.51 24.62
CA ASP I 772 -45.47 16.75 23.88
C ASP I 772 -44.00 17.01 23.61
N VAL I 773 -43.19 15.95 23.74
CA VAL I 773 -41.76 16.06 23.48
C VAL I 773 -41.50 16.23 21.98
N LEU I 774 -42.22 15.49 21.14
CA LEU I 774 -41.95 15.43 19.70
C LEU I 774 -42.92 16.27 18.89
N ASN I 775 -43.31 17.44 19.40
CA ASN I 775 -44.26 18.29 18.69
C ASN I 775 -43.58 18.99 17.52
N HIS I 776 -44.28 19.02 16.39
CA HIS I 776 -43.80 19.71 15.18
C HIS I 776 -44.39 21.11 15.09
N ALA I 777 -44.16 21.90 16.14
CA ALA I 777 -44.71 23.25 16.20
C ALA I 777 -43.84 24.10 17.10
N GLU I 778 -43.94 25.42 16.91
CA GLU I 778 -43.26 26.39 17.75
C GLU I 778 -44.01 27.71 17.66
N ASP I 779 -44.28 28.30 18.81
CA ASP I 779 -44.99 29.57 18.87
C ASP I 779 -44.09 30.73 18.44
N LEU I 791 -33.00 40.97 21.41
CA LEU I 791 -33.86 39.84 21.07
C LEU I 791 -33.08 38.74 20.36
N GLY I 792 -32.12 39.15 19.53
CA GLY I 792 -31.28 38.18 18.84
C GLY I 792 -30.26 37.52 19.75
N GLY I 793 -29.83 38.22 20.80
CA GLY I 793 -28.89 37.63 21.74
C GLY I 793 -29.50 36.51 22.57
N GLU I 794 -30.73 36.68 23.02
CA GLU I 794 -31.42 35.62 23.76
C GLU I 794 -31.91 34.52 22.83
N GLU I 795 -32.10 34.82 21.54
CA GLU I 795 -32.48 33.81 20.57
C GLU I 795 -31.36 32.82 20.31
N PHE I 796 -30.10 33.22 20.50
CA PHE I 796 -29.00 32.29 20.35
C PHE I 796 -28.88 31.35 21.54
N LEU I 797 -29.49 31.69 22.68
CA LEU I 797 -29.57 30.77 23.81
C LEU I 797 -30.51 29.61 23.55
N LYS I 798 -31.43 29.75 22.59
CA LYS I 798 -32.28 28.67 22.14
C LYS I 798 -31.44 27.65 21.36
N GLN I 799 -31.99 26.44 21.19
CA GLN I 799 -31.46 25.27 20.46
C GLN I 799 -30.07 24.84 20.97
N PHE I 800 -29.69 25.22 22.18
CA PHE I 800 -28.62 24.58 22.91
C PHE I 800 -29.12 23.87 24.15
N GLU I 801 -30.42 23.93 24.42
CA GLU I 801 -31.01 23.16 25.51
C GLU I 801 -31.06 21.68 25.15
N VAL I 802 -31.10 20.85 26.18
CA VAL I 802 -31.12 19.40 26.03
C VAL I 802 -32.45 18.88 26.55
N THR I 803 -33.20 18.19 25.71
CA THR I 803 -34.50 17.62 26.06
C THR I 803 -34.33 16.12 26.21
N ASP I 804 -34.37 15.64 27.46
CA ASP I 804 -34.22 14.22 27.72
C ASP I 804 -35.48 13.46 27.33
N TYR I 805 -35.31 12.31 26.68
CA TYR I 805 -36.41 11.46 26.27
C TYR I 805 -36.31 10.13 26.99
N LYS I 806 -37.39 9.71 27.62
CA LYS I 806 -37.49 8.42 28.30
C LYS I 806 -38.47 7.54 27.53
N ALA I 807 -38.01 6.36 27.12
CA ALA I 807 -38.86 5.44 26.37
C ALA I 807 -39.53 4.42 27.29
N ASP I 808 -38.73 3.63 28.01
CA ASP I 808 -39.18 2.58 28.93
C ASP I 808 -40.10 1.57 28.23
N ILE I 809 -39.74 1.19 27.01
CA ILE I 809 -40.50 0.24 26.21
C ILE I 809 -39.77 -1.09 26.23
N ASP I 810 -40.46 -2.14 26.69
CA ASP I 810 -39.86 -3.45 26.78
C ASP I 810 -40.06 -4.23 25.48
N TRP I 811 -39.83 -5.54 25.53
CA TRP I 811 -39.72 -6.35 24.32
C TRP I 811 -41.09 -6.64 23.70
N ASP I 812 -42.18 -6.51 24.46
CA ASP I 812 -43.49 -6.95 24.01
C ASP I 812 -44.48 -5.83 23.72
N ASP I 813 -44.01 -4.65 23.31
CA ASP I 813 -44.96 -3.58 22.98
C ASP I 813 -45.01 -3.25 21.50
N ILE I 814 -43.86 -3.12 20.83
CA ILE I 814 -43.83 -2.68 19.43
C ILE I 814 -44.31 -3.79 18.52
N ILE I 815 -44.51 -3.46 17.24
CA ILE I 815 -45.23 -4.25 16.23
C ILE I 815 -46.61 -4.58 16.82
N PRO I 816 -47.55 -3.61 16.83
CA PRO I 816 -48.86 -3.88 17.43
C PRO I 816 -49.73 -4.81 16.59
N GLU I 817 -51.00 -4.98 17.02
CA GLU I 817 -51.89 -5.94 16.39
C GLU I 817 -52.23 -5.58 14.94
N GLU I 818 -52.15 -4.30 14.59
CA GLU I 818 -52.30 -3.93 13.19
C GLU I 818 -51.07 -4.33 12.38
N GLU I 819 -49.88 -4.09 12.93
CA GLU I 819 -48.64 -4.42 12.23
C GLU I 819 -48.32 -5.92 12.27
N LEU I 820 -48.65 -6.59 13.38
CA LEU I 820 -48.34 -8.01 13.51
C LEU I 820 -49.24 -8.86 12.62
N LYS I 821 -50.50 -8.45 12.43
CA LYS I 821 -51.38 -9.17 11.50
C LYS I 821 -50.96 -8.96 10.06
N LYS I 822 -50.45 -7.76 9.73
CA LYS I 822 -49.97 -7.50 8.37
C LYS I 822 -48.66 -8.22 8.10
N LEU I 823 -47.78 -8.34 9.11
CA LEU I 823 -46.51 -9.01 8.91
C LEU I 823 -46.67 -10.53 8.84
N GLN I 824 -47.61 -11.09 9.62
CA GLN I 824 -47.81 -12.53 9.61
C GLN I 824 -48.54 -12.97 8.35
N ASP I 825 -49.45 -12.15 7.85
CA ASP I 825 -50.16 -12.49 6.61
C ASP I 825 -49.25 -12.39 5.40
N GLU I 826 -48.32 -11.42 5.41
CA GLU I 826 -47.35 -11.31 4.33
C GLU I 826 -46.35 -12.47 4.35
N GLU I 827 -45.98 -12.95 5.53
CA GLU I 827 -45.09 -14.10 5.62
C GLU I 827 -45.81 -15.39 5.24
N GLN I 828 -47.10 -15.49 5.56
CA GLN I 828 -47.86 -16.69 5.21
C GLN I 828 -48.16 -16.72 3.71
N LYS I 829 -48.45 -15.56 3.11
CA LYS I 829 -48.70 -15.52 1.68
C LYS I 829 -47.43 -15.69 0.85
N ARG I 830 -46.26 -15.38 1.42
CA ARG I 830 -45.01 -15.60 0.71
C ARG I 830 -44.69 -17.07 0.57
N LYS I 831 -45.06 -17.89 1.56
CA LYS I 831 -44.84 -19.33 1.45
C LYS I 831 -45.81 -19.98 0.46
N ASP I 832 -46.98 -19.37 0.26
CA ASP I 832 -47.93 -19.92 -0.71
C ASP I 832 -47.48 -19.65 -2.14
N GLU I 833 -46.90 -18.49 -2.39
CA GLU I 833 -46.42 -18.13 -3.72
C GLU I 833 -44.95 -18.47 -3.93
N GLU I 834 -44.30 -19.07 -2.93
CA GLU I 834 -42.88 -19.46 -2.91
C GLU I 834 -41.98 -18.27 -3.20
N TYR I 835 -41.41 -18.24 -4.41
CA TYR I 835 -40.51 -17.18 -4.91
C TYR I 835 -39.31 -16.93 -4.01
N PRO J 1 21.00 -69.77 -18.65
CA PRO J 1 21.57 -68.57 -18.02
C PRO J 1 20.49 -67.71 -17.37
N HIS J 2 20.78 -67.22 -16.15
CA HIS J 2 19.80 -66.44 -15.42
C HIS J 2 20.07 -64.95 -15.59
N ARG J 3 18.99 -64.17 -15.64
CA ARG J 3 19.06 -62.74 -15.95
C ARG J 3 17.99 -62.00 -15.16
N TYR J 4 18.36 -60.82 -14.66
CA TYR J 4 17.43 -59.87 -14.09
C TYR J 4 17.06 -58.81 -15.13
N ARG J 5 15.84 -58.30 -15.01
CA ARG J 5 15.41 -57.20 -15.87
C ARG J 5 16.17 -55.93 -15.49
N PRO J 6 16.46 -55.06 -16.47
CA PRO J 6 17.20 -53.82 -16.16
C PRO J 6 16.39 -52.85 -15.33
N GLY J 7 16.77 -52.69 -14.07
CA GLY J 7 16.10 -51.74 -13.20
C GLY J 7 15.81 -52.27 -11.81
N THR J 8 15.54 -53.57 -11.68
CA THR J 8 15.27 -54.13 -10.35
C THR J 8 16.54 -54.22 -9.51
N VAL J 9 17.69 -54.40 -10.16
CA VAL J 9 18.97 -54.35 -9.45
C VAL J 9 19.23 -52.94 -8.96
N ALA J 10 18.86 -51.93 -9.77
CA ALA J 10 19.03 -50.55 -9.37
C ALA J 10 18.15 -50.19 -8.17
N LEU J 11 16.92 -50.69 -8.15
CA LEU J 11 16.06 -50.52 -6.97
C LEU J 11 16.64 -51.25 -5.76
N ARG J 12 17.29 -52.40 -5.99
CA ARG J 12 17.92 -53.11 -4.88
C ARG J 12 19.09 -52.32 -4.29
N GLU J 13 19.90 -51.67 -5.14
CA GLU J 13 20.97 -50.84 -4.61
C GLU J 13 20.46 -49.54 -4.00
N ILE J 14 19.34 -49.00 -4.51
CA ILE J 14 18.75 -47.83 -3.87
C ILE J 14 18.26 -48.17 -2.47
N ARG J 15 17.62 -49.34 -2.32
CA ARG J 15 17.20 -49.79 -1.00
C ARG J 15 18.40 -50.14 -0.12
N ARG J 16 19.48 -50.64 -0.71
CA ARG J 16 20.66 -51.00 0.06
C ARG J 16 21.40 -49.77 0.60
N TYR J 17 21.66 -48.80 -0.25
CA TYR J 17 22.51 -47.67 0.13
C TYR J 17 21.75 -46.57 0.86
N GLN J 18 20.42 -46.54 0.77
CA GLN J 18 19.65 -45.65 1.62
C GLN J 18 19.46 -46.19 3.02
N LYS J 19 19.70 -47.49 3.23
CA LYS J 19 19.71 -48.08 4.55
C LYS J 19 21.09 -48.03 5.18
N SER J 20 22.14 -48.05 4.38
CA SER J 20 23.51 -48.05 4.89
C SER J 20 23.90 -46.66 5.37
N THR J 21 25.07 -46.59 5.97
CA THR J 21 25.54 -45.41 6.67
C THR J 21 26.95 -44.99 6.24
N GLU J 22 27.80 -45.95 5.87
CA GLU J 22 29.22 -45.74 5.65
C GLU J 22 29.48 -44.88 4.42
N LEU J 23 30.73 -44.43 4.29
CA LEU J 23 31.13 -43.61 3.16
C LEU J 23 31.22 -44.44 1.90
N LEU J 24 30.78 -43.85 0.78
CA LEU J 24 30.70 -44.55 -0.49
C LEU J 24 31.89 -44.29 -1.39
N ILE J 25 32.84 -43.45 -0.98
CA ILE J 25 34.08 -43.21 -1.70
C ILE J 25 35.22 -43.80 -0.90
N ARG J 26 36.20 -44.38 -1.59
CA ARG J 26 37.35 -44.97 -0.93
C ARG J 26 38.23 -43.89 -0.30
N LYS J 27 38.99 -44.29 0.72
CA LYS J 27 39.65 -43.31 1.59
C LYS J 27 40.89 -42.71 0.94
N LEU J 28 41.81 -43.55 0.46
CA LEU J 28 43.02 -43.04 -0.17
C LEU J 28 42.81 -42.21 -1.45
N PRO J 29 41.92 -42.57 -2.41
CA PRO J 29 41.70 -41.64 -3.54
C PRO J 29 41.14 -40.28 -3.12
N PHE J 30 40.26 -40.25 -2.13
CA PHE J 30 39.75 -38.96 -1.65
C PHE J 30 40.83 -38.17 -0.94
N GLN J 31 41.68 -38.85 -0.17
CA GLN J 31 42.78 -38.18 0.51
C GLN J 31 43.79 -37.61 -0.48
N ARG J 32 44.09 -38.37 -1.54
CA ARG J 32 44.99 -37.87 -2.58
C ARG J 32 44.38 -36.69 -3.33
N LEU J 33 43.06 -36.74 -3.58
CA LEU J 33 42.40 -35.61 -4.23
C LEU J 33 42.41 -34.36 -3.35
N VAL J 34 42.19 -34.54 -2.04
CA VAL J 34 42.23 -33.42 -1.10
C VAL J 34 43.63 -32.81 -1.06
N ARG J 35 44.67 -33.65 -1.06
CA ARG J 35 46.03 -33.14 -1.02
C ARG J 35 46.41 -32.42 -2.32
N GLU J 36 45.95 -32.94 -3.46
CA GLU J 36 46.22 -32.26 -4.74
C GLU J 36 45.50 -30.92 -4.82
N ILE J 37 44.26 -30.84 -4.32
CA ILE J 37 43.55 -29.56 -4.32
C ILE J 37 44.20 -28.59 -3.34
N ALA J 38 44.67 -29.10 -2.19
CA ALA J 38 45.25 -28.24 -1.16
C ALA J 38 46.63 -27.72 -1.53
N GLN J 39 47.40 -28.45 -2.34
CA GLN J 39 48.73 -27.93 -2.67
C GLN J 39 48.70 -26.78 -3.66
N ASP J 40 47.55 -26.51 -4.30
CA ASP J 40 47.42 -25.35 -5.16
C ASP J 40 47.35 -24.06 -4.36
N PHE J 41 46.86 -24.13 -3.12
CA PHE J 41 46.72 -22.95 -2.28
C PHE J 41 47.98 -22.69 -1.45
N LYS J 42 48.40 -23.67 -0.66
CA LYS J 42 49.60 -23.57 0.15
C LYS J 42 50.42 -24.83 -0.03
N THR J 43 51.73 -24.66 -0.26
CA THR J 43 52.60 -25.81 -0.33
C THR J 43 52.97 -26.29 1.07
N ASP J 44 53.35 -27.57 1.15
CA ASP J 44 53.83 -28.24 2.36
C ASP J 44 52.77 -28.22 3.47
N LEU J 45 51.60 -28.74 3.14
CA LEU J 45 50.47 -28.78 4.06
C LEU J 45 50.34 -30.17 4.63
N ARG J 46 50.19 -30.26 5.95
CA ARG J 46 49.87 -31.51 6.61
C ARG J 46 48.38 -31.54 6.91
N PHE J 47 47.87 -32.75 7.17
CA PHE J 47 46.45 -32.95 7.36
C PHE J 47 46.22 -33.89 8.53
N GLN J 48 45.31 -33.52 9.42
CA GLN J 48 44.75 -34.49 10.35
C GLN J 48 43.87 -35.47 9.60
N SER J 49 43.76 -36.69 10.14
CA SER J 49 42.88 -37.69 9.53
C SER J 49 41.42 -37.31 9.69
N SER J 50 41.08 -36.67 10.81
CA SER J 50 39.71 -36.23 11.04
C SER J 50 39.32 -35.10 10.10
N ALA J 51 40.30 -34.30 9.64
CA ALA J 51 40.02 -33.26 8.64
C ALA J 51 39.61 -33.88 7.31
N VAL J 52 40.32 -34.92 6.87
CA VAL J 52 39.98 -35.60 5.63
C VAL J 52 38.66 -36.33 5.78
N MET J 53 38.39 -36.88 6.96
CA MET J 53 37.11 -37.56 7.19
C MET J 53 35.94 -36.59 7.18
N ALA J 54 36.12 -35.40 7.78
CA ALA J 54 35.07 -34.39 7.77
C ALA J 54 34.82 -33.85 6.36
N LEU J 55 35.90 -33.69 5.59
CA LEU J 55 35.77 -33.30 4.18
C LEU J 55 35.02 -34.36 3.40
N GLN J 56 35.27 -35.64 3.69
CA GLN J 56 34.59 -36.72 2.98
C GLN J 56 33.10 -36.77 3.31
N GLU J 57 32.75 -36.60 4.58
CA GLU J 57 31.35 -36.57 4.98
C GLU J 57 30.60 -35.39 4.36
N ALA J 58 31.24 -34.21 4.36
CA ALA J 58 30.62 -33.04 3.76
C ALA J 58 30.46 -33.19 2.25
N SER J 59 31.48 -33.74 1.59
CA SER J 59 31.44 -33.93 0.14
C SER J 59 30.37 -34.93 -0.26
N GLU J 60 30.26 -36.04 0.46
CA GLU J 60 29.25 -37.03 0.11
C GLU J 60 27.84 -36.55 0.42
N ALA J 61 27.67 -35.77 1.49
CA ALA J 61 26.35 -35.18 1.77
C ALA J 61 25.94 -34.20 0.68
N TYR J 62 26.90 -33.37 0.23
CA TYR J 62 26.67 -32.45 -0.88
C TYR J 62 26.28 -33.19 -2.15
N LEU J 63 27.00 -34.27 -2.47
CA LEU J 63 26.73 -34.99 -3.70
C LEU J 63 25.43 -35.78 -3.64
N VAL J 64 25.07 -36.30 -2.47
CA VAL J 64 23.81 -37.05 -2.34
C VAL J 64 22.61 -36.10 -2.45
N ALA J 65 22.70 -34.91 -1.83
CA ALA J 65 21.63 -33.93 -1.97
C ALA J 65 21.52 -33.40 -3.40
N LEU J 66 22.68 -33.22 -4.06
CA LEU J 66 22.69 -32.82 -5.46
C LEU J 66 22.06 -33.89 -6.35
N PHE J 67 22.31 -35.17 -6.04
CA PHE J 67 21.71 -36.23 -6.84
C PHE J 67 20.22 -36.36 -6.59
N GLU J 68 19.76 -36.04 -5.38
CA GLU J 68 18.31 -36.00 -5.12
C GLU J 68 17.63 -34.92 -5.94
N ASP J 69 18.21 -33.71 -5.97
CA ASP J 69 17.63 -32.65 -6.79
C ASP J 69 17.77 -32.93 -8.28
N THR J 70 18.85 -33.61 -8.68
CA THR J 70 19.03 -34.04 -10.06
C THR J 70 17.96 -35.05 -10.48
N ASN J 71 17.63 -35.98 -9.58
CA ASN J 71 16.57 -36.95 -9.84
C ASN J 71 15.23 -36.28 -9.95
N LEU J 72 14.98 -35.25 -9.12
CA LEU J 72 13.75 -34.48 -9.24
C LEU J 72 13.66 -33.74 -10.57
N CYS J 73 14.80 -33.18 -11.03
CA CYS J 73 14.85 -32.54 -12.34
C CYS J 73 14.58 -33.52 -13.47
N ALA J 74 15.14 -34.73 -13.37
CA ALA J 74 14.95 -35.73 -14.41
C ALA J 74 13.51 -36.24 -14.44
N ILE J 75 12.89 -36.39 -13.27
CA ILE J 75 11.50 -36.83 -13.19
C ILE J 75 10.56 -35.75 -13.72
N HIS J 76 10.90 -34.48 -13.46
CA HIS J 76 10.10 -33.37 -13.97
C HIS J 76 10.15 -33.28 -15.50
N ALA J 77 11.24 -33.71 -16.12
CA ALA J 77 11.36 -33.72 -17.56
C ALA J 77 10.89 -35.03 -18.20
N LYS J 78 10.05 -35.79 -17.48
CA LYS J 78 9.45 -37.05 -17.93
C LYS J 78 10.51 -38.10 -18.31
N ARG J 79 11.55 -38.17 -17.49
CA ARG J 79 12.65 -39.09 -17.72
C ARG J 79 12.95 -39.86 -16.45
N VAL J 80 13.58 -41.03 -16.60
CA VAL J 80 14.11 -41.77 -15.47
C VAL J 80 15.63 -41.80 -15.45
N THR J 81 16.29 -41.29 -16.48
CA THR J 81 17.74 -41.22 -16.56
C THR J 81 18.19 -39.80 -16.29
N ILE J 82 19.14 -39.64 -15.38
CA ILE J 82 19.65 -38.31 -15.07
C ILE J 82 20.68 -37.90 -16.11
N MET J 83 20.68 -36.62 -16.46
CA MET J 83 21.52 -36.04 -17.49
C MET J 83 22.38 -34.95 -16.86
N PRO J 84 23.49 -34.56 -17.50
CA PRO J 84 24.26 -33.41 -17.00
C PRO J 84 23.48 -32.11 -16.97
N LYS J 85 22.50 -31.94 -17.86
CA LYS J 85 21.66 -30.74 -17.82
C LYS J 85 20.73 -30.74 -16.61
N ASP J 86 20.40 -31.91 -16.04
CA ASP J 86 19.66 -31.93 -14.80
C ASP J 86 20.51 -31.42 -13.63
N ILE J 87 21.80 -31.80 -13.60
CA ILE J 87 22.72 -31.26 -12.60
C ILE J 87 22.87 -29.77 -12.77
N GLN J 88 22.99 -29.31 -14.02
CA GLN J 88 23.12 -27.88 -14.30
C GLN J 88 21.88 -27.11 -13.87
N LEU J 89 20.70 -27.66 -14.13
CA LEU J 89 19.46 -27.00 -13.70
C LEU J 89 19.32 -26.97 -12.19
N ALA J 90 19.69 -28.07 -11.51
CA ALA J 90 19.60 -28.11 -10.06
C ALA J 90 20.56 -27.13 -9.41
N ARG J 91 21.78 -27.02 -9.93
CA ARG J 91 22.73 -26.06 -9.39
C ARG J 91 22.35 -24.63 -9.75
N ARG J 92 21.69 -24.43 -10.89
CA ARG J 92 21.25 -23.10 -11.27
C ARG J 92 20.10 -22.61 -10.39
N ILE J 93 19.13 -23.48 -10.12
CA ILE J 93 18.01 -23.11 -9.25
C ILE J 93 18.48 -22.96 -7.81
N ARG J 94 19.40 -23.81 -7.38
CA ARG J 94 19.93 -23.73 -6.03
C ARG J 94 20.81 -22.51 -5.80
N GLY J 95 21.24 -21.83 -6.87
CA GLY J 95 22.03 -20.62 -6.76
C GLY J 95 23.53 -20.83 -6.77
N GLU J 96 23.99 -22.07 -6.91
CA GLU J 96 25.42 -22.34 -6.92
C GLU J 96 26.07 -21.97 -8.24
N ARG J 97 25.38 -22.18 -9.36
CA ARG J 97 25.93 -21.84 -10.67
C ARG J 97 25.69 -20.37 -11.01
N ALA J 98 24.43 -19.95 -11.06
CA ALA J 98 24.08 -18.57 -11.35
C ALA J 98 22.73 -18.22 -10.74
N PRO K 1 -8.65 -5.58 -38.63
CA PRO K 1 -7.63 -6.54 -39.05
C PRO K 1 -6.30 -6.32 -38.36
N HIS K 2 -5.22 -6.86 -38.95
CA HIS K 2 -3.85 -6.78 -38.48
C HIS K 2 -3.71 -7.31 -37.06
N ARG K 3 -3.99 -8.61 -36.87
CA ARG K 3 -3.83 -9.22 -35.57
C ARG K 3 -2.39 -9.71 -35.39
N TYR K 4 -1.84 -9.44 -34.22
CA TYR K 4 -0.46 -9.81 -33.91
C TYR K 4 -0.35 -11.30 -33.66
N ARG K 5 0.85 -11.83 -33.88
CA ARG K 5 1.09 -13.24 -33.61
C ARG K 5 1.08 -13.49 -32.11
N PRO K 6 0.62 -14.66 -31.66
CA PRO K 6 0.67 -14.96 -30.21
C PRO K 6 2.09 -15.21 -29.73
N GLY K 7 2.66 -14.25 -29.01
CA GLY K 7 4.01 -14.39 -28.51
C GLY K 7 4.86 -13.14 -28.65
N THR K 8 4.62 -12.35 -29.71
CA THR K 8 5.40 -11.13 -29.89
C THR K 8 4.97 -10.02 -28.95
N VAL K 9 3.68 -9.97 -28.58
CA VAL K 9 3.23 -9.01 -27.59
C VAL K 9 3.79 -9.37 -26.22
N ALA K 10 3.88 -10.68 -25.93
CA ALA K 10 4.51 -11.14 -24.70
C ALA K 10 5.99 -10.80 -24.67
N LEU K 11 6.68 -10.89 -25.81
CA LEU K 11 8.09 -10.51 -25.87
C LEU K 11 8.27 -9.01 -25.69
N ARG K 12 7.36 -8.21 -26.25
CA ARG K 12 7.39 -6.77 -26.04
C ARG K 12 7.15 -6.42 -24.57
N GLU K 13 6.23 -7.14 -23.91
CA GLU K 13 6.01 -6.91 -22.49
C GLU K 13 7.20 -7.35 -21.64
N ILE K 14 7.88 -8.44 -22.02
CA ILE K 14 9.08 -8.86 -21.33
C ILE K 14 10.16 -7.80 -21.45
N ARG K 15 10.38 -7.30 -22.67
CA ARG K 15 11.40 -6.30 -22.90
C ARG K 15 11.03 -4.95 -22.30
N ARG K 16 9.74 -4.69 -22.08
CA ARG K 16 9.33 -3.46 -21.43
C ARG K 16 9.49 -3.53 -19.92
N TYR K 17 9.01 -4.61 -19.30
CA TYR K 17 9.04 -4.72 -17.85
C TYR K 17 10.40 -5.13 -17.31
N GLN K 18 11.30 -5.65 -18.14
CA GLN K 18 12.66 -5.88 -17.68
C GLN K 18 13.51 -4.63 -17.74
N LYS K 19 13.07 -3.60 -18.45
CA LYS K 19 13.74 -2.30 -18.46
C LYS K 19 13.28 -1.42 -17.30
N SER K 20 11.99 -1.44 -17.00
CA SER K 20 11.41 -0.57 -15.99
C SER K 20 11.71 -1.10 -14.59
N THR K 21 11.59 -0.21 -13.60
CA THR K 21 11.89 -0.55 -12.20
C THR K 21 10.75 -0.28 -11.23
N GLU K 22 9.59 0.16 -11.68
CA GLU K 22 8.52 0.42 -10.74
C GLU K 22 7.88 -0.88 -10.26
N LEU K 23 7.10 -0.75 -9.19
CA LEU K 23 6.39 -1.89 -8.63
C LEU K 23 5.24 -2.29 -9.54
N LEU K 24 5.06 -3.60 -9.71
CA LEU K 24 4.04 -4.14 -10.60
C LEU K 24 2.76 -4.51 -9.88
N ILE K 25 2.66 -4.23 -8.59
CA ILE K 25 1.47 -4.49 -7.79
C ILE K 25 0.95 -3.15 -7.29
N ARG K 26 -0.36 -2.94 -7.40
CA ARG K 26 -1.00 -1.74 -6.87
C ARG K 26 -0.84 -1.68 -5.35
N LYS K 27 -0.68 -0.46 -4.84
CA LYS K 27 -0.27 -0.27 -3.45
C LYS K 27 -1.39 -0.61 -2.47
N LEU K 28 -2.60 -0.13 -2.75
CA LEU K 28 -3.72 -0.34 -1.82
C LEU K 28 -4.14 -1.82 -1.63
N PRO K 29 -4.27 -2.68 -2.66
CA PRO K 29 -4.51 -4.10 -2.36
C PRO K 29 -3.40 -4.76 -1.60
N PHE K 30 -2.14 -4.34 -1.82
CA PHE K 30 -1.04 -4.91 -1.05
C PHE K 30 -1.09 -4.47 0.41
N GLN K 31 -1.46 -3.22 0.68
CA GLN K 31 -1.62 -2.76 2.06
C GLN K 31 -2.74 -3.52 2.75
N ARG K 32 -3.85 -3.76 2.04
CA ARG K 32 -4.96 -4.51 2.61
C ARG K 32 -4.55 -5.95 2.90
N LEU K 33 -3.76 -6.56 2.01
CA LEU K 33 -3.30 -7.93 2.22
C LEU K 33 -2.32 -8.03 3.39
N VAL K 34 -1.42 -7.05 3.51
CA VAL K 34 -0.46 -7.03 4.62
C VAL K 34 -1.19 -6.86 5.95
N ARG K 35 -2.21 -5.99 5.99
CA ARG K 35 -2.97 -5.83 7.22
C ARG K 35 -3.79 -7.07 7.56
N GLU K 36 -4.35 -7.73 6.55
CA GLU K 36 -5.10 -8.96 6.78
C GLU K 36 -4.21 -10.08 7.31
N ILE K 37 -3.00 -10.19 6.77
CA ILE K 37 -2.06 -11.20 7.26
C ILE K 37 -1.57 -10.85 8.65
N ALA K 38 -1.32 -9.56 8.90
CA ALA K 38 -0.72 -9.15 10.17
C ALA K 38 -1.71 -9.19 11.32
N GLN K 39 -3.01 -9.07 11.06
CA GLN K 39 -3.95 -9.09 12.18
C GLN K 39 -4.15 -10.49 12.77
N ASP K 40 -3.67 -11.54 12.10
CA ASP K 40 -3.69 -12.87 12.69
C ASP K 40 -2.64 -13.01 13.79
N PHE K 41 -1.46 -12.42 13.59
CA PHE K 41 -0.39 -12.53 14.58
C PHE K 41 -0.64 -11.63 15.78
N LYS K 42 -1.13 -10.41 15.57
CA LYS K 42 -1.34 -9.47 16.65
C LYS K 42 -2.42 -8.48 16.24
N THR K 43 -3.40 -8.27 17.12
CA THR K 43 -4.45 -7.29 16.88
C THR K 43 -3.95 -5.89 17.22
N ASP K 44 -4.63 -4.90 16.62
CA ASP K 44 -4.34 -3.47 16.77
C ASP K 44 -2.91 -3.13 16.37
N LEU K 45 -2.56 -3.49 15.13
CA LEU K 45 -1.24 -3.20 14.59
C LEU K 45 -1.31 -1.98 13.69
N ARG K 46 -0.42 -1.03 13.94
CA ARG K 46 -0.23 0.11 13.05
C ARG K 46 0.98 -0.15 12.16
N PHE K 47 0.98 0.48 11.00
CA PHE K 47 2.04 0.27 10.01
C PHE K 47 2.58 1.60 9.54
N GLN K 48 3.90 1.74 9.58
CA GLN K 48 4.53 2.81 8.84
C GLN K 48 4.40 2.54 7.34
N SER K 49 4.37 3.61 6.55
CA SER K 49 4.24 3.46 5.11
C SER K 49 5.48 2.83 4.49
N SER K 50 6.65 3.16 5.01
CA SER K 50 7.89 2.59 4.49
C SER K 50 8.02 1.10 4.80
N ALA K 51 7.38 0.63 5.87
CA ALA K 51 7.35 -0.79 6.16
C ALA K 51 6.59 -1.56 5.09
N VAL K 52 5.44 -1.04 4.67
CA VAL K 52 4.69 -1.67 3.60
C VAL K 52 5.41 -1.52 2.26
N MET K 53 6.13 -0.41 2.07
CA MET K 53 6.94 -0.24 0.86
C MET K 53 8.06 -1.28 0.78
N ALA K 54 8.74 -1.53 1.91
CA ALA K 54 9.81 -2.52 1.96
C ALA K 54 9.26 -3.93 1.78
N LEU K 55 8.10 -4.22 2.38
CA LEU K 55 7.45 -5.51 2.20
C LEU K 55 7.06 -5.73 0.73
N GLN K 56 6.57 -4.69 0.07
CA GLN K 56 6.23 -4.79 -1.34
C GLN K 56 7.45 -5.02 -2.21
N GLU K 57 8.54 -4.30 -1.95
CA GLU K 57 9.76 -4.46 -2.73
C GLU K 57 10.35 -5.86 -2.57
N ALA K 58 10.37 -6.37 -1.33
CA ALA K 58 10.83 -7.73 -1.08
C ALA K 58 9.93 -8.77 -1.72
N SER K 59 8.62 -8.55 -1.70
CA SER K 59 7.68 -9.51 -2.27
C SER K 59 7.81 -9.60 -3.79
N GLU K 60 7.92 -8.46 -4.48
CA GLU K 60 8.09 -8.51 -5.92
C GLU K 60 9.46 -9.04 -6.31
N ALA K 61 10.51 -8.75 -5.53
CA ALA K 61 11.82 -9.33 -5.82
C ALA K 61 11.81 -10.85 -5.68
N TYR K 62 11.16 -11.35 -4.62
CA TYR K 62 11.05 -12.79 -4.40
C TYR K 62 10.24 -13.46 -5.51
N LEU K 63 9.13 -12.83 -5.92
CA LEU K 63 8.30 -13.43 -6.96
C LEU K 63 8.96 -13.41 -8.32
N VAL K 64 9.72 -12.35 -8.62
CA VAL K 64 10.42 -12.29 -9.90
C VAL K 64 11.54 -13.33 -9.97
N ALA K 65 12.29 -13.51 -8.88
CA ALA K 65 13.31 -14.56 -8.84
C ALA K 65 12.70 -15.95 -8.95
N LEU K 66 11.56 -16.16 -8.28
CA LEU K 66 10.87 -17.44 -8.40
C LEU K 66 10.33 -17.67 -9.81
N PHE K 67 9.91 -16.61 -10.49
CA PHE K 67 9.44 -16.77 -11.86
C PHE K 67 10.57 -17.05 -12.83
N GLU K 68 11.78 -16.51 -12.57
CA GLU K 68 12.94 -16.91 -13.38
C GLU K 68 13.27 -18.39 -13.18
N ASP K 69 13.25 -18.86 -11.94
CA ASP K 69 13.50 -20.28 -11.69
C ASP K 69 12.41 -21.17 -12.29
N THR K 70 11.16 -20.71 -12.22
CA THR K 70 10.03 -21.43 -12.81
C THR K 70 10.15 -21.50 -14.33
N ASN K 71 10.60 -20.41 -14.96
CA ASN K 71 10.82 -20.41 -16.41
C ASN K 71 11.94 -21.35 -16.79
N LEU K 72 12.99 -21.43 -15.97
CA LEU K 72 14.06 -22.40 -16.22
C LEU K 72 13.55 -23.83 -16.10
N CYS K 73 12.67 -24.09 -15.13
CA CYS K 73 12.04 -25.40 -15.01
C CYS K 73 11.18 -25.73 -16.24
N ALA K 74 10.44 -24.74 -16.73
CA ALA K 74 9.56 -24.97 -17.88
C ALA K 74 10.36 -25.20 -19.16
N ILE K 75 11.47 -24.47 -19.32
CA ILE K 75 12.33 -24.65 -20.48
C ILE K 75 13.02 -26.02 -20.42
N HIS K 76 13.39 -26.45 -19.21
CA HIS K 76 14.03 -27.76 -19.03
C HIS K 76 13.10 -28.91 -19.40
N ALA K 77 11.79 -28.74 -19.23
CA ALA K 77 10.82 -29.76 -19.58
C ALA K 77 10.29 -29.62 -21.00
N LYS K 78 11.07 -28.98 -21.89
CA LYS K 78 10.75 -28.78 -23.31
C LYS K 78 9.42 -28.04 -23.51
N ARG K 79 9.18 -27.03 -22.68
CA ARG K 79 7.97 -26.23 -22.75
C ARG K 79 8.33 -24.76 -22.73
N VAL K 80 7.39 -23.93 -23.17
CA VAL K 80 7.49 -22.48 -23.02
C VAL K 80 6.39 -21.92 -22.14
N THR K 81 5.49 -22.76 -21.63
CA THR K 81 4.41 -22.35 -20.74
C THR K 81 4.76 -22.80 -19.32
N ILE K 82 4.68 -21.88 -18.37
CA ILE K 82 4.94 -22.23 -16.99
C ILE K 82 3.68 -22.84 -16.39
N MET K 83 3.88 -23.81 -15.51
CA MET K 83 2.84 -24.59 -14.87
C MET K 83 3.10 -24.61 -13.37
N PRO K 84 2.09 -24.94 -12.55
CA PRO K 84 2.33 -25.06 -11.11
C PRO K 84 3.38 -26.07 -10.71
N LYS K 85 3.55 -27.15 -11.48
CA LYS K 85 4.58 -28.14 -11.21
C LYS K 85 5.99 -27.55 -11.33
N ASP K 86 6.17 -26.54 -12.18
CA ASP K 86 7.46 -25.85 -12.27
C ASP K 86 7.71 -25.02 -11.02
N ILE K 87 6.66 -24.42 -10.46
CA ILE K 87 6.80 -23.66 -9.21
C ILE K 87 7.12 -24.60 -8.05
N GLN K 88 6.45 -25.76 -7.98
CA GLN K 88 6.78 -26.71 -6.92
C GLN K 88 8.19 -27.28 -7.09
N LEU K 89 8.64 -27.49 -8.32
CA LEU K 89 10.01 -27.97 -8.54
C LEU K 89 11.03 -26.93 -8.13
N ALA K 90 10.80 -25.66 -8.47
CA ALA K 90 11.72 -24.59 -8.10
C ALA K 90 11.77 -24.40 -6.59
N ARG K 91 10.63 -24.46 -5.92
CA ARG K 91 10.63 -24.28 -4.47
C ARG K 91 11.15 -25.53 -3.75
N ARG K 92 11.06 -26.71 -4.39
CA ARG K 92 11.62 -27.91 -3.81
C ARG K 92 13.14 -27.91 -3.90
N ILE K 93 13.68 -27.49 -5.05
CA ILE K 93 15.13 -27.43 -5.22
C ILE K 93 15.72 -26.31 -4.36
N ARG K 94 15.01 -25.18 -4.25
CA ARG K 94 15.46 -24.08 -3.41
C ARG K 94 15.48 -24.42 -1.92
N GLY K 95 14.71 -25.41 -1.49
CA GLY K 95 14.64 -25.78 -0.09
C GLY K 95 13.44 -25.23 0.64
N GLU K 96 12.53 -24.55 -0.03
CA GLU K 96 11.33 -24.05 0.62
C GLU K 96 10.34 -25.17 0.89
N ARG K 97 10.21 -26.11 -0.05
CA ARG K 97 9.36 -27.28 0.14
C ARG K 97 10.10 -28.44 0.79
N ALA K 98 11.43 -28.48 0.70
CA ALA K 98 12.20 -29.55 1.29
C ALA K 98 12.39 -29.31 2.79
#